data_1REZ
# 
_entry.id   1REZ 
# 
_audit_conform.dict_name       mmcif_pdbx.dic 
_audit_conform.dict_version    5.399 
_audit_conform.dict_location   http://mmcif.pdb.org/dictionaries/ascii/mmcif_pdbx.dic 
# 
loop_
_database_2.database_id 
_database_2.database_code 
_database_2.pdbx_database_accession 
_database_2.pdbx_DOI 
PDB   1REZ         pdb_00001rez 10.2210/pdb1rez/pdb 
WWPDB D_1000176063 ?            ?                   
# 
loop_
_pdbx_audit_revision_history.ordinal 
_pdbx_audit_revision_history.data_content_type 
_pdbx_audit_revision_history.major_revision 
_pdbx_audit_revision_history.minor_revision 
_pdbx_audit_revision_history.revision_date 
1 'Structure model' 1 0 1997-02-12 
2 'Structure model' 1 1 2008-03-24 
3 'Structure model' 1 2 2011-07-13 
4 'Structure model' 1 3 2018-04-18 
5 'Structure model' 2 0 2020-07-29 
6 'Structure model' 2 1 2023-08-09 
7 'Structure model' 3 0 2024-12-25 
# 
loop_
_pdbx_audit_revision_details.ordinal 
_pdbx_audit_revision_details.revision_ordinal 
_pdbx_audit_revision_details.data_content_type 
_pdbx_audit_revision_details.provider 
_pdbx_audit_revision_details.type 
_pdbx_audit_revision_details.description 
_pdbx_audit_revision_details.details 
1 1 'Structure model' repository 'Initial release' ?                          ? 
2 5 'Structure model' repository Remediation       'Carbohydrate remediation' ? 
# 
loop_
_pdbx_audit_revision_group.ordinal 
_pdbx_audit_revision_group.revision_ordinal 
_pdbx_audit_revision_group.data_content_type 
_pdbx_audit_revision_group.group 
1  2 'Structure model' 'Version format compliance' 
2  3 'Structure model' 'Non-polymer description'   
3  3 'Structure model' 'Version format compliance' 
4  4 'Structure model' 'Data collection'           
5  4 'Structure model' Other                       
6  5 'Structure model' 'Atomic model'              
7  5 'Structure model' 'Data collection'           
8  5 'Structure model' 'Derived calculations'      
9  5 'Structure model' 'Structure summary'         
10 6 'Structure model' 'Database references'       
11 6 'Structure model' 'Refinement description'    
12 6 'Structure model' 'Structure summary'         
13 7 'Structure model' Advisory                    
14 7 'Structure model' 'Atomic model'              
15 7 'Structure model' 'Data collection'           
16 7 'Structure model' 'Derived calculations'      
17 7 'Structure model' 'Structure summary'         
# 
loop_
_pdbx_audit_revision_category.ordinal 
_pdbx_audit_revision_category.revision_ordinal 
_pdbx_audit_revision_category.data_content_type 
_pdbx_audit_revision_category.category 
1  4 'Structure model' diffrn_detector               
2  4 'Structure model' pdbx_database_status          
3  5 'Structure model' atom_site                     
4  5 'Structure model' chem_comp                     
5  5 'Structure model' entity                        
6  5 'Structure model' pdbx_branch_scheme            
7  5 'Structure model' pdbx_chem_comp_identifier     
8  5 'Structure model' pdbx_entity_branch            
9  5 'Structure model' pdbx_entity_branch_descriptor 
10 5 'Structure model' pdbx_entity_branch_link       
11 5 'Structure model' pdbx_entity_branch_list       
12 5 'Structure model' pdbx_entity_nonpoly           
13 5 'Structure model' pdbx_nonpoly_scheme           
14 5 'Structure model' pdbx_struct_assembly_gen      
15 5 'Structure model' struct_asym                   
16 5 'Structure model' struct_conn                   
17 5 'Structure model' struct_site                   
18 5 'Structure model' struct_site_gen               
19 6 'Structure model' chem_comp                     
20 6 'Structure model' database_2                    
21 6 'Structure model' pdbx_initial_refinement_model 
22 7 'Structure model' atom_site                     
23 7 'Structure model' chem_comp_atom                
24 7 'Structure model' chem_comp_bond                
25 7 'Structure model' pdbx_distant_solvent_atoms    
26 7 'Structure model' pdbx_entry_details            
27 7 'Structure model' pdbx_modification_feature     
28 7 'Structure model' pdbx_nonpoly_scheme           
29 7 'Structure model' pdbx_unobs_or_zero_occ_atoms  
30 7 'Structure model' pdbx_validate_close_contact   
31 7 'Structure model' struct_conn                   
# 
loop_
_pdbx_audit_revision_item.ordinal 
_pdbx_audit_revision_item.revision_ordinal 
_pdbx_audit_revision_item.data_content_type 
_pdbx_audit_revision_item.item 
1  4 'Structure model' '_diffrn_detector.detector'              
2  4 'Structure model' '_pdbx_database_status.process_site'     
3  5 'Structure model' '_atom_site.B_iso_or_equiv'              
4  5 'Structure model' '_atom_site.Cartn_x'                     
5  5 'Structure model' '_atom_site.Cartn_y'                     
6  5 'Structure model' '_atom_site.Cartn_z'                     
7  5 'Structure model' '_atom_site.auth_asym_id'                
8  5 'Structure model' '_atom_site.auth_atom_id'                
9  5 'Structure model' '_atom_site.auth_comp_id'                
10 5 'Structure model' '_atom_site.auth_seq_id'                 
11 5 'Structure model' '_atom_site.label_asym_id'               
12 5 'Structure model' '_atom_site.label_atom_id'               
13 5 'Structure model' '_atom_site.label_comp_id'               
14 5 'Structure model' '_atom_site.label_entity_id'             
15 5 'Structure model' '_atom_site.type_symbol'                 
16 5 'Structure model' '_chem_comp.name'                        
17 5 'Structure model' '_chem_comp.type'                        
18 5 'Structure model' '_pdbx_struct_assembly_gen.asym_id_list' 
19 5 'Structure model' '_struct_conn.pdbx_dist_value'           
20 5 'Structure model' '_struct_conn.pdbx_leaving_atom_flag'    
21 5 'Structure model' '_struct_conn.ptnr1_auth_asym_id'        
22 5 'Structure model' '_struct_conn.ptnr1_auth_comp_id'        
23 5 'Structure model' '_struct_conn.ptnr1_auth_seq_id'         
24 5 'Structure model' '_struct_conn.ptnr1_label_asym_id'       
25 5 'Structure model' '_struct_conn.ptnr1_label_atom_id'       
26 5 'Structure model' '_struct_conn.ptnr1_label_comp_id'       
27 5 'Structure model' '_struct_conn.ptnr1_label_seq_id'        
28 5 'Structure model' '_struct_conn.ptnr2_auth_asym_id'        
29 5 'Structure model' '_struct_conn.ptnr2_auth_comp_id'        
30 5 'Structure model' '_struct_conn.ptnr2_auth_seq_id'         
31 5 'Structure model' '_struct_conn.ptnr2_label_asym_id'       
32 5 'Structure model' '_struct_conn.ptnr2_label_atom_id'       
33 5 'Structure model' '_struct_conn.ptnr2_label_comp_id'       
34 6 'Structure model' '_chem_comp.pdbx_synonyms'               
35 6 'Structure model' '_database_2.pdbx_DOI'                   
36 6 'Structure model' '_database_2.pdbx_database_accession'    
37 7 'Structure model' '_atom_site.B_iso_or_equiv'              
38 7 'Structure model' '_atom_site.Cartn_x'                     
39 7 'Structure model' '_atom_site.Cartn_y'                     
40 7 'Structure model' '_atom_site.Cartn_z'                     
41 7 'Structure model' '_atom_site.auth_seq_id'                 
42 7 'Structure model' '_pdbx_nonpoly_scheme.auth_seq_num'      
43 7 'Structure model' '_pdbx_nonpoly_scheme.pdb_seq_num'       
# 
_pdbx_database_status.status_code                     REL 
_pdbx_database_status.entry_id                        1REZ 
_pdbx_database_status.recvd_initial_deposition_date   1996-08-21 
_pdbx_database_status.deposit_site                    ? 
_pdbx_database_status.process_site                    BNL 
_pdbx_database_status.SG_entry                        . 
_pdbx_database_status.pdb_format_compatible           Y 
_pdbx_database_status.status_code_mr                  ? 
_pdbx_database_status.status_code_sf                  ? 
_pdbx_database_status.status_code_cs                  ? 
_pdbx_database_status.methods_development_category    ? 
_pdbx_database_status.status_code_nmr_data            ? 
# 
loop_
_audit_author.name 
_audit_author.pdbx_ordinal 
'Muraki, M.' 1 
'Harata, K.' 2 
'Sugita, N.' 3 
'Sato, K.'   4 
# 
loop_
_citation.id 
_citation.title 
_citation.journal_abbrev 
_citation.journal_volume 
_citation.page_first 
_citation.page_last 
_citation.year 
_citation.journal_id_ASTM 
_citation.country 
_citation.journal_id_ISSN 
_citation.journal_id_CSD 
_citation.book_publisher 
_citation.pdbx_database_id_PubMed 
_citation.pdbx_database_id_DOI 
primary 'Origin of carbohydrate recognition specificity of human lysozyme revealed by affinity labeling.'                   
Biochemistry 35 13562 13567 1996 BICHAW US 0006-2960 0033 ? 8885835 10.1021/bi9613180 
1       'Dissection of the Functional Role of Structural Elements of Tyrosine-63 in the Catalytic Action of Human Lysozyme' 
Biochemistry 31 9212  ?     1992 BICHAW US 0006-2960 0033 ? ?       ?                 
# 
loop_
_citation_author.citation_id 
_citation_author.name 
_citation_author.ordinal 
_citation_author.identifier_ORCID 
primary 'Muraki, M.' 1 ? 
primary 'Harata, K.' 2 ? 
primary 'Sugita, N.' 3 ? 
primary 'Sato, K.'   4 ? 
1       'Muraki, M.' 5 ? 
1       'Harata, K.' 6 ? 
1       'Jigami, Y.' 7 ? 
# 
loop_
_entity.id 
_entity.type 
_entity.src_method 
_entity.pdbx_description 
_entity.formula_weight 
_entity.pdbx_number_of_molecules 
_entity.pdbx_ec 
_entity.pdbx_mutation 
_entity.pdbx_fragment 
_entity.details 
1 polymer     nat LYSOZYME                                                                14720.693 1   3.2.1.17 ? ? 
'HUMAN LYSOZYME, PH 4.5, N-ACETYLLACTOSAMINE COVALENTLY ATTACHED TO ASP 53 VIA AN ESTER BOND' 
2 branched    man 'beta-D-galactopyranose-(1-4)-2-acetamido-2-deoxy-beta-D-glucopyranose' 383.349   1   ?        ? ? ? 
3 non-polymer syn GLYCEROL                                                                92.094    1   ?        ? ? ? 
4 water       nat water                                                                   18.015    115 ?        ? ? ? 
# 
_entity_name_com.entity_id   1 
_entity_name_com.name        MURAMIDASE 
# 
_entity_poly.entity_id                      1 
_entity_poly.type                           'polypeptide(L)' 
_entity_poly.nstd_linkage                   no 
_entity_poly.nstd_monomer                   no 
_entity_poly.pdbx_seq_one_letter_code       
;KVFERCELARTLKRLGMDGYRGISLANWMCLAKWESGYNTRATNYNAGDRSTDYGIFQINSRYWCNDGKTPGAVNACHLS
CSALLQDNIADAVACAKRVVRDPQGIRAWVAWRNRCQNRDVRQYVQGCGV
;
_entity_poly.pdbx_seq_one_letter_code_can   
;KVFERCELARTLKRLGMDGYRGISLANWMCLAKWESGYNTRATNYNAGDRSTDYGIFQINSRYWCNDGKTPGAVNACHLS
CSALLQDNIADAVACAKRVVRDPQGIRAWVAWRNRCQNRDVRQYVQGCGV
;
_entity_poly.pdbx_strand_id                 A 
_entity_poly.pdbx_target_identifier         ? 
# 
loop_
_pdbx_entity_nonpoly.entity_id 
_pdbx_entity_nonpoly.name 
_pdbx_entity_nonpoly.comp_id 
3 GLYCEROL GOL 
4 water    HOH 
# 
loop_
_entity_poly_seq.entity_id 
_entity_poly_seq.num 
_entity_poly_seq.mon_id 
_entity_poly_seq.hetero 
1 1   LYS n 
1 2   VAL n 
1 3   PHE n 
1 4   GLU n 
1 5   ARG n 
1 6   CYS n 
1 7   GLU n 
1 8   LEU n 
1 9   ALA n 
1 10  ARG n 
1 11  THR n 
1 12  LEU n 
1 13  LYS n 
1 14  ARG n 
1 15  LEU n 
1 16  GLY n 
1 17  MET n 
1 18  ASP n 
1 19  GLY n 
1 20  TYR n 
1 21  ARG n 
1 22  GLY n 
1 23  ILE n 
1 24  SER n 
1 25  LEU n 
1 26  ALA n 
1 27  ASN n 
1 28  TRP n 
1 29  MET n 
1 30  CYS n 
1 31  LEU n 
1 32  ALA n 
1 33  LYS n 
1 34  TRP n 
1 35  GLU n 
1 36  SER n 
1 37  GLY n 
1 38  TYR n 
1 39  ASN n 
1 40  THR n 
1 41  ARG n 
1 42  ALA n 
1 43  THR n 
1 44  ASN n 
1 45  TYR n 
1 46  ASN n 
1 47  ALA n 
1 48  GLY n 
1 49  ASP n 
1 50  ARG n 
1 51  SER n 
1 52  THR n 
1 53  ASP n 
1 54  TYR n 
1 55  GLY n 
1 56  ILE n 
1 57  PHE n 
1 58  GLN n 
1 59  ILE n 
1 60  ASN n 
1 61  SER n 
1 62  ARG n 
1 63  TYR n 
1 64  TRP n 
1 65  CYS n 
1 66  ASN n 
1 67  ASP n 
1 68  GLY n 
1 69  LYS n 
1 70  THR n 
1 71  PRO n 
1 72  GLY n 
1 73  ALA n 
1 74  VAL n 
1 75  ASN n 
1 76  ALA n 
1 77  CYS n 
1 78  HIS n 
1 79  LEU n 
1 80  SER n 
1 81  CYS n 
1 82  SER n 
1 83  ALA n 
1 84  LEU n 
1 85  LEU n 
1 86  GLN n 
1 87  ASP n 
1 88  ASN n 
1 89  ILE n 
1 90  ALA n 
1 91  ASP n 
1 92  ALA n 
1 93  VAL n 
1 94  ALA n 
1 95  CYS n 
1 96  ALA n 
1 97  LYS n 
1 98  ARG n 
1 99  VAL n 
1 100 VAL n 
1 101 ARG n 
1 102 ASP n 
1 103 PRO n 
1 104 GLN n 
1 105 GLY n 
1 106 ILE n 
1 107 ARG n 
1 108 ALA n 
1 109 TRP n 
1 110 VAL n 
1 111 ALA n 
1 112 TRP n 
1 113 ARG n 
1 114 ASN n 
1 115 ARG n 
1 116 CYS n 
1 117 GLN n 
1 118 ASN n 
1 119 ARG n 
1 120 ASP n 
1 121 VAL n 
1 122 ARG n 
1 123 GLN n 
1 124 TYR n 
1 125 VAL n 
1 126 GLN n 
1 127 GLY n 
1 128 CYS n 
1 129 GLY n 
1 130 VAL n 
# 
_entity_src_nat.entity_id                  1 
_entity_src_nat.pdbx_src_id                1 
_entity_src_nat.pdbx_alt_source_flag       sample 
_entity_src_nat.pdbx_beg_seq_num           ? 
_entity_src_nat.pdbx_end_seq_num           ? 
_entity_src_nat.common_name                human 
_entity_src_nat.pdbx_organism_scientific   'Homo sapiens' 
_entity_src_nat.pdbx_ncbi_taxonomy_id      9606 
_entity_src_nat.genus                      Homo 
_entity_src_nat.species                    ? 
_entity_src_nat.strain                     ? 
_entity_src_nat.tissue                     ? 
_entity_src_nat.tissue_fraction            ? 
_entity_src_nat.pdbx_secretion             ? 
_entity_src_nat.pdbx_fragment              ? 
_entity_src_nat.pdbx_variant               ? 
_entity_src_nat.pdbx_cell_line             ? 
_entity_src_nat.pdbx_atcc                  ? 
_entity_src_nat.pdbx_cellular_location     ? 
_entity_src_nat.pdbx_organ                 ? 
_entity_src_nat.pdbx_organelle             ? 
_entity_src_nat.pdbx_cell                  ? 
_entity_src_nat.pdbx_plasmid_name          ? 
_entity_src_nat.pdbx_plasmid_details       ? 
_entity_src_nat.details                    ? 
# 
_pdbx_entity_branch.entity_id   2 
_pdbx_entity_branch.type        oligosaccharide 
# 
loop_
_pdbx_entity_branch_descriptor.ordinal 
_pdbx_entity_branch_descriptor.entity_id 
_pdbx_entity_branch_descriptor.descriptor 
_pdbx_entity_branch_descriptor.type 
_pdbx_entity_branch_descriptor.program 
_pdbx_entity_branch_descriptor.program_version 
1 2 DGalpb1-4DGlcpNAcb1-ROH                                              'Glycam Condensed Sequence' GMML       1.0   
2 2 'WURCS=2.0/2,2,1/[a2122h-1b_1-5_2*NCC/3=O][a2112h-1b_1-5]/1-2/a4-b1' WURCS                       PDB2Glycan 1.1.0 
3 2 '[][D-1-deoxy-GlcpNAc]{[(4+1)][b-D-Galp]{}}'                         LINUCS                      PDB-CARE   ?     
# 
_pdbx_entity_branch_link.link_id                    1 
_pdbx_entity_branch_link.entity_id                  2 
_pdbx_entity_branch_link.entity_branch_list_num_1   2 
_pdbx_entity_branch_link.comp_id_1                  GAL 
_pdbx_entity_branch_link.atom_id_1                  C1 
_pdbx_entity_branch_link.leaving_atom_id_1          O1 
_pdbx_entity_branch_link.entity_branch_list_num_2   1 
_pdbx_entity_branch_link.comp_id_2                  NAG 
_pdbx_entity_branch_link.atom_id_2                  O4 
_pdbx_entity_branch_link.leaving_atom_id_2          HO4 
_pdbx_entity_branch_link.value_order                sing 
_pdbx_entity_branch_link.details                    ? 
# 
loop_
_chem_comp.id 
_chem_comp.type 
_chem_comp.mon_nstd_flag 
_chem_comp.name 
_chem_comp.pdbx_synonyms 
_chem_comp.formula 
_chem_comp.formula_weight 
ALA 'L-peptide linking'          y ALANINE                                  ? 'C3 H7 N O2'     89.093  
ARG 'L-peptide linking'          y ARGININE                                 ? 'C6 H15 N4 O2 1' 175.209 
ASN 'L-peptide linking'          y ASPARAGINE                               ? 'C4 H8 N2 O3'    132.118 
ASP 'L-peptide linking'          y 'ASPARTIC ACID'                          ? 'C4 H7 N O4'     133.103 
CYS 'L-peptide linking'          y CYSTEINE                                 ? 'C3 H7 N O2 S'   121.158 
GAL 'D-saccharide, beta linking' . beta-D-galactopyranose                   'beta-D-galactose; D-galactose; galactose' 'C6 H12 O6' 
180.156 
GLN 'L-peptide linking'          y GLUTAMINE                                ? 'C5 H10 N2 O3'   146.144 
GLU 'L-peptide linking'          y 'GLUTAMIC ACID'                          ? 'C5 H9 N O4'     147.129 
GLY 'peptide linking'            y GLYCINE                                  ? 'C2 H5 N O2'     75.067  
GOL non-polymer                  . GLYCEROL                                 'GLYCERIN; PROPANE-1,2,3-TRIOL' 'C3 H8 O3'       
92.094  
HIS 'L-peptide linking'          y HISTIDINE                                ? 'C6 H10 N3 O2 1' 156.162 
HOH non-polymer                  . WATER                                    ? 'H2 O'           18.015  
ILE 'L-peptide linking'          y ISOLEUCINE                               ? 'C6 H13 N O2'    131.173 
LEU 'L-peptide linking'          y LEUCINE                                  ? 'C6 H13 N O2'    131.173 
LYS 'L-peptide linking'          y LYSINE                                   ? 'C6 H15 N2 O2 1' 147.195 
MET 'L-peptide linking'          y METHIONINE                               ? 'C5 H11 N O2 S'  149.211 
NAG 'D-saccharide, beta linking' . 2-acetamido-2-deoxy-beta-D-glucopyranose 
;N-acetyl-beta-D-glucosamine; 2-acetamido-2-deoxy-beta-D-glucose; 2-acetamido-2-deoxy-D-glucose; 2-acetamido-2-deoxy-glucose; N-ACETYL-D-GLUCOSAMINE
;
'C8 H15 N O6'    221.208 
PHE 'L-peptide linking'          y PHENYLALANINE                            ? 'C9 H11 N O2'    165.189 
PRO 'L-peptide linking'          y PROLINE                                  ? 'C5 H9 N O2'     115.130 
SER 'L-peptide linking'          y SERINE                                   ? 'C3 H7 N O3'     105.093 
THR 'L-peptide linking'          y THREONINE                                ? 'C4 H9 N O3'     119.119 
TRP 'L-peptide linking'          y TRYPTOPHAN                               ? 'C11 H12 N2 O2'  204.225 
TYR 'L-peptide linking'          y TYROSINE                                 ? 'C9 H11 N O3'    181.189 
VAL 'L-peptide linking'          y VALINE                                   ? 'C5 H11 N O2'    117.146 
# 
loop_
_pdbx_chem_comp_identifier.comp_id 
_pdbx_chem_comp_identifier.type 
_pdbx_chem_comp_identifier.program 
_pdbx_chem_comp_identifier.program_version 
_pdbx_chem_comp_identifier.identifier 
GAL 'CONDENSED IUPAC CARBOHYDRATE SYMBOL' GMML     1.0 DGalpb                         
GAL 'COMMON NAME'                         GMML     1.0 b-D-galactopyranose            
GAL 'IUPAC CARBOHYDRATE SYMBOL'           PDB-CARE 1.0 b-D-Galp                       
GAL 'SNFG CARBOHYDRATE SYMBOL'            GMML     1.0 Gal                            
NAG 'CONDENSED IUPAC CARBOHYDRATE SYMBOL' GMML     1.0 DGlcpNAcb                      
NAG 'COMMON NAME'                         GMML     1.0 N-acetyl-b-D-glucopyranosamine 
NAG 'IUPAC CARBOHYDRATE SYMBOL'           PDB-CARE 1.0 b-D-GlcpNAc                    
NAG 'SNFG CARBOHYDRATE SYMBOL'            GMML     1.0 GlcNAc                         
# 
loop_
_pdbx_poly_seq_scheme.asym_id 
_pdbx_poly_seq_scheme.entity_id 
_pdbx_poly_seq_scheme.seq_id 
_pdbx_poly_seq_scheme.mon_id 
_pdbx_poly_seq_scheme.ndb_seq_num 
_pdbx_poly_seq_scheme.pdb_seq_num 
_pdbx_poly_seq_scheme.auth_seq_num 
_pdbx_poly_seq_scheme.pdb_mon_id 
_pdbx_poly_seq_scheme.auth_mon_id 
_pdbx_poly_seq_scheme.pdb_strand_id 
_pdbx_poly_seq_scheme.pdb_ins_code 
_pdbx_poly_seq_scheme.hetero 
A 1 1   LYS 1   1   1   LYS LYS A . n 
A 1 2   VAL 2   2   2   VAL VAL A . n 
A 1 3   PHE 3   3   3   PHE PHE A . n 
A 1 4   GLU 4   4   4   GLU GLU A . n 
A 1 5   ARG 5   5   5   ARG ARG A . n 
A 1 6   CYS 6   6   6   CYS CYS A . n 
A 1 7   GLU 7   7   7   GLU GLU A . n 
A 1 8   LEU 8   8   8   LEU LEU A . n 
A 1 9   ALA 9   9   9   ALA ALA A . n 
A 1 10  ARG 10  10  10  ARG ARG A . n 
A 1 11  THR 11  11  11  THR THR A . n 
A 1 12  LEU 12  12  12  LEU LEU A . n 
A 1 13  LYS 13  13  13  LYS LYS A . n 
A 1 14  ARG 14  14  14  ARG ARG A . n 
A 1 15  LEU 15  15  15  LEU LEU A . n 
A 1 16  GLY 16  16  16  GLY GLY A . n 
A 1 17  MET 17  17  17  MET MET A . n 
A 1 18  ASP 18  18  18  ASP ASP A . n 
A 1 19  GLY 19  19  19  GLY GLY A . n 
A 1 20  TYR 20  20  20  TYR TYR A . n 
A 1 21  ARG 21  21  21  ARG ARG A . n 
A 1 22  GLY 22  22  22  GLY GLY A . n 
A 1 23  ILE 23  23  23  ILE ILE A . n 
A 1 24  SER 24  24  24  SER SER A . n 
A 1 25  LEU 25  25  25  LEU LEU A . n 
A 1 26  ALA 26  26  26  ALA ALA A . n 
A 1 27  ASN 27  27  27  ASN ASN A . n 
A 1 28  TRP 28  28  28  TRP TRP A . n 
A 1 29  MET 29  29  29  MET MET A . n 
A 1 30  CYS 30  30  30  CYS CYS A . n 
A 1 31  LEU 31  31  31  LEU LEU A . n 
A 1 32  ALA 32  32  32  ALA ALA A . n 
A 1 33  LYS 33  33  33  LYS LYS A . n 
A 1 34  TRP 34  34  34  TRP TRP A . n 
A 1 35  GLU 35  35  35  GLU GLU A . n 
A 1 36  SER 36  36  36  SER SER A . n 
A 1 37  GLY 37  37  37  GLY GLY A . n 
A 1 38  TYR 38  38  38  TYR TYR A . n 
A 1 39  ASN 39  39  39  ASN ASN A . n 
A 1 40  THR 40  40  40  THR THR A . n 
A 1 41  ARG 41  41  41  ARG ARG A . n 
A 1 42  ALA 42  42  42  ALA ALA A . n 
A 1 43  THR 43  43  43  THR THR A . n 
A 1 44  ASN 44  44  44  ASN ASN A . n 
A 1 45  TYR 45  45  45  TYR TYR A . n 
A 1 46  ASN 46  46  46  ASN ASN A . n 
A 1 47  ALA 47  47  47  ALA ALA A . n 
A 1 48  GLY 48  48  48  GLY GLY A . n 
A 1 49  ASP 49  49  49  ASP ASP A . n 
A 1 50  ARG 50  50  50  ARG ARG A . n 
A 1 51  SER 51  51  51  SER SER A . n 
A 1 52  THR 52  52  52  THR THR A . n 
A 1 53  ASP 53  53  53  ASP ASP A . n 
A 1 54  TYR 54  54  54  TYR TYR A . n 
A 1 55  GLY 55  55  55  GLY GLY A . n 
A 1 56  ILE 56  56  56  ILE ILE A . n 
A 1 57  PHE 57  57  57  PHE PHE A . n 
A 1 58  GLN 58  58  58  GLN GLN A . n 
A 1 59  ILE 59  59  59  ILE ILE A . n 
A 1 60  ASN 60  60  60  ASN ASN A . n 
A 1 61  SER 61  61  61  SER SER A . n 
A 1 62  ARG 62  62  62  ARG ARG A . n 
A 1 63  TYR 63  63  63  TYR TYR A . n 
A 1 64  TRP 64  64  64  TRP TRP A . n 
A 1 65  CYS 65  65  65  CYS CYS A . n 
A 1 66  ASN 66  66  66  ASN ASN A . n 
A 1 67  ASP 67  67  67  ASP ASP A . n 
A 1 68  GLY 68  68  68  GLY GLY A . n 
A 1 69  LYS 69  69  69  LYS LYS A . n 
A 1 70  THR 70  70  70  THR THR A . n 
A 1 71  PRO 71  71  71  PRO PRO A . n 
A 1 72  GLY 72  72  72  GLY GLY A . n 
A 1 73  ALA 73  73  73  ALA ALA A . n 
A 1 74  VAL 74  74  74  VAL VAL A . n 
A 1 75  ASN 75  75  75  ASN ASN A . n 
A 1 76  ALA 76  76  76  ALA ALA A . n 
A 1 77  CYS 77  77  77  CYS CYS A . n 
A 1 78  HIS 78  78  78  HIS HIS A . n 
A 1 79  LEU 79  79  79  LEU LEU A . n 
A 1 80  SER 80  80  80  SER SER A . n 
A 1 81  CYS 81  81  81  CYS CYS A . n 
A 1 82  SER 82  82  82  SER SER A . n 
A 1 83  ALA 83  83  83  ALA ALA A . n 
A 1 84  LEU 84  84  84  LEU LEU A . n 
A 1 85  LEU 85  85  85  LEU LEU A . n 
A 1 86  GLN 86  86  86  GLN GLN A . n 
A 1 87  ASP 87  87  87  ASP ASP A . n 
A 1 88  ASN 88  88  88  ASN ASN A . n 
A 1 89  ILE 89  89  89  ILE ILE A . n 
A 1 90  ALA 90  90  90  ALA ALA A . n 
A 1 91  ASP 91  91  91  ASP ASP A . n 
A 1 92  ALA 92  92  92  ALA ALA A . n 
A 1 93  VAL 93  93  93  VAL VAL A . n 
A 1 94  ALA 94  94  94  ALA ALA A . n 
A 1 95  CYS 95  95  95  CYS CYS A . n 
A 1 96  ALA 96  96  96  ALA ALA A . n 
A 1 97  LYS 97  97  97  LYS LYS A . n 
A 1 98  ARG 98  98  98  ARG ARG A . n 
A 1 99  VAL 99  99  99  VAL VAL A . n 
A 1 100 VAL 100 100 100 VAL VAL A . n 
A 1 101 ARG 101 101 101 ARG ARG A . n 
A 1 102 ASP 102 102 102 ASP ASP A . n 
A 1 103 PRO 103 103 103 PRO PRO A . n 
A 1 104 GLN 104 104 104 GLN GLN A . n 
A 1 105 GLY 105 105 105 GLY GLY A . n 
A 1 106 ILE 106 106 106 ILE ILE A . n 
A 1 107 ARG 107 107 107 ARG ARG A . n 
A 1 108 ALA 108 108 108 ALA ALA A . n 
A 1 109 TRP 109 109 109 TRP TRP A . n 
A 1 110 VAL 110 110 110 VAL VAL A . n 
A 1 111 ALA 111 111 111 ALA ALA A . n 
A 1 112 TRP 112 112 112 TRP TRP A . n 
A 1 113 ARG 113 113 113 ARG ARG A . n 
A 1 114 ASN 114 114 114 ASN ASN A . n 
A 1 115 ARG 115 115 115 ARG ARG A . n 
A 1 116 CYS 116 116 116 CYS CYS A . n 
A 1 117 GLN 117 117 117 GLN GLN A . n 
A 1 118 ASN 118 118 118 ASN ASN A . n 
A 1 119 ARG 119 119 119 ARG ARG A . n 
A 1 120 ASP 120 120 120 ASP ASP A . n 
A 1 121 VAL 121 121 121 VAL VAL A . n 
A 1 122 ARG 122 122 122 ARG ARG A . n 
A 1 123 GLN 123 123 123 GLN GLN A . n 
A 1 124 TYR 124 124 124 TYR TYR A . n 
A 1 125 VAL 125 125 125 VAL VAL A . n 
A 1 126 GLN 126 126 126 GLN GLN A . n 
A 1 127 GLY 127 127 127 GLY GLY A . n 
A 1 128 CYS 128 128 128 CYS CYS A . n 
A 1 129 GLY 129 129 129 GLY GLY A . n 
A 1 130 VAL 130 130 130 VAL VAL A . n 
# 
loop_
_pdbx_branch_scheme.asym_id 
_pdbx_branch_scheme.entity_id 
_pdbx_branch_scheme.mon_id 
_pdbx_branch_scheme.num 
_pdbx_branch_scheme.pdb_asym_id 
_pdbx_branch_scheme.pdb_mon_id 
_pdbx_branch_scheme.pdb_seq_num 
_pdbx_branch_scheme.auth_asym_id 
_pdbx_branch_scheme.auth_mon_id 
_pdbx_branch_scheme.auth_seq_num 
_pdbx_branch_scheme.hetero 
B 2 NAG 1 B NAG 1 ? NAG 132 n 
B 2 GAL 2 B GAL 2 ? GAL 131 n 
# 
loop_
_pdbx_nonpoly_scheme.asym_id 
_pdbx_nonpoly_scheme.entity_id 
_pdbx_nonpoly_scheme.mon_id 
_pdbx_nonpoly_scheme.ndb_seq_num 
_pdbx_nonpoly_scheme.pdb_seq_num 
_pdbx_nonpoly_scheme.auth_seq_num 
_pdbx_nonpoly_scheme.pdb_mon_id 
_pdbx_nonpoly_scheme.auth_mon_id 
_pdbx_nonpoly_scheme.pdb_strand_id 
_pdbx_nonpoly_scheme.pdb_ins_code 
C 3 GOL 1   201 133 GOL GOL A . 
D 4 HOH 1   301 30  HOH HOH A . 
D 4 HOH 2   302 82  HOH HOH A . 
D 4 HOH 3   303 7   HOH HOH A . 
D 4 HOH 4   304 40  HOH HOH A . 
D 4 HOH 5   305 9   HOH HOH A . 
D 4 HOH 6   306 58  HOH HOH A . 
D 4 HOH 7   307 83  HOH HOH A . 
D 4 HOH 8   308 47  HOH HOH A . 
D 4 HOH 9   309 81  HOH HOH A . 
D 4 HOH 10  310 3   HOH HOH A . 
D 4 HOH 11  311 64  HOH HOH A . 
D 4 HOH 12  312 12  HOH HOH A . 
D 4 HOH 13  313 11  HOH HOH A . 
D 4 HOH 14  314 43  HOH HOH A . 
D 4 HOH 15  315 14  HOH HOH A . 
D 4 HOH 16  316 38  HOH HOH A . 
D 4 HOH 17  317 21  HOH HOH A . 
D 4 HOH 18  318 17  HOH HOH A . 
D 4 HOH 19  319 113 HOH HOH A . 
D 4 HOH 20  320 87  HOH HOH A . 
D 4 HOH 21  321 5   HOH HOH A . 
D 4 HOH 22  322 8   HOH HOH A . 
D 4 HOH 23  323 60  HOH HOH A . 
D 4 HOH 24  324 57  HOH HOH A . 
D 4 HOH 25  325 4   HOH HOH A . 
D 4 HOH 26  326 78  HOH HOH A . 
D 4 HOH 27  327 37  HOH HOH A . 
D 4 HOH 28  328 1   HOH HOH A . 
D 4 HOH 29  329 15  HOH HOH A . 
D 4 HOH 30  330 66  HOH HOH A . 
D 4 HOH 31  331 50  HOH HOH A . 
D 4 HOH 32  332 88  HOH HOH A . 
D 4 HOH 33  333 99  HOH HOH A . 
D 4 HOH 34  334 6   HOH HOH A . 
D 4 HOH 35  335 28  HOH HOH A . 
D 4 HOH 36  336 48  HOH HOH A . 
D 4 HOH 37  337 18  HOH HOH A . 
D 4 HOH 38  338 32  HOH HOH A . 
D 4 HOH 39  339 103 HOH HOH A . 
D 4 HOH 40  340 16  HOH HOH A . 
D 4 HOH 41  341 51  HOH HOH A . 
D 4 HOH 42  342 34  HOH HOH A . 
D 4 HOH 43  343 61  HOH HOH A . 
D 4 HOH 44  344 91  HOH HOH A . 
D 4 HOH 45  345 94  HOH HOH A . 
D 4 HOH 46  346 44  HOH HOH A . 
D 4 HOH 47  347 19  HOH HOH A . 
D 4 HOH 48  348 2   HOH HOH A . 
D 4 HOH 49  349 112 HOH HOH A . 
D 4 HOH 50  350 26  HOH HOH A . 
D 4 HOH 51  351 100 HOH HOH A . 
D 4 HOH 52  352 31  HOH HOH A . 
D 4 HOH 53  353 71  HOH HOH A . 
D 4 HOH 54  354 13  HOH HOH A . 
D 4 HOH 55  355 104 HOH HOH A . 
D 4 HOH 56  356 85  HOH HOH A . 
D 4 HOH 57  357 33  HOH HOH A . 
D 4 HOH 58  358 42  HOH HOH A . 
D 4 HOH 59  359 36  HOH HOH A . 
D 4 HOH 60  360 59  HOH HOH A . 
D 4 HOH 61  361 56  HOH HOH A . 
D 4 HOH 62  362 35  HOH HOH A . 
D 4 HOH 63  363 74  HOH HOH A . 
D 4 HOH 64  364 29  HOH HOH A . 
D 4 HOH 65  365 22  HOH HOH A . 
D 4 HOH 66  366 54  HOH HOH A . 
D 4 HOH 67  367 39  HOH HOH A . 
D 4 HOH 68  368 49  HOH HOH A . 
D 4 HOH 69  369 80  HOH HOH A . 
D 4 HOH 70  370 10  HOH HOH A . 
D 4 HOH 71  371 24  HOH HOH A . 
D 4 HOH 72  372 86  HOH HOH A . 
D 4 HOH 73  373 46  HOH HOH A . 
D 4 HOH 74  374 27  HOH HOH A . 
D 4 HOH 75  375 107 HOH HOH A . 
D 4 HOH 76  376 101 HOH HOH A . 
D 4 HOH 77  377 68  HOH HOH A . 
D 4 HOH 78  378 55  HOH HOH A . 
D 4 HOH 79  379 65  HOH HOH A . 
D 4 HOH 80  380 93  HOH HOH A . 
D 4 HOH 81  381 73  HOH HOH A . 
D 4 HOH 82  382 25  HOH HOH A . 
D 4 HOH 83  383 67  HOH HOH A . 
D 4 HOH 84  384 96  HOH HOH A . 
D 4 HOH 85  385 77  HOH HOH A . 
D 4 HOH 86  386 97  HOH HOH A . 
D 4 HOH 87  387 20  HOH HOH A . 
D 4 HOH 88  388 53  HOH HOH A . 
D 4 HOH 89  389 62  HOH HOH A . 
D 4 HOH 90  390 63  HOH HOH A . 
D 4 HOH 91  391 75  HOH HOH A . 
D 4 HOH 92  392 95  HOH HOH A . 
D 4 HOH 93  393 41  HOH HOH A . 
D 4 HOH 94  394 109 HOH HOH A . 
D 4 HOH 95  395 52  HOH HOH A . 
D 4 HOH 96  396 76  HOH HOH A . 
D 4 HOH 97  397 105 HOH HOH A . 
D 4 HOH 98  398 90  HOH HOH A . 
D 4 HOH 99  399 72  HOH HOH A . 
D 4 HOH 100 400 92  HOH HOH A . 
D 4 HOH 101 401 45  HOH HOH A . 
D 4 HOH 102 402 23  HOH HOH A . 
D 4 HOH 103 403 69  HOH HOH A . 
D 4 HOH 104 404 111 HOH HOH A . 
D 4 HOH 105 405 110 HOH HOH A . 
D 4 HOH 106 406 84  HOH HOH A . 
D 4 HOH 107 407 115 HOH HOH A . 
D 4 HOH 108 408 102 HOH HOH A . 
D 4 HOH 109 409 108 HOH HOH A . 
D 4 HOH 110 410 106 HOH HOH A . 
D 4 HOH 111 411 79  HOH HOH A . 
D 4 HOH 112 412 98  HOH HOH A . 
D 4 HOH 113 413 89  HOH HOH A . 
D 4 HOH 114 414 70  HOH HOH A . 
D 4 HOH 115 415 114 HOH HOH A . 
# 
_pdbx_unobs_or_zero_occ_atoms.id               1 
_pdbx_unobs_or_zero_occ_atoms.PDB_model_num    1 
_pdbx_unobs_or_zero_occ_atoms.polymer_flag     N 
_pdbx_unobs_or_zero_occ_atoms.occupancy_flag   1 
_pdbx_unobs_or_zero_occ_atoms.auth_asym_id     A 
_pdbx_unobs_or_zero_occ_atoms.auth_comp_id     GOL 
_pdbx_unobs_or_zero_occ_atoms.auth_seq_id      201 
_pdbx_unobs_or_zero_occ_atoms.PDB_ins_code     ? 
_pdbx_unobs_or_zero_occ_atoms.auth_atom_id     O1 
_pdbx_unobs_or_zero_occ_atoms.label_alt_id     ? 
_pdbx_unobs_or_zero_occ_atoms.label_asym_id    C 
_pdbx_unobs_or_zero_occ_atoms.label_comp_id    GOL 
_pdbx_unobs_or_zero_occ_atoms.label_seq_id     1 
_pdbx_unobs_or_zero_occ_atoms.label_atom_id    O1 
# 
loop_
_software.name 
_software.classification 
_software.version 
_software.citation_id 
_software.pdbx_ordinal 
MADNES 'data collection' .   ? 1 
X-PLOR 'model building'  3.1 ? 2 
X-PLOR refinement        3.1 ? 3 
MADNES 'data reduction'  .   ? 4 
X-PLOR phasing           3.1 ? 5 
# 
_cell.entry_id           1REZ 
_cell.length_a           58.410 
_cell.length_b           60.710 
_cell.length_c           32.840 
_cell.angle_alpha        90.00 
_cell.angle_beta         90.00 
_cell.angle_gamma        90.00 
_cell.Z_PDB              4 
_cell.pdbx_unique_axis   ? 
# 
_symmetry.entry_id                         1REZ 
_symmetry.space_group_name_H-M             'P 21 21 21' 
_symmetry.pdbx_full_space_group_name_H-M   ? 
_symmetry.cell_setting                     ? 
_symmetry.Int_Tables_number                19 
# 
_exptl.entry_id          1REZ 
_exptl.method            'X-RAY DIFFRACTION' 
_exptl.crystals_number   ? 
# 
_exptl_crystal.id                    1 
_exptl_crystal.density_meas          ? 
_exptl_crystal.density_Matthews      1.98 
_exptl_crystal.density_percent_sol   37. 
_exptl_crystal.description           ? 
# 
_exptl_crystal_grow.crystal_id      1 
_exptl_crystal_grow.method          ? 
_exptl_crystal_grow.temp            ? 
_exptl_crystal_grow.temp_details    ? 
_exptl_crystal_grow.pH              4.5 
_exptl_crystal_grow.pdbx_pH_range   ? 
_exptl_crystal_grow.pdbx_details    'pH 4.5' 
# 
_diffrn.id                     1 
_diffrn.ambient_temp           ? 
_diffrn.ambient_temp_details   ? 
_diffrn.crystal_id             1 
# 
_diffrn_detector.diffrn_id              1 
_diffrn_detector.detector               DIFFRACTOMETER 
_diffrn_detector.type                   'ENRAF-NONIUS FAST' 
_diffrn_detector.pdbx_collection_date   ? 
_diffrn_detector.details                ? 
# 
_diffrn_radiation.diffrn_id                        1 
_diffrn_radiation.wavelength_id                    1 
_diffrn_radiation.pdbx_monochromatic_or_laue_m_l   M 
_diffrn_radiation.monochromator                    ? 
_diffrn_radiation.pdbx_diffrn_protocol             ? 
_diffrn_radiation.pdbx_scattering_type             x-ray 
# 
_diffrn_radiation_wavelength.id           1 
_diffrn_radiation_wavelength.wavelength   1.5418 
_diffrn_radiation_wavelength.wt           1.0 
# 
_diffrn_source.diffrn_id                   1 
_diffrn_source.source                      'ROTATING ANODE' 
_diffrn_source.type                        'ENRAF-NONIUS FR571' 
_diffrn_source.pdbx_synchrotron_site       ? 
_diffrn_source.pdbx_synchrotron_beamline   ? 
_diffrn_source.pdbx_wavelength             1.5418 
_diffrn_source.pdbx_wavelength_list        ? 
# 
_reflns.entry_id                     1REZ 
_reflns.observed_criterion_sigma_I   0. 
_reflns.observed_criterion_sigma_F   ? 
_reflns.d_resolution_low             14.7 
_reflns.d_resolution_high            1.61 
_reflns.number_obs                   12070 
_reflns.number_all                   ? 
_reflns.percent_possible_obs         76.9 
_reflns.pdbx_Rmerge_I_obs            0.049 
_reflns.pdbx_Rsym_value              ? 
_reflns.pdbx_netI_over_sigmaI        ? 
_reflns.B_iso_Wilson_estimate        ? 
_reflns.pdbx_redundancy              1.3 
_reflns.pdbx_ordinal                 1 
_reflns.pdbx_diffrn_id               1 
# 
_refine.entry_id                                 1REZ 
_refine.ls_number_reflns_obs                     8072 
_refine.ls_number_reflns_all                     ? 
_refine.pdbx_ls_sigma_I                          ? 
_refine.pdbx_ls_sigma_F                          3. 
_refine.pdbx_data_cutoff_high_absF               ? 
_refine.pdbx_data_cutoff_low_absF                ? 
_refine.pdbx_data_cutoff_high_rms_absF           ? 
_refine.ls_d_res_low                             8.0 
_refine.ls_d_res_high                            1.7 
_refine.ls_percent_reflns_obs                    60.9 
_refine.ls_R_factor_obs                          0.169 
_refine.ls_R_factor_all                          ? 
_refine.ls_R_factor_R_work                       0.169 
_refine.ls_R_factor_R_free                       0.215 
_refine.ls_R_factor_R_free_error                 ? 
_refine.ls_R_factor_R_free_error_details         ? 
_refine.ls_percent_reflns_R_free                 ? 
_refine.ls_number_reflns_R_free                  ? 
_refine.ls_number_parameters                     ? 
_refine.ls_number_restraints                     ? 
_refine.occupancy_min                            ? 
_refine.occupancy_max                            ? 
_refine.B_iso_mean                               20.74 
_refine.aniso_B[1][1]                            ? 
_refine.aniso_B[2][2]                            ? 
_refine.aniso_B[3][3]                            ? 
_refine.aniso_B[1][2]                            ? 
_refine.aniso_B[1][3]                            ? 
_refine.aniso_B[2][3]                            ? 
_refine.solvent_model_details                    ? 
_refine.solvent_model_param_ksol                 ? 
_refine.solvent_model_param_bsol                 ? 
_refine.pdbx_ls_cross_valid_method               ? 
_refine.details                                  ? 
_refine.pdbx_starting_model                      'NATIVE HUMAN LYSOZYME (PDB ENTRY 1LZ1)' 
_refine.pdbx_method_to_determine_struct          'MOLECULAR REPLACEMENT' 
_refine.pdbx_isotropic_thermal_model             ? 
_refine.pdbx_stereochemistry_target_values       ? 
_refine.pdbx_stereochem_target_val_spec_case     ? 
_refine.pdbx_R_Free_selection_details            ? 
_refine.pdbx_overall_ESU_R                       ? 
_refine.pdbx_overall_ESU_R_Free                  ? 
_refine.overall_SU_ML                            ? 
_refine.overall_SU_B                             ? 
_refine.pdbx_refine_id                           'X-RAY DIFFRACTION' 
_refine.pdbx_diffrn_id                           1 
_refine.pdbx_TLS_residual_ADP_flag               ? 
_refine.correlation_coeff_Fo_to_Fc               ? 
_refine.correlation_coeff_Fo_to_Fc_free          ? 
_refine.pdbx_solvent_vdw_probe_radii             ? 
_refine.pdbx_solvent_ion_probe_radii             ? 
_refine.pdbx_solvent_shrinkage_radii             ? 
_refine.pdbx_overall_phase_error                 ? 
_refine.overall_SU_R_Cruickshank_DPI             ? 
_refine.pdbx_overall_SU_R_free_Cruickshank_DPI   ? 
_refine.pdbx_overall_SU_R_Blow_DPI               ? 
_refine.pdbx_overall_SU_R_free_Blow_DPI          ? 
# 
_refine_analyze.entry_id                        1REZ 
_refine_analyze.Luzzati_coordinate_error_obs    0.25 
_refine_analyze.Luzzati_sigma_a_obs             ? 
_refine_analyze.Luzzati_d_res_low_obs           ? 
_refine_analyze.Luzzati_coordinate_error_free   ? 
_refine_analyze.Luzzati_sigma_a_free            ? 
_refine_analyze.Luzzati_d_res_low_free          ? 
_refine_analyze.number_disordered_residues      ? 
_refine_analyze.occupancy_sum_hydrogen          ? 
_refine_analyze.occupancy_sum_non_hydrogen      ? 
_refine_analyze.pdbx_refine_id                  'X-RAY DIFFRACTION' 
# 
_refine_hist.pdbx_refine_id                   'X-RAY DIFFRACTION' 
_refine_hist.cycle_id                         LAST 
_refine_hist.pdbx_number_atoms_protein        1029 
_refine_hist.pdbx_number_atoms_nucleic_acid   0 
_refine_hist.pdbx_number_atoms_ligand         30 
_refine_hist.number_atoms_solvent             115 
_refine_hist.number_atoms_total               1174 
_refine_hist.d_res_high                       1.7 
_refine_hist.d_res_low                        8.0 
# 
loop_
_refine_ls_restr.type 
_refine_ls_restr.dev_ideal 
_refine_ls_restr.dev_ideal_target 
_refine_ls_restr.weight 
_refine_ls_restr.number 
_refine_ls_restr.pdbx_refine_id 
_refine_ls_restr.pdbx_restraint_function 
x_bond_d                0.009 ? ? ? 'X-RAY DIFFRACTION' ? 
x_bond_d_na             ?     ? ? ? 'X-RAY DIFFRACTION' ? 
x_bond_d_prot           ?     ? ? ? 'X-RAY DIFFRACTION' ? 
x_angle_d               ?     ? ? ? 'X-RAY DIFFRACTION' ? 
x_angle_d_na            ?     ? ? ? 'X-RAY DIFFRACTION' ? 
x_angle_d_prot          ?     ? ? ? 'X-RAY DIFFRACTION' ? 
x_angle_deg             1.539 ? ? ? 'X-RAY DIFFRACTION' ? 
x_angle_deg_na          ?     ? ? ? 'X-RAY DIFFRACTION' ? 
x_angle_deg_prot        ?     ? ? ? 'X-RAY DIFFRACTION' ? 
x_dihedral_angle_d      24.66 ? ? ? 'X-RAY DIFFRACTION' ? 
x_dihedral_angle_d_na   ?     ? ? ? 'X-RAY DIFFRACTION' ? 
x_dihedral_angle_d_prot ?     ? ? ? 'X-RAY DIFFRACTION' ? 
x_improper_angle_d      1.279 ? ? ? 'X-RAY DIFFRACTION' ? 
x_improper_angle_d_na   ?     ? ? ? 'X-RAY DIFFRACTION' ? 
x_improper_angle_d_prot ?     ? ? ? 'X-RAY DIFFRACTION' ? 
x_mcbond_it             ?     ? ? ? 'X-RAY DIFFRACTION' ? 
x_mcangle_it            ?     ? ? ? 'X-RAY DIFFRACTION' ? 
x_scbond_it             ?     ? ? ? 'X-RAY DIFFRACTION' ? 
x_scangle_it            ?     ? ? ? 'X-RAY DIFFRACTION' ? 
# 
_struct.entry_id                  1REZ 
_struct.title                     'HUMAN LYSOZYME-N-ACETYLLACTOSAMINE COMPLEX' 
_struct.pdbx_model_details        ? 
_struct.pdbx_CASP_flag            ? 
_struct.pdbx_model_type_details   ? 
# 
_struct_keywords.entry_id        1REZ 
_struct_keywords.pdbx_keywords   'HYDROLASE (O-GLYCOSYL)' 
_struct_keywords.text            'HYDROLASE (O-GLYCOSYL), GLYCOSYDASE, VERTEBRATE C-TYPE' 
# 
loop_
_struct_asym.id 
_struct_asym.pdbx_blank_PDB_chainid_flag 
_struct_asym.pdbx_modified 
_struct_asym.entity_id 
_struct_asym.details 
A N N 1 ? 
B N N 2 ? 
C N N 3 ? 
D N N 4 ? 
# 
_struct_ref.id                         1 
_struct_ref.db_name                    UNP 
_struct_ref.db_code                    LYC_HUMAN 
_struct_ref.entity_id                  1 
_struct_ref.pdbx_db_accession          P00695 
_struct_ref.pdbx_align_begin           1 
_struct_ref.pdbx_seq_one_letter_code   
;MKALIVLGLVLLSVTVQGKVFERCELARTLKRLGMDGYRGISLANWMCLAKWESGYNTRATNYNAGDRSTDYGIFQINSR
YWCNDGKTPGAVNACHLSCSALLQDNIADAVACAKRVVRDPQGIRAWVAWRNRCQNRDVRQYVQGCGV
;
_struct_ref.pdbx_db_isoform            ? 
# 
_struct_ref_seq.align_id                      1 
_struct_ref_seq.ref_id                        1 
_struct_ref_seq.pdbx_PDB_id_code              1REZ 
_struct_ref_seq.pdbx_strand_id                A 
_struct_ref_seq.seq_align_beg                 1 
_struct_ref_seq.pdbx_seq_align_beg_ins_code   ? 
_struct_ref_seq.seq_align_end                 130 
_struct_ref_seq.pdbx_seq_align_end_ins_code   ? 
_struct_ref_seq.pdbx_db_accession             P00695 
_struct_ref_seq.db_align_beg                  19 
_struct_ref_seq.pdbx_db_align_beg_ins_code    ? 
_struct_ref_seq.db_align_end                  148 
_struct_ref_seq.pdbx_db_align_end_ins_code    ? 
_struct_ref_seq.pdbx_auth_seq_align_beg       1 
_struct_ref_seq.pdbx_auth_seq_align_end       130 
# 
_pdbx_struct_assembly.id                   1 
_pdbx_struct_assembly.details              author_defined_assembly 
_pdbx_struct_assembly.method_details       ? 
_pdbx_struct_assembly.oligomeric_details   monomeric 
_pdbx_struct_assembly.oligomeric_count     1 
# 
_pdbx_struct_assembly_gen.assembly_id       1 
_pdbx_struct_assembly_gen.oper_expression   1 
_pdbx_struct_assembly_gen.asym_id_list      A,B,C,D 
# 
_pdbx_struct_oper_list.id                   1 
_pdbx_struct_oper_list.type                 'identity operation' 
_pdbx_struct_oper_list.name                 1_555 
_pdbx_struct_oper_list.symmetry_operation   x,y,z 
_pdbx_struct_oper_list.matrix[1][1]         1.0000000000 
_pdbx_struct_oper_list.matrix[1][2]         0.0000000000 
_pdbx_struct_oper_list.matrix[1][3]         0.0000000000 
_pdbx_struct_oper_list.vector[1]            0.0000000000 
_pdbx_struct_oper_list.matrix[2][1]         0.0000000000 
_pdbx_struct_oper_list.matrix[2][2]         1.0000000000 
_pdbx_struct_oper_list.matrix[2][3]         0.0000000000 
_pdbx_struct_oper_list.vector[2]            0.0000000000 
_pdbx_struct_oper_list.matrix[3][1]         0.0000000000 
_pdbx_struct_oper_list.matrix[3][2]         0.0000000000 
_pdbx_struct_oper_list.matrix[3][3]         1.0000000000 
_pdbx_struct_oper_list.vector[3]            0.0000000000 
# 
_struct_biol.id   1 
# 
loop_
_struct_conf.conf_type_id 
_struct_conf.id 
_struct_conf.pdbx_PDB_helix_id 
_struct_conf.beg_label_comp_id 
_struct_conf.beg_label_asym_id 
_struct_conf.beg_label_seq_id 
_struct_conf.pdbx_beg_PDB_ins_code 
_struct_conf.end_label_comp_id 
_struct_conf.end_label_asym_id 
_struct_conf.end_label_seq_id 
_struct_conf.pdbx_end_PDB_ins_code 
_struct_conf.beg_auth_comp_id 
_struct_conf.beg_auth_asym_id 
_struct_conf.beg_auth_seq_id 
_struct_conf.end_auth_comp_id 
_struct_conf.end_auth_asym_id 
_struct_conf.end_auth_seq_id 
_struct_conf.pdbx_PDB_helix_class 
_struct_conf.details 
_struct_conf.pdbx_PDB_helix_length 
HELX_P HELX_P1 1 ARG A 5   ? ARG A 14  ? ARG A 5   ARG A 14  1 ? 10 
HELX_P HELX_P2 2 TYR A 20  ? GLY A 22  ? TYR A 20  GLY A 22  5 ? 3  
HELX_P HELX_P3 3 LEU A 25  ? SER A 36  ? LEU A 25  SER A 36  1 ? 12 
HELX_P HELX_P4 4 CYS A 81  ? LEU A 85  ? CYS A 81  LEU A 85  5 ? 5  
HELX_P HELX_P5 5 ALA A 90  ? ARG A 101 ? ALA A 90  ARG A 101 1 ? 12 
HELX_P HELX_P6 6 GLY A 105 ? ALA A 108 ? GLY A 105 ALA A 108 5 ? 4  
HELX_P HELX_P7 7 VAL A 110 ? ARG A 115 ? VAL A 110 ARG A 115 1 ? 6  
HELX_P HELX_P8 8 ARG A 122 ? VAL A 125 ? ARG A 122 VAL A 125 5 ? 4  
# 
_struct_conf_type.id          HELX_P 
_struct_conf_type.criteria    ? 
_struct_conf_type.reference   ? 
# 
loop_
_struct_conn.id 
_struct_conn.conn_type_id 
_struct_conn.pdbx_leaving_atom_flag 
_struct_conn.pdbx_PDB_id 
_struct_conn.ptnr1_label_asym_id 
_struct_conn.ptnr1_label_comp_id 
_struct_conn.ptnr1_label_seq_id 
_struct_conn.ptnr1_label_atom_id 
_struct_conn.pdbx_ptnr1_label_alt_id 
_struct_conn.pdbx_ptnr1_PDB_ins_code 
_struct_conn.pdbx_ptnr1_standard_comp_id 
_struct_conn.ptnr1_symmetry 
_struct_conn.ptnr2_label_asym_id 
_struct_conn.ptnr2_label_comp_id 
_struct_conn.ptnr2_label_seq_id 
_struct_conn.ptnr2_label_atom_id 
_struct_conn.pdbx_ptnr2_label_alt_id 
_struct_conn.pdbx_ptnr2_PDB_ins_code 
_struct_conn.ptnr1_auth_asym_id 
_struct_conn.ptnr1_auth_comp_id 
_struct_conn.ptnr1_auth_seq_id 
_struct_conn.ptnr2_auth_asym_id 
_struct_conn.ptnr2_auth_comp_id 
_struct_conn.ptnr2_auth_seq_id 
_struct_conn.ptnr2_symmetry 
_struct_conn.pdbx_ptnr3_label_atom_id 
_struct_conn.pdbx_ptnr3_label_seq_id 
_struct_conn.pdbx_ptnr3_label_comp_id 
_struct_conn.pdbx_ptnr3_label_asym_id 
_struct_conn.pdbx_ptnr3_label_alt_id 
_struct_conn.pdbx_ptnr3_PDB_ins_code 
_struct_conn.details 
_struct_conn.pdbx_dist_value 
_struct_conn.pdbx_value_order 
_struct_conn.pdbx_role 
disulf1 disulf ?    ? A CYS 6  SG ? ? ? 1_555 A CYS 128 SG ? ? A CYS 6   A CYS 128 1_555 ? ? ? ? ? ? ? 2.024 ? ? 
disulf2 disulf ?    ? A CYS 30 SG ? ? ? 1_555 A CYS 116 SG ? ? A CYS 30  A CYS 116 1_555 ? ? ? ? ? ? ? 2.030 ? ? 
disulf3 disulf ?    ? A CYS 65 SG ? ? ? 1_555 A CYS 81  SG ? ? A CYS 65  A CYS 81  1_555 ? ? ? ? ? ? ? 2.024 ? ? 
disulf4 disulf ?    ? A CYS 77 SG ? ? ? 1_555 A CYS 95  SG ? ? A CYS 77  A CYS 95  1_555 ? ? ? ? ? ? ? 2.017 ? ? 
covale1 covale one  ? C GOL .  O3 ? ? ? 1_555 B NAG .   C1 ? ? A GOL 201 B NAG 1   1_555 ? ? ? ? ? ? ? 1.378 ? ? 
covale2 covale both ? B NAG .  O4 ? ? ? 1_555 B GAL .   C1 ? ? B NAG 1   B GAL 2   1_555 ? ? ? ? ? ? ? 1.372 ? ? 
# 
loop_
_struct_conn_type.id 
_struct_conn_type.criteria 
_struct_conn_type.reference 
disulf ? ? 
covale ? ? 
# 
loop_
_pdbx_modification_feature.ordinal 
_pdbx_modification_feature.label_comp_id 
_pdbx_modification_feature.label_asym_id 
_pdbx_modification_feature.label_seq_id 
_pdbx_modification_feature.label_alt_id 
_pdbx_modification_feature.modified_residue_label_comp_id 
_pdbx_modification_feature.modified_residue_label_asym_id 
_pdbx_modification_feature.modified_residue_label_seq_id 
_pdbx_modification_feature.modified_residue_label_alt_id 
_pdbx_modification_feature.auth_comp_id 
_pdbx_modification_feature.auth_asym_id 
_pdbx_modification_feature.auth_seq_id 
_pdbx_modification_feature.PDB_ins_code 
_pdbx_modification_feature.symmetry 
_pdbx_modification_feature.modified_residue_auth_comp_id 
_pdbx_modification_feature.modified_residue_auth_asym_id 
_pdbx_modification_feature.modified_residue_auth_seq_id 
_pdbx_modification_feature.modified_residue_PDB_ins_code 
_pdbx_modification_feature.modified_residue_symmetry 
_pdbx_modification_feature.comp_id_linking_atom 
_pdbx_modification_feature.modified_residue_id_linking_atom 
_pdbx_modification_feature.modified_residue_id 
_pdbx_modification_feature.ref_pcm_id 
_pdbx_modification_feature.ref_comp_id 
_pdbx_modification_feature.type 
_pdbx_modification_feature.category 
1 CYS A 6  ? CYS A 128 ? CYS A 6  ? 1_555 CYS A 128 ? 1_555 SG SG . . . None 'Disulfide bridge' 
2 CYS A 30 ? CYS A 116 ? CYS A 30 ? 1_555 CYS A 116 ? 1_555 SG SG . . . None 'Disulfide bridge' 
3 CYS A 65 ? CYS A 81  ? CYS A 65 ? 1_555 CYS A 81  ? 1_555 SG SG . . . None 'Disulfide bridge' 
4 CYS A 77 ? CYS A 95  ? CYS A 77 ? 1_555 CYS A 95  ? 1_555 SG SG . . . None 'Disulfide bridge' 
# 
_struct_sheet.id               A 
_struct_sheet.type             ? 
_struct_sheet.number_strands   2 
_struct_sheet.details          ? 
# 
_struct_sheet_order.sheet_id     A 
_struct_sheet_order.range_id_1   1 
_struct_sheet_order.range_id_2   2 
_struct_sheet_order.offset       ? 
_struct_sheet_order.sense        anti-parallel 
# 
loop_
_struct_sheet_range.sheet_id 
_struct_sheet_range.id 
_struct_sheet_range.beg_label_comp_id 
_struct_sheet_range.beg_label_asym_id 
_struct_sheet_range.beg_label_seq_id 
_struct_sheet_range.pdbx_beg_PDB_ins_code 
_struct_sheet_range.end_label_comp_id 
_struct_sheet_range.end_label_asym_id 
_struct_sheet_range.end_label_seq_id 
_struct_sheet_range.pdbx_end_PDB_ins_code 
_struct_sheet_range.beg_auth_comp_id 
_struct_sheet_range.beg_auth_asym_id 
_struct_sheet_range.beg_auth_seq_id 
_struct_sheet_range.end_auth_comp_id 
_struct_sheet_range.end_auth_asym_id 
_struct_sheet_range.end_auth_seq_id 
A 1 THR A 43 ? ASN A 46 ? THR A 43 ASN A 46 
A 2 SER A 51 ? TYR A 54 ? SER A 51 TYR A 54 
# 
_pdbx_struct_sheet_hbond.sheet_id                A 
_pdbx_struct_sheet_hbond.range_id_1              1 
_pdbx_struct_sheet_hbond.range_id_2              2 
_pdbx_struct_sheet_hbond.range_1_label_atom_id   O 
_pdbx_struct_sheet_hbond.range_1_label_comp_id   ASN 
_pdbx_struct_sheet_hbond.range_1_label_asym_id   A 
_pdbx_struct_sheet_hbond.range_1_label_seq_id    44 
_pdbx_struct_sheet_hbond.range_1_PDB_ins_code    ? 
_pdbx_struct_sheet_hbond.range_1_auth_atom_id    O 
_pdbx_struct_sheet_hbond.range_1_auth_comp_id    ASN 
_pdbx_struct_sheet_hbond.range_1_auth_asym_id    A 
_pdbx_struct_sheet_hbond.range_1_auth_seq_id     44 
_pdbx_struct_sheet_hbond.range_2_label_atom_id   N 
_pdbx_struct_sheet_hbond.range_2_label_comp_id   ASP 
_pdbx_struct_sheet_hbond.range_2_label_asym_id   A 
_pdbx_struct_sheet_hbond.range_2_label_seq_id    53 
_pdbx_struct_sheet_hbond.range_2_PDB_ins_code    ? 
_pdbx_struct_sheet_hbond.range_2_auth_atom_id    N 
_pdbx_struct_sheet_hbond.range_2_auth_comp_id    ASP 
_pdbx_struct_sheet_hbond.range_2_auth_asym_id    A 
_pdbx_struct_sheet_hbond.range_2_auth_seq_id     53 
# 
_pdbx_entry_details.entry_id                   1REZ 
_pdbx_entry_details.compound_details           ? 
_pdbx_entry_details.source_details             ? 
_pdbx_entry_details.nonpolymer_details         ? 
_pdbx_entry_details.sequence_details           ? 
_pdbx_entry_details.has_ligand_of_interest     ? 
_pdbx_entry_details.has_protein_modification   Y 
# 
_pdbx_validate_close_contact.id               1 
_pdbx_validate_close_contact.PDB_model_num    1 
_pdbx_validate_close_contact.auth_atom_id_1   OD2 
_pdbx_validate_close_contact.auth_asym_id_1   A 
_pdbx_validate_close_contact.auth_comp_id_1   ASP 
_pdbx_validate_close_contact.auth_seq_id_1    53 
_pdbx_validate_close_contact.PDB_ins_code_1   ? 
_pdbx_validate_close_contact.label_alt_id_1   ? 
_pdbx_validate_close_contact.auth_atom_id_2   C1 
_pdbx_validate_close_contact.auth_asym_id_2   A 
_pdbx_validate_close_contact.auth_comp_id_2   GOL 
_pdbx_validate_close_contact.auth_seq_id_2    201 
_pdbx_validate_close_contact.PDB_ins_code_2   ? 
_pdbx_validate_close_contact.label_alt_id_2   ? 
_pdbx_validate_close_contact.dist             1.47 
# 
loop_
_pdbx_distant_solvent_atoms.id 
_pdbx_distant_solvent_atoms.PDB_model_num 
_pdbx_distant_solvent_atoms.auth_atom_id 
_pdbx_distant_solvent_atoms.label_alt_id 
_pdbx_distant_solvent_atoms.auth_asym_id 
_pdbx_distant_solvent_atoms.auth_comp_id 
_pdbx_distant_solvent_atoms.auth_seq_id 
_pdbx_distant_solvent_atoms.PDB_ins_code 
_pdbx_distant_solvent_atoms.neighbor_macromolecule_distance 
_pdbx_distant_solvent_atoms.neighbor_ligand_distance 
1 1 O ? A HOH 414 ? 5.96 . 
2 1 O ? A HOH 415 ? 5.98 . 
# 
loop_
_chem_comp_atom.comp_id 
_chem_comp_atom.atom_id 
_chem_comp_atom.type_symbol 
_chem_comp_atom.pdbx_aromatic_flag 
_chem_comp_atom.pdbx_stereo_config 
_chem_comp_atom.pdbx_ordinal 
ALA N    N N N 1   
ALA CA   C N S 2   
ALA C    C N N 3   
ALA O    O N N 4   
ALA CB   C N N 5   
ALA OXT  O N N 6   
ALA H    H N N 7   
ALA H2   H N N 8   
ALA HA   H N N 9   
ALA HB1  H N N 10  
ALA HB2  H N N 11  
ALA HB3  H N N 12  
ALA HXT  H N N 13  
ARG N    N N N 14  
ARG CA   C N S 15  
ARG C    C N N 16  
ARG O    O N N 17  
ARG CB   C N N 18  
ARG CG   C N N 19  
ARG CD   C N N 20  
ARG NE   N N N 21  
ARG CZ   C N N 22  
ARG NH1  N N N 23  
ARG NH2  N N N 24  
ARG OXT  O N N 25  
ARG H    H N N 26  
ARG H2   H N N 27  
ARG HA   H N N 28  
ARG HB2  H N N 29  
ARG HB3  H N N 30  
ARG HG2  H N N 31  
ARG HG3  H N N 32  
ARG HD2  H N N 33  
ARG HD3  H N N 34  
ARG HE   H N N 35  
ARG HH11 H N N 36  
ARG HH12 H N N 37  
ARG HH21 H N N 38  
ARG HH22 H N N 39  
ARG HXT  H N N 40  
ASN N    N N N 41  
ASN CA   C N S 42  
ASN C    C N N 43  
ASN O    O N N 44  
ASN CB   C N N 45  
ASN CG   C N N 46  
ASN OD1  O N N 47  
ASN ND2  N N N 48  
ASN OXT  O N N 49  
ASN H    H N N 50  
ASN H2   H N N 51  
ASN HA   H N N 52  
ASN HB2  H N N 53  
ASN HB3  H N N 54  
ASN HD21 H N N 55  
ASN HD22 H N N 56  
ASN HXT  H N N 57  
ASP N    N N N 58  
ASP CA   C N S 59  
ASP C    C N N 60  
ASP O    O N N 61  
ASP CB   C N N 62  
ASP CG   C N N 63  
ASP OD1  O N N 64  
ASP OD2  O N N 65  
ASP OXT  O N N 66  
ASP H    H N N 67  
ASP H2   H N N 68  
ASP HA   H N N 69  
ASP HB2  H N N 70  
ASP HB3  H N N 71  
ASP HD2  H N N 72  
ASP HXT  H N N 73  
CYS N    N N N 74  
CYS CA   C N R 75  
CYS C    C N N 76  
CYS O    O N N 77  
CYS CB   C N N 78  
CYS SG   S N N 79  
CYS OXT  O N N 80  
CYS H    H N N 81  
CYS H2   H N N 82  
CYS HA   H N N 83  
CYS HB2  H N N 84  
CYS HB3  H N N 85  
CYS HG   H N N 86  
CYS HXT  H N N 87  
GAL C1   C N R 88  
GAL C2   C N R 89  
GAL C3   C N S 90  
GAL C4   C N R 91  
GAL C5   C N R 92  
GAL C6   C N N 93  
GAL O1   O N N 94  
GAL O2   O N N 95  
GAL O3   O N N 96  
GAL O4   O N N 97  
GAL O5   O N N 98  
GAL O6   O N N 99  
GAL H1   H N N 100 
GAL H2   H N N 101 
GAL H3   H N N 102 
GAL H4   H N N 103 
GAL H5   H N N 104 
GAL H61  H N N 105 
GAL H62  H N N 106 
GAL HO1  H N N 107 
GAL HO2  H N N 108 
GAL HO3  H N N 109 
GAL HO4  H N N 110 
GAL HO6  H N N 111 
GLN N    N N N 112 
GLN CA   C N S 113 
GLN C    C N N 114 
GLN O    O N N 115 
GLN CB   C N N 116 
GLN CG   C N N 117 
GLN CD   C N N 118 
GLN OE1  O N N 119 
GLN NE2  N N N 120 
GLN OXT  O N N 121 
GLN H    H N N 122 
GLN H2   H N N 123 
GLN HA   H N N 124 
GLN HB2  H N N 125 
GLN HB3  H N N 126 
GLN HG2  H N N 127 
GLN HG3  H N N 128 
GLN HE21 H N N 129 
GLN HE22 H N N 130 
GLN HXT  H N N 131 
GLU N    N N N 132 
GLU CA   C N S 133 
GLU C    C N N 134 
GLU O    O N N 135 
GLU CB   C N N 136 
GLU CG   C N N 137 
GLU CD   C N N 138 
GLU OE1  O N N 139 
GLU OE2  O N N 140 
GLU OXT  O N N 141 
GLU H    H N N 142 
GLU H2   H N N 143 
GLU HA   H N N 144 
GLU HB2  H N N 145 
GLU HB3  H N N 146 
GLU HG2  H N N 147 
GLU HG3  H N N 148 
GLU HE2  H N N 149 
GLU HXT  H N N 150 
GLY N    N N N 151 
GLY CA   C N N 152 
GLY C    C N N 153 
GLY O    O N N 154 
GLY OXT  O N N 155 
GLY H    H N N 156 
GLY H2   H N N 157 
GLY HA2  H N N 158 
GLY HA3  H N N 159 
GLY HXT  H N N 160 
GOL C1   C N N 161 
GOL O1   O N N 162 
GOL C2   C N N 163 
GOL O2   O N N 164 
GOL C3   C N N 165 
GOL O3   O N N 166 
GOL H11  H N N 167 
GOL H12  H N N 168 
GOL HO1  H N N 169 
GOL H2   H N N 170 
GOL HO2  H N N 171 
GOL H31  H N N 172 
GOL H32  H N N 173 
GOL HO3  H N N 174 
HIS N    N N N 175 
HIS CA   C N S 176 
HIS C    C N N 177 
HIS O    O N N 178 
HIS CB   C N N 179 
HIS CG   C Y N 180 
HIS ND1  N Y N 181 
HIS CD2  C Y N 182 
HIS CE1  C Y N 183 
HIS NE2  N Y N 184 
HIS OXT  O N N 185 
HIS H    H N N 186 
HIS H2   H N N 187 
HIS HA   H N N 188 
HIS HB2  H N N 189 
HIS HB3  H N N 190 
HIS HD1  H N N 191 
HIS HD2  H N N 192 
HIS HE1  H N N 193 
HIS HE2  H N N 194 
HIS HXT  H N N 195 
HOH O    O N N 196 
HOH H1   H N N 197 
HOH H2   H N N 198 
ILE N    N N N 199 
ILE CA   C N S 200 
ILE C    C N N 201 
ILE O    O N N 202 
ILE CB   C N S 203 
ILE CG1  C N N 204 
ILE CG2  C N N 205 
ILE CD1  C N N 206 
ILE OXT  O N N 207 
ILE H    H N N 208 
ILE H2   H N N 209 
ILE HA   H N N 210 
ILE HB   H N N 211 
ILE HG12 H N N 212 
ILE HG13 H N N 213 
ILE HG21 H N N 214 
ILE HG22 H N N 215 
ILE HG23 H N N 216 
ILE HD11 H N N 217 
ILE HD12 H N N 218 
ILE HD13 H N N 219 
ILE HXT  H N N 220 
LEU N    N N N 221 
LEU CA   C N S 222 
LEU C    C N N 223 
LEU O    O N N 224 
LEU CB   C N N 225 
LEU CG   C N N 226 
LEU CD1  C N N 227 
LEU CD2  C N N 228 
LEU OXT  O N N 229 
LEU H    H N N 230 
LEU H2   H N N 231 
LEU HA   H N N 232 
LEU HB2  H N N 233 
LEU HB3  H N N 234 
LEU HG   H N N 235 
LEU HD11 H N N 236 
LEU HD12 H N N 237 
LEU HD13 H N N 238 
LEU HD21 H N N 239 
LEU HD22 H N N 240 
LEU HD23 H N N 241 
LEU HXT  H N N 242 
LYS N    N N N 243 
LYS CA   C N S 244 
LYS C    C N N 245 
LYS O    O N N 246 
LYS CB   C N N 247 
LYS CG   C N N 248 
LYS CD   C N N 249 
LYS CE   C N N 250 
LYS NZ   N N N 251 
LYS OXT  O N N 252 
LYS H    H N N 253 
LYS H2   H N N 254 
LYS HA   H N N 255 
LYS HB2  H N N 256 
LYS HB3  H N N 257 
LYS HG2  H N N 258 
LYS HG3  H N N 259 
LYS HD2  H N N 260 
LYS HD3  H N N 261 
LYS HE2  H N N 262 
LYS HE3  H N N 263 
LYS HZ1  H N N 264 
LYS HZ2  H N N 265 
LYS HZ3  H N N 266 
LYS HXT  H N N 267 
MET N    N N N 268 
MET CA   C N S 269 
MET C    C N N 270 
MET O    O N N 271 
MET CB   C N N 272 
MET CG   C N N 273 
MET SD   S N N 274 
MET CE   C N N 275 
MET OXT  O N N 276 
MET H    H N N 277 
MET H2   H N N 278 
MET HA   H N N 279 
MET HB2  H N N 280 
MET HB3  H N N 281 
MET HG2  H N N 282 
MET HG3  H N N 283 
MET HE1  H N N 284 
MET HE2  H N N 285 
MET HE3  H N N 286 
MET HXT  H N N 287 
NAG C1   C N R 288 
NAG C2   C N R 289 
NAG C3   C N R 290 
NAG C4   C N S 291 
NAG C5   C N R 292 
NAG C6   C N N 293 
NAG C7   C N N 294 
NAG C8   C N N 295 
NAG N2   N N N 296 
NAG O1   O N N 297 
NAG O3   O N N 298 
NAG O4   O N N 299 
NAG O5   O N N 300 
NAG O6   O N N 301 
NAG O7   O N N 302 
NAG H1   H N N 303 
NAG H2   H N N 304 
NAG H3   H N N 305 
NAG H4   H N N 306 
NAG H5   H N N 307 
NAG H61  H N N 308 
NAG H62  H N N 309 
NAG H81  H N N 310 
NAG H82  H N N 311 
NAG H83  H N N 312 
NAG HN2  H N N 313 
NAG HO1  H N N 314 
NAG HO3  H N N 315 
NAG HO4  H N N 316 
NAG HO6  H N N 317 
PHE N    N N N 318 
PHE CA   C N S 319 
PHE C    C N N 320 
PHE O    O N N 321 
PHE CB   C N N 322 
PHE CG   C Y N 323 
PHE CD1  C Y N 324 
PHE CD2  C Y N 325 
PHE CE1  C Y N 326 
PHE CE2  C Y N 327 
PHE CZ   C Y N 328 
PHE OXT  O N N 329 
PHE H    H N N 330 
PHE H2   H N N 331 
PHE HA   H N N 332 
PHE HB2  H N N 333 
PHE HB3  H N N 334 
PHE HD1  H N N 335 
PHE HD2  H N N 336 
PHE HE1  H N N 337 
PHE HE2  H N N 338 
PHE HZ   H N N 339 
PHE HXT  H N N 340 
PRO N    N N N 341 
PRO CA   C N S 342 
PRO C    C N N 343 
PRO O    O N N 344 
PRO CB   C N N 345 
PRO CG   C N N 346 
PRO CD   C N N 347 
PRO OXT  O N N 348 
PRO H    H N N 349 
PRO HA   H N N 350 
PRO HB2  H N N 351 
PRO HB3  H N N 352 
PRO HG2  H N N 353 
PRO HG3  H N N 354 
PRO HD2  H N N 355 
PRO HD3  H N N 356 
PRO HXT  H N N 357 
SER N    N N N 358 
SER CA   C N S 359 
SER C    C N N 360 
SER O    O N N 361 
SER CB   C N N 362 
SER OG   O N N 363 
SER OXT  O N N 364 
SER H    H N N 365 
SER H2   H N N 366 
SER HA   H N N 367 
SER HB2  H N N 368 
SER HB3  H N N 369 
SER HG   H N N 370 
SER HXT  H N N 371 
THR N    N N N 372 
THR CA   C N S 373 
THR C    C N N 374 
THR O    O N N 375 
THR CB   C N R 376 
THR OG1  O N N 377 
THR CG2  C N N 378 
THR OXT  O N N 379 
THR H    H N N 380 
THR H2   H N N 381 
THR HA   H N N 382 
THR HB   H N N 383 
THR HG1  H N N 384 
THR HG21 H N N 385 
THR HG22 H N N 386 
THR HG23 H N N 387 
THR HXT  H N N 388 
TRP N    N N N 389 
TRP CA   C N S 390 
TRP C    C N N 391 
TRP O    O N N 392 
TRP CB   C N N 393 
TRP CG   C Y N 394 
TRP CD1  C Y N 395 
TRP CD2  C Y N 396 
TRP NE1  N Y N 397 
TRP CE2  C Y N 398 
TRP CE3  C Y N 399 
TRP CZ2  C Y N 400 
TRP CZ3  C Y N 401 
TRP CH2  C Y N 402 
TRP OXT  O N N 403 
TRP H    H N N 404 
TRP H2   H N N 405 
TRP HA   H N N 406 
TRP HB2  H N N 407 
TRP HB3  H N N 408 
TRP HD1  H N N 409 
TRP HE1  H N N 410 
TRP HE3  H N N 411 
TRP HZ2  H N N 412 
TRP HZ3  H N N 413 
TRP HH2  H N N 414 
TRP HXT  H N N 415 
TYR N    N N N 416 
TYR CA   C N S 417 
TYR C    C N N 418 
TYR O    O N N 419 
TYR CB   C N N 420 
TYR CG   C Y N 421 
TYR CD1  C Y N 422 
TYR CD2  C Y N 423 
TYR CE1  C Y N 424 
TYR CE2  C Y N 425 
TYR CZ   C Y N 426 
TYR OH   O N N 427 
TYR OXT  O N N 428 
TYR H    H N N 429 
TYR H2   H N N 430 
TYR HA   H N N 431 
TYR HB2  H N N 432 
TYR HB3  H N N 433 
TYR HD1  H N N 434 
TYR HD2  H N N 435 
TYR HE1  H N N 436 
TYR HE2  H N N 437 
TYR HH   H N N 438 
TYR HXT  H N N 439 
VAL N    N N N 440 
VAL CA   C N S 441 
VAL C    C N N 442 
VAL O    O N N 443 
VAL CB   C N N 444 
VAL CG1  C N N 445 
VAL CG2  C N N 446 
VAL OXT  O N N 447 
VAL H    H N N 448 
VAL H2   H N N 449 
VAL HA   H N N 450 
VAL HB   H N N 451 
VAL HG11 H N N 452 
VAL HG12 H N N 453 
VAL HG13 H N N 454 
VAL HG21 H N N 455 
VAL HG22 H N N 456 
VAL HG23 H N N 457 
VAL HXT  H N N 458 
# 
loop_
_chem_comp_bond.comp_id 
_chem_comp_bond.atom_id_1 
_chem_comp_bond.atom_id_2 
_chem_comp_bond.value_order 
_chem_comp_bond.pdbx_aromatic_flag 
_chem_comp_bond.pdbx_stereo_config 
_chem_comp_bond.pdbx_ordinal 
ALA N   CA   sing N N 1   
ALA N   H    sing N N 2   
ALA N   H2   sing N N 3   
ALA CA  C    sing N N 4   
ALA CA  CB   sing N N 5   
ALA CA  HA   sing N N 6   
ALA C   O    doub N N 7   
ALA C   OXT  sing N N 8   
ALA CB  HB1  sing N N 9   
ALA CB  HB2  sing N N 10  
ALA CB  HB3  sing N N 11  
ALA OXT HXT  sing N N 12  
ARG N   CA   sing N N 13  
ARG N   H    sing N N 14  
ARG N   H2   sing N N 15  
ARG CA  C    sing N N 16  
ARG CA  CB   sing N N 17  
ARG CA  HA   sing N N 18  
ARG C   O    doub N N 19  
ARG C   OXT  sing N N 20  
ARG CB  CG   sing N N 21  
ARG CB  HB2  sing N N 22  
ARG CB  HB3  sing N N 23  
ARG CG  CD   sing N N 24  
ARG CG  HG2  sing N N 25  
ARG CG  HG3  sing N N 26  
ARG CD  NE   sing N N 27  
ARG CD  HD2  sing N N 28  
ARG CD  HD3  sing N N 29  
ARG NE  CZ   sing N N 30  
ARG NE  HE   sing N N 31  
ARG CZ  NH1  sing N N 32  
ARG CZ  NH2  doub N N 33  
ARG NH1 HH11 sing N N 34  
ARG NH1 HH12 sing N N 35  
ARG NH2 HH21 sing N N 36  
ARG NH2 HH22 sing N N 37  
ARG OXT HXT  sing N N 38  
ASN N   CA   sing N N 39  
ASN N   H    sing N N 40  
ASN N   H2   sing N N 41  
ASN CA  C    sing N N 42  
ASN CA  CB   sing N N 43  
ASN CA  HA   sing N N 44  
ASN C   O    doub N N 45  
ASN C   OXT  sing N N 46  
ASN CB  CG   sing N N 47  
ASN CB  HB2  sing N N 48  
ASN CB  HB3  sing N N 49  
ASN CG  OD1  doub N N 50  
ASN CG  ND2  sing N N 51  
ASN ND2 HD21 sing N N 52  
ASN ND2 HD22 sing N N 53  
ASN OXT HXT  sing N N 54  
ASP N   CA   sing N N 55  
ASP N   H    sing N N 56  
ASP N   H2   sing N N 57  
ASP CA  C    sing N N 58  
ASP CA  CB   sing N N 59  
ASP CA  HA   sing N N 60  
ASP C   O    doub N N 61  
ASP C   OXT  sing N N 62  
ASP CB  CG   sing N N 63  
ASP CB  HB2  sing N N 64  
ASP CB  HB3  sing N N 65  
ASP CG  OD1  doub N N 66  
ASP CG  OD2  sing N N 67  
ASP OD2 HD2  sing N N 68  
ASP OXT HXT  sing N N 69  
CYS N   CA   sing N N 70  
CYS N   H    sing N N 71  
CYS N   H2   sing N N 72  
CYS CA  C    sing N N 73  
CYS CA  CB   sing N N 74  
CYS CA  HA   sing N N 75  
CYS C   O    doub N N 76  
CYS C   OXT  sing N N 77  
CYS CB  SG   sing N N 78  
CYS CB  HB2  sing N N 79  
CYS CB  HB3  sing N N 80  
CYS SG  HG   sing N N 81  
CYS OXT HXT  sing N N 82  
GAL C1  C2   sing N N 83  
GAL C1  O1   sing N N 84  
GAL C1  O5   sing N N 85  
GAL C1  H1   sing N N 86  
GAL C2  C3   sing N N 87  
GAL C2  O2   sing N N 88  
GAL C2  H2   sing N N 89  
GAL C3  C4   sing N N 90  
GAL C3  O3   sing N N 91  
GAL C3  H3   sing N N 92  
GAL C4  C5   sing N N 93  
GAL C4  O4   sing N N 94  
GAL C4  H4   sing N N 95  
GAL C5  C6   sing N N 96  
GAL C5  O5   sing N N 97  
GAL C5  H5   sing N N 98  
GAL C6  O6   sing N N 99  
GAL C6  H61  sing N N 100 
GAL C6  H62  sing N N 101 
GAL O1  HO1  sing N N 102 
GAL O2  HO2  sing N N 103 
GAL O3  HO3  sing N N 104 
GAL O4  HO4  sing N N 105 
GAL O6  HO6  sing N N 106 
GLN N   CA   sing N N 107 
GLN N   H    sing N N 108 
GLN N   H2   sing N N 109 
GLN CA  C    sing N N 110 
GLN CA  CB   sing N N 111 
GLN CA  HA   sing N N 112 
GLN C   O    doub N N 113 
GLN C   OXT  sing N N 114 
GLN CB  CG   sing N N 115 
GLN CB  HB2  sing N N 116 
GLN CB  HB3  sing N N 117 
GLN CG  CD   sing N N 118 
GLN CG  HG2  sing N N 119 
GLN CG  HG3  sing N N 120 
GLN CD  OE1  doub N N 121 
GLN CD  NE2  sing N N 122 
GLN NE2 HE21 sing N N 123 
GLN NE2 HE22 sing N N 124 
GLN OXT HXT  sing N N 125 
GLU N   CA   sing N N 126 
GLU N   H    sing N N 127 
GLU N   H2   sing N N 128 
GLU CA  C    sing N N 129 
GLU CA  CB   sing N N 130 
GLU CA  HA   sing N N 131 
GLU C   O    doub N N 132 
GLU C   OXT  sing N N 133 
GLU CB  CG   sing N N 134 
GLU CB  HB2  sing N N 135 
GLU CB  HB3  sing N N 136 
GLU CG  CD   sing N N 137 
GLU CG  HG2  sing N N 138 
GLU CG  HG3  sing N N 139 
GLU CD  OE1  doub N N 140 
GLU CD  OE2  sing N N 141 
GLU OE2 HE2  sing N N 142 
GLU OXT HXT  sing N N 143 
GLY N   CA   sing N N 144 
GLY N   H    sing N N 145 
GLY N   H2   sing N N 146 
GLY CA  C    sing N N 147 
GLY CA  HA2  sing N N 148 
GLY CA  HA3  sing N N 149 
GLY C   O    doub N N 150 
GLY C   OXT  sing N N 151 
GLY OXT HXT  sing N N 152 
GOL C1  O1   sing N N 153 
GOL C1  C2   sing N N 154 
GOL C1  H11  sing N N 155 
GOL C1  H12  sing N N 156 
GOL O1  HO1  sing N N 157 
GOL C2  O2   sing N N 158 
GOL C2  C3   sing N N 159 
GOL C2  H2   sing N N 160 
GOL O2  HO2  sing N N 161 
GOL C3  O3   sing N N 162 
GOL C3  H31  sing N N 163 
GOL C3  H32  sing N N 164 
GOL O3  HO3  sing N N 165 
HIS N   CA   sing N N 166 
HIS N   H    sing N N 167 
HIS N   H2   sing N N 168 
HIS CA  C    sing N N 169 
HIS CA  CB   sing N N 170 
HIS CA  HA   sing N N 171 
HIS C   O    doub N N 172 
HIS C   OXT  sing N N 173 
HIS CB  CG   sing N N 174 
HIS CB  HB2  sing N N 175 
HIS CB  HB3  sing N N 176 
HIS CG  ND1  sing Y N 177 
HIS CG  CD2  doub Y N 178 
HIS ND1 CE1  doub Y N 179 
HIS ND1 HD1  sing N N 180 
HIS CD2 NE2  sing Y N 181 
HIS CD2 HD2  sing N N 182 
HIS CE1 NE2  sing Y N 183 
HIS CE1 HE1  sing N N 184 
HIS NE2 HE2  sing N N 185 
HIS OXT HXT  sing N N 186 
HOH O   H1   sing N N 187 
HOH O   H2   sing N N 188 
ILE N   CA   sing N N 189 
ILE N   H    sing N N 190 
ILE N   H2   sing N N 191 
ILE CA  C    sing N N 192 
ILE CA  CB   sing N N 193 
ILE CA  HA   sing N N 194 
ILE C   O    doub N N 195 
ILE C   OXT  sing N N 196 
ILE CB  CG1  sing N N 197 
ILE CB  CG2  sing N N 198 
ILE CB  HB   sing N N 199 
ILE CG1 CD1  sing N N 200 
ILE CG1 HG12 sing N N 201 
ILE CG1 HG13 sing N N 202 
ILE CG2 HG21 sing N N 203 
ILE CG2 HG22 sing N N 204 
ILE CG2 HG23 sing N N 205 
ILE CD1 HD11 sing N N 206 
ILE CD1 HD12 sing N N 207 
ILE CD1 HD13 sing N N 208 
ILE OXT HXT  sing N N 209 
LEU N   CA   sing N N 210 
LEU N   H    sing N N 211 
LEU N   H2   sing N N 212 
LEU CA  C    sing N N 213 
LEU CA  CB   sing N N 214 
LEU CA  HA   sing N N 215 
LEU C   O    doub N N 216 
LEU C   OXT  sing N N 217 
LEU CB  CG   sing N N 218 
LEU CB  HB2  sing N N 219 
LEU CB  HB3  sing N N 220 
LEU CG  CD1  sing N N 221 
LEU CG  CD2  sing N N 222 
LEU CG  HG   sing N N 223 
LEU CD1 HD11 sing N N 224 
LEU CD1 HD12 sing N N 225 
LEU CD1 HD13 sing N N 226 
LEU CD2 HD21 sing N N 227 
LEU CD2 HD22 sing N N 228 
LEU CD2 HD23 sing N N 229 
LEU OXT HXT  sing N N 230 
LYS N   CA   sing N N 231 
LYS N   H    sing N N 232 
LYS N   H2   sing N N 233 
LYS CA  C    sing N N 234 
LYS CA  CB   sing N N 235 
LYS CA  HA   sing N N 236 
LYS C   O    doub N N 237 
LYS C   OXT  sing N N 238 
LYS CB  CG   sing N N 239 
LYS CB  HB2  sing N N 240 
LYS CB  HB3  sing N N 241 
LYS CG  CD   sing N N 242 
LYS CG  HG2  sing N N 243 
LYS CG  HG3  sing N N 244 
LYS CD  CE   sing N N 245 
LYS CD  HD2  sing N N 246 
LYS CD  HD3  sing N N 247 
LYS CE  NZ   sing N N 248 
LYS CE  HE2  sing N N 249 
LYS CE  HE3  sing N N 250 
LYS NZ  HZ1  sing N N 251 
LYS NZ  HZ2  sing N N 252 
LYS NZ  HZ3  sing N N 253 
LYS OXT HXT  sing N N 254 
MET N   CA   sing N N 255 
MET N   H    sing N N 256 
MET N   H2   sing N N 257 
MET CA  C    sing N N 258 
MET CA  CB   sing N N 259 
MET CA  HA   sing N N 260 
MET C   O    doub N N 261 
MET C   OXT  sing N N 262 
MET CB  CG   sing N N 263 
MET CB  HB2  sing N N 264 
MET CB  HB3  sing N N 265 
MET CG  SD   sing N N 266 
MET CG  HG2  sing N N 267 
MET CG  HG3  sing N N 268 
MET SD  CE   sing N N 269 
MET CE  HE1  sing N N 270 
MET CE  HE2  sing N N 271 
MET CE  HE3  sing N N 272 
MET OXT HXT  sing N N 273 
NAG C1  C2   sing N N 274 
NAG C1  O1   sing N N 275 
NAG C1  O5   sing N N 276 
NAG C1  H1   sing N N 277 
NAG C2  C3   sing N N 278 
NAG C2  N2   sing N N 279 
NAG C2  H2   sing N N 280 
NAG C3  C4   sing N N 281 
NAG C3  O3   sing N N 282 
NAG C3  H3   sing N N 283 
NAG C4  C5   sing N N 284 
NAG C4  O4   sing N N 285 
NAG C4  H4   sing N N 286 
NAG C5  C6   sing N N 287 
NAG C5  O5   sing N N 288 
NAG C5  H5   sing N N 289 
NAG C6  O6   sing N N 290 
NAG C6  H61  sing N N 291 
NAG C6  H62  sing N N 292 
NAG C7  C8   sing N N 293 
NAG C7  N2   sing N N 294 
NAG C7  O7   doub N N 295 
NAG C8  H81  sing N N 296 
NAG C8  H82  sing N N 297 
NAG C8  H83  sing N N 298 
NAG N2  HN2  sing N N 299 
NAG O1  HO1  sing N N 300 
NAG O3  HO3  sing N N 301 
NAG O4  HO4  sing N N 302 
NAG O6  HO6  sing N N 303 
PHE N   CA   sing N N 304 
PHE N   H    sing N N 305 
PHE N   H2   sing N N 306 
PHE CA  C    sing N N 307 
PHE CA  CB   sing N N 308 
PHE CA  HA   sing N N 309 
PHE C   O    doub N N 310 
PHE C   OXT  sing N N 311 
PHE CB  CG   sing N N 312 
PHE CB  HB2  sing N N 313 
PHE CB  HB3  sing N N 314 
PHE CG  CD1  doub Y N 315 
PHE CG  CD2  sing Y N 316 
PHE CD1 CE1  sing Y N 317 
PHE CD1 HD1  sing N N 318 
PHE CD2 CE2  doub Y N 319 
PHE CD2 HD2  sing N N 320 
PHE CE1 CZ   doub Y N 321 
PHE CE1 HE1  sing N N 322 
PHE CE2 CZ   sing Y N 323 
PHE CE2 HE2  sing N N 324 
PHE CZ  HZ   sing N N 325 
PHE OXT HXT  sing N N 326 
PRO N   CA   sing N N 327 
PRO N   CD   sing N N 328 
PRO N   H    sing N N 329 
PRO CA  C    sing N N 330 
PRO CA  CB   sing N N 331 
PRO CA  HA   sing N N 332 
PRO C   O    doub N N 333 
PRO C   OXT  sing N N 334 
PRO CB  CG   sing N N 335 
PRO CB  HB2  sing N N 336 
PRO CB  HB3  sing N N 337 
PRO CG  CD   sing N N 338 
PRO CG  HG2  sing N N 339 
PRO CG  HG3  sing N N 340 
PRO CD  HD2  sing N N 341 
PRO CD  HD3  sing N N 342 
PRO OXT HXT  sing N N 343 
SER N   CA   sing N N 344 
SER N   H    sing N N 345 
SER N   H2   sing N N 346 
SER CA  C    sing N N 347 
SER CA  CB   sing N N 348 
SER CA  HA   sing N N 349 
SER C   O    doub N N 350 
SER C   OXT  sing N N 351 
SER CB  OG   sing N N 352 
SER CB  HB2  sing N N 353 
SER CB  HB3  sing N N 354 
SER OG  HG   sing N N 355 
SER OXT HXT  sing N N 356 
THR N   CA   sing N N 357 
THR N   H    sing N N 358 
THR N   H2   sing N N 359 
THR CA  C    sing N N 360 
THR CA  CB   sing N N 361 
THR CA  HA   sing N N 362 
THR C   O    doub N N 363 
THR C   OXT  sing N N 364 
THR CB  OG1  sing N N 365 
THR CB  CG2  sing N N 366 
THR CB  HB   sing N N 367 
THR OG1 HG1  sing N N 368 
THR CG2 HG21 sing N N 369 
THR CG2 HG22 sing N N 370 
THR CG2 HG23 sing N N 371 
THR OXT HXT  sing N N 372 
TRP N   CA   sing N N 373 
TRP N   H    sing N N 374 
TRP N   H2   sing N N 375 
TRP CA  C    sing N N 376 
TRP CA  CB   sing N N 377 
TRP CA  HA   sing N N 378 
TRP C   O    doub N N 379 
TRP C   OXT  sing N N 380 
TRP CB  CG   sing N N 381 
TRP CB  HB2  sing N N 382 
TRP CB  HB3  sing N N 383 
TRP CG  CD1  doub Y N 384 
TRP CG  CD2  sing Y N 385 
TRP CD1 NE1  sing Y N 386 
TRP CD1 HD1  sing N N 387 
TRP CD2 CE2  doub Y N 388 
TRP CD2 CE3  sing Y N 389 
TRP NE1 CE2  sing Y N 390 
TRP NE1 HE1  sing N N 391 
TRP CE2 CZ2  sing Y N 392 
TRP CE3 CZ3  doub Y N 393 
TRP CE3 HE3  sing N N 394 
TRP CZ2 CH2  doub Y N 395 
TRP CZ2 HZ2  sing N N 396 
TRP CZ3 CH2  sing Y N 397 
TRP CZ3 HZ3  sing N N 398 
TRP CH2 HH2  sing N N 399 
TRP OXT HXT  sing N N 400 
TYR N   CA   sing N N 401 
TYR N   H    sing N N 402 
TYR N   H2   sing N N 403 
TYR CA  C    sing N N 404 
TYR CA  CB   sing N N 405 
TYR CA  HA   sing N N 406 
TYR C   O    doub N N 407 
TYR C   OXT  sing N N 408 
TYR CB  CG   sing N N 409 
TYR CB  HB2  sing N N 410 
TYR CB  HB3  sing N N 411 
TYR CG  CD1  doub Y N 412 
TYR CG  CD2  sing Y N 413 
TYR CD1 CE1  sing Y N 414 
TYR CD1 HD1  sing N N 415 
TYR CD2 CE2  doub Y N 416 
TYR CD2 HD2  sing N N 417 
TYR CE1 CZ   doub Y N 418 
TYR CE1 HE1  sing N N 419 
TYR CE2 CZ   sing Y N 420 
TYR CE2 HE2  sing N N 421 
TYR CZ  OH   sing N N 422 
TYR OH  HH   sing N N 423 
TYR OXT HXT  sing N N 424 
VAL N   CA   sing N N 425 
VAL N   H    sing N N 426 
VAL N   H2   sing N N 427 
VAL CA  C    sing N N 428 
VAL CA  CB   sing N N 429 
VAL CA  HA   sing N N 430 
VAL C   O    doub N N 431 
VAL C   OXT  sing N N 432 
VAL CB  CG1  sing N N 433 
VAL CB  CG2  sing N N 434 
VAL CB  HB   sing N N 435 
VAL CG1 HG11 sing N N 436 
VAL CG1 HG12 sing N N 437 
VAL CG1 HG13 sing N N 438 
VAL CG2 HG21 sing N N 439 
VAL CG2 HG22 sing N N 440 
VAL CG2 HG23 sing N N 441 
VAL OXT HXT  sing N N 442 
# 
loop_
_pdbx_entity_branch_list.entity_id 
_pdbx_entity_branch_list.comp_id 
_pdbx_entity_branch_list.num 
_pdbx_entity_branch_list.hetero 
2 NAG 1 n 
2 GAL 2 n 
# 
_pdbx_initial_refinement_model.id               1 
_pdbx_initial_refinement_model.entity_id_list   ? 
_pdbx_initial_refinement_model.type             'experimental model' 
_pdbx_initial_refinement_model.source_name      PDB 
_pdbx_initial_refinement_model.accession_code   1LZ1 
_pdbx_initial_refinement_model.details          'NATIVE HUMAN LYSOZYME (PDB ENTRY 1LZ1)' 
# 
_atom_sites.entry_id                    1REZ 
_atom_sites.fract_transf_matrix[1][1]   0.01027192 
_atom_sites.fract_transf_matrix[1][2]   -0.00582534 
_atom_sites.fract_transf_matrix[1][3]   -0.01239546 
_atom_sites.fract_transf_matrix[2][1]   0.00807871 
_atom_sites.fract_transf_matrix[2][2]   -0.00920064 
_atom_sites.fract_transf_matrix[2][3]   0.01101860 
_atom_sites.fract_transf_matrix[3][1]   -0.01924599 
_atom_sites.fract_transf_matrix[3][2]   -0.02303488 
_atom_sites.fract_transf_matrix[3][3]   -0.00512342 
_atom_sites.fract_transf_vector[1]      0.223643 
_atom_sites.fract_transf_vector[2]      0.241913 
_atom_sites.fract_transf_vector[3]      0.871941 
# 
loop_
_atom_type.symbol 
C 
N 
O 
S 
# 
loop_
_atom_site.group_PDB 
_atom_site.id 
_atom_site.type_symbol 
_atom_site.label_atom_id 
_atom_site.label_alt_id 
_atom_site.label_comp_id 
_atom_site.label_asym_id 
_atom_site.label_entity_id 
_atom_site.label_seq_id 
_atom_site.pdbx_PDB_ins_code 
_atom_site.Cartn_x 
_atom_site.Cartn_y 
_atom_site.Cartn_z 
_atom_site.occupancy 
_atom_site.B_iso_or_equiv 
_atom_site.pdbx_formal_charge 
_atom_site.auth_seq_id 
_atom_site.auth_comp_id 
_atom_site.auth_asym_id 
_atom_site.auth_atom_id 
_atom_site.pdbx_PDB_model_num 
ATOM   1    N N   . LYS A 1 1   ? -0.065  6.586   12.424  1.00 23.93 ? 1   LYS A N   1 
ATOM   2    C CA  . LYS A 1 1   ? 1.382   6.476   12.752  1.00 21.28 ? 1   LYS A CA  1 
ATOM   3    C C   . LYS A 1 1   ? 2.231   6.694   11.512  1.00 20.55 ? 1   LYS A C   1 
ATOM   4    O O   . LYS A 1 1   ? 1.912   6.160   10.445  1.00 19.39 ? 1   LYS A O   1 
ATOM   5    C CB  . LYS A 1 1   ? 1.676   5.082   13.277  1.00 19.17 ? 1   LYS A CB  1 
ATOM   6    C CG  . LYS A 1 1   ? 3.134   4.689   13.312  1.00 18.73 ? 1   LYS A CG  1 
ATOM   7    C CD  . LYS A 1 1   ? 3.233   3.232   13.742  1.00 21.76 ? 1   LYS A CD  1 
ATOM   8    C CE  . LYS A 1 1   ? 4.665   2.737   13.739  1.00 24.32 ? 1   LYS A CE  1 
ATOM   9    N NZ  . LYS A 1 1   ? 5.528   3.595   14.587  1.00 29.27 ? 1   LYS A NZ  1 
ATOM   10   N N   . VAL A 1 2   ? 3.241   7.552   11.630  1.00 17.78 ? 2   VAL A N   1 
ATOM   11   C CA  . VAL A 1 2   ? 4.165   7.775   10.528  1.00 17.96 ? 2   VAL A CA  1 
ATOM   12   C C   . VAL A 1 2   ? 5.383   6.931   10.912  1.00 19.02 ? 2   VAL A C   1 
ATOM   13   O O   . VAL A 1 2   ? 6.043   7.188   11.936  1.00 17.02 ? 2   VAL A O   1 
ATOM   14   C CB  . VAL A 1 2   ? 4.587   9.258   10.348  1.00 16.58 ? 2   VAL A CB  1 
ATOM   15   C CG1 . VAL A 1 2   ? 5.573   9.394   9.184   1.00 13.18 ? 2   VAL A CG1 1 
ATOM   16   C CG2 . VAL A 1 2   ? 3.369   10.111  10.073  1.00 16.98 ? 2   VAL A CG2 1 
ATOM   17   N N   . PHE A 1 3   ? 5.576   5.847   10.173  1.00 15.43 ? 3   PHE A N   1 
ATOM   18   C CA  . PHE A 1 3   ? 6.680   4.938   10.413  1.00 16.34 ? 3   PHE A CA  1 
ATOM   19   C C   . PHE A 1 3   ? 7.991   5.591   10.035  1.00 17.67 ? 3   PHE A C   1 
ATOM   20   O O   . PHE A 1 3   ? 8.021   6.570   9.284   1.00 17.88 ? 3   PHE A O   1 
ATOM   21   C CB  . PHE A 1 3   ? 6.547   3.712   9.515   1.00 17.11 ? 3   PHE A CB  1 
ATOM   22   C CG  . PHE A 1 3   ? 5.651   2.645   10.049  1.00 20.01 ? 3   PHE A CG  1 
ATOM   23   C CD1 . PHE A 1 3   ? 4.263   2.739   9.900   1.00 17.80 ? 3   PHE A CD1 1 
ATOM   24   C CD2 . PHE A 1 3   ? 6.191   1.497   10.618  1.00 17.21 ? 3   PHE A CD2 1 
ATOM   25   C CE1 . PHE A 1 3   ? 3.433   1.706   10.305  1.00 17.99 ? 3   PHE A CE1 1 
ATOM   26   C CE2 . PHE A 1 3   ? 5.363   0.453   11.029  1.00 17.32 ? 3   PHE A CE2 1 
ATOM   27   C CZ  . PHE A 1 3   ? 3.989   0.554   10.870  1.00 15.72 ? 3   PHE A CZ  1 
ATOM   28   N N   . GLU A 1 4   ? 9.077   5.082   10.604  1.00 19.07 ? 4   GLU A N   1 
ATOM   29   C CA  . GLU A 1 4   ? 10.421  5.536   10.248  1.00 18.29 ? 4   GLU A CA  1 
ATOM   30   C C   . GLU A 1 4   ? 10.777  4.555   9.126   1.00 13.53 ? 4   GLU A C   1 
ATOM   31   O O   . GLU A 1 4   ? 10.280  3.428   9.130   1.00 13.79 ? 4   GLU A O   1 
ATOM   32   C CB  . GLU A 1 4   ? 11.391  5.363   11.438  1.00 21.33 ? 4   GLU A CB  1 
ATOM   33   C CG  . GLU A 1 4   ? 11.073  6.249   12.628  1.00 24.73 ? 4   GLU A CG  1 
ATOM   34   C CD  . GLU A 1 4   ? 11.280  7.725   12.331  1.00 31.56 ? 4   GLU A CD  1 
ATOM   35   O OE1 . GLU A 1 4   ? 12.297  8.070   11.676  1.00 34.91 ? 4   GLU A OE1 1 
ATOM   36   O OE2 . GLU A 1 4   ? 10.440  8.547   12.762  1.00 35.89 ? 4   GLU A OE2 1 
ATOM   37   N N   . ARG A 1 5   ? 11.634  4.966   8.194   1.00 13.71 ? 5   ARG A N   1 
ATOM   38   C CA  . ARG A 1 5   ? 12.050  4.148   7.046   1.00 12.28 ? 5   ARG A CA  1 
ATOM   39   C C   . ARG A 1 5   ? 12.456  2.692   7.354   1.00 12.67 ? 5   ARG A C   1 
ATOM   40   O O   . ARG A 1 5   ? 11.844  1.752   6.868   1.00 10.10 ? 5   ARG A O   1 
ATOM   41   C CB  . ARG A 1 5   ? 13.170  4.868   6.271   1.00 8.89  ? 5   ARG A CB  1 
ATOM   42   C CG  . ARG A 1 5   ? 13.647  4.153   5.010   1.00 12.80 ? 5   ARG A CG  1 
ATOM   43   C CD  . ARG A 1 5   ? 14.730  4.939   4.265   1.00 15.39 ? 5   ARG A CD  1 
ATOM   44   N NE  . ARG A 1 5   ? 15.978  5.054   5.021   1.00 18.63 ? 5   ARG A NE  1 
ATOM   45   C CZ  . ARG A 1 5   ? 16.985  4.191   4.939   1.00 14.81 ? 5   ARG A CZ  1 
ATOM   46   N NH1 . ARG A 1 5   ? 16.877  3.148   4.147   1.00 14.21 ? 5   ARG A NH1 1 
ATOM   47   N NH2 . ARG A 1 5   ? 18.089  4.364   5.669   1.00 16.60 ? 5   ARG A NH2 1 
ATOM   48   N N   . CYS A 1 6   ? 13.500  2.514   8.156   1.00 13.33 ? 6   CYS A N   1 
ATOM   49   C CA  . CYS A 1 6   ? 13.959  1.168   8.487   1.00 11.90 ? 6   CYS A CA  1 
ATOM   50   C C   . CYS A 1 6   ? 12.989  0.385   9.340   1.00 11.12 ? 6   CYS A C   1 
ATOM   51   O O   . CYS A 1 6   ? 12.965  -0.840  9.276   1.00 11.94 ? 6   CYS A O   1 
ATOM   52   C CB  . CYS A 1 6   ? 15.345  1.224   9.127   1.00 14.94 ? 6   CYS A CB  1 
ATOM   53   S SG  . CYS A 1 6   ? 16.608  1.730   7.924   1.00 13.76 ? 6   CYS A SG  1 
ATOM   54   N N   . GLU A 1 7   ? 12.193  1.095   10.138  1.00 11.13 ? 7   GLU A N   1 
ATOM   55   C CA  . GLU A 1 7   ? 11.177  0.479   10.988  1.00 10.87 ? 7   GLU A CA  1 
ATOM   56   C C   . GLU A 1 7   ? 10.149  -0.204  10.092  1.00 10.67 ? 7   GLU A C   1 
ATOM   57   O O   . GLU A 1 7   ? 9.738   -1.347  10.327  1.00 10.96 ? 7   GLU A O   1 
ATOM   58   C CB  . GLU A 1 7   ? 10.463  1.554   11.808  1.00 13.78 ? 7   GLU A CB  1 
ATOM   59   C CG  . GLU A 1 7   ? 9.526   0.989   12.866  1.00 19.55 ? 7   GLU A CG  1 
ATOM   60   C CD  . GLU A 1 7   ? 8.504   2.000   13.401  1.00 22.58 ? 7   GLU A CD  1 
ATOM   61   O OE1 . GLU A 1 7   ? 8.570   3.217   13.057  1.00 22.38 ? 7   GLU A OE1 1 
ATOM   62   O OE2 . GLU A 1 7   ? 7.611   1.551   14.155  1.00 20.68 ? 7   GLU A OE2 1 
ATOM   63   N N   . LEU A 1 8   ? 9.725   0.510   9.063   1.00 10.63 ? 8   LEU A N   1 
ATOM   64   C CA  . LEU A 1 8   ? 8.746   -0.046  8.148   1.00 10.43 ? 8   LEU A CA  1 
ATOM   65   C C   . LEU A 1 8   ? 9.367   -1.205  7.348   1.00 9.27  ? 8   LEU A C   1 
ATOM   66   O O   . LEU A 1 8   ? 8.732   -2.239  7.156   1.00 10.95 ? 8   LEU A O   1 
ATOM   67   C CB  . LEU A 1 8   ? 8.229   1.050   7.222   1.00 10.76 ? 8   LEU A CB  1 
ATOM   68   C CG  . LEU A 1 8   ? 7.233   0.622   6.134   1.00 12.16 ? 8   LEU A CG  1 
ATOM   69   C CD1 . LEU A 1 8   ? 5.959   0.041   6.774   1.00 7.91  ? 8   LEU A CD1 1 
ATOM   70   C CD2 . LEU A 1 8   ? 6.925   1.816   5.217   1.00 12.35 ? 8   LEU A CD2 1 
ATOM   71   N N   . ALA A 1 9   ? 10.622  -1.054  6.940   1.00 9.15  ? 9   ALA A N   1 
ATOM   72   C CA  . ALA A 1 9   ? 11.293  -2.083  6.165   1.00 9.33  ? 9   ALA A CA  1 
ATOM   73   C C   . ALA A 1 9   ? 11.301  -3.404  6.930   1.00 10.84 ? 9   ALA A C   1 
ATOM   74   O O   . ALA A 1 9   ? 10.956  -4.445  6.374   1.00 10.60 ? 9   ALA A O   1 
ATOM   75   C CB  . ALA A 1 9   ? 12.705  -1.649  5.808   1.00 11.65 ? 9   ALA A CB  1 
ATOM   76   N N   . ARG A 1 10  ? 11.633  -3.362  8.217   1.00 12.83 ? 10  ARG A N   1 
ATOM   77   C CA  . ARG A 1 10  ? 11.652  -4.581  9.028   1.00 11.56 ? 10  ARG A CA  1 
ATOM   78   C C   . ARG A 1 10  ? 10.250  -5.175  9.234   1.00 10.98 ? 10  ARG A C   1 
ATOM   79   O O   . ARG A 1 10  ? 10.067  -6.401  9.213   1.00 9.22  ? 10  ARG A O   1 
ATOM   80   C CB  . ARG A 1 10  ? 12.326  -4.307  10.369  1.00 9.94  ? 10  ARG A CB  1 
ATOM   81   C CG  . ARG A 1 10  ? 13.824  -4.115  10.233  1.00 13.55 ? 10  ARG A CG  1 
ATOM   82   C CD  . ARG A 1 10  ? 14.498  -4.091  11.595  1.00 16.06 ? 10  ARG A CD  1 
ATOM   83   N NE  . ARG A 1 10  ? 14.102  -2.929  12.387  1.00 17.48 ? 10  ARG A NE  1 
ATOM   84   C CZ  . ARG A 1 10  ? 14.680  -1.731  12.281  1.00 17.13 ? 10  ARG A CZ  1 
ATOM   85   N NH1 . ARG A 1 10  ? 15.665  -1.541  11.409  1.00 16.52 ? 10  ARG A NH1 1 
ATOM   86   N NH2 . ARG A 1 10  ? 14.266  -0.727  13.041  1.00 16.69 ? 10  ARG A NH2 1 
ATOM   87   N N   . THR A 1 11  ? 9.264   -4.297  9.391   1.00 12.02 ? 11  THR A N   1 
ATOM   88   C CA  . THR A 1 11  ? 7.876   -4.710  9.581   1.00 11.80 ? 11  THR A CA  1 
ATOM   89   C C   . THR A 1 11  ? 7.342   -5.439  8.345   1.00 10.41 ? 11  THR A C   1 
ATOM   90   O O   . THR A 1 11  ? 6.756   -6.505  8.470   1.00 11.05 ? 11  THR A O   1 
ATOM   91   C CB  . THR A 1 11  ? 6.996   -3.505  9.914   1.00 10.32 ? 11  THR A CB  1 
ATOM   92   O OG1 . THR A 1 11  ? 7.529   -2.833  11.059  1.00 13.84 ? 11  THR A OG1 1 
ATOM   93   C CG2 . THR A 1 11  ? 5.579   -3.950  10.193  1.00 10.04 ? 11  THR A CG2 1 
ATOM   94   N N   . LEU A 1 12  ? 7.585   -4.886  7.161   1.00 8.67  ? 12  LEU A N   1 
ATOM   95   C CA  . LEU A 1 12  ? 7.147   -5.512  5.901   1.00 9.02  ? 12  LEU A CA  1 
ATOM   96   C C   . LEU A 1 12  ? 7.838   -6.870  5.677   1.00 9.18  ? 12  LEU A C   1 
ATOM   97   O O   . LEU A 1 12  ? 7.240   -7.811  5.146   1.00 10.14 ? 12  LEU A O   1 
ATOM   98   C CB  . LEU A 1 12  ? 7.433   -4.585  4.707   1.00 7.43  ? 12  LEU A CB  1 
ATOM   99   C CG  . LEU A 1 12  ? 6.667   -3.265  4.639   1.00 9.83  ? 12  LEU A CG  1 
ATOM   100  C CD1 . LEU A 1 12  ? 7.084   -2.472  3.412   1.00 11.24 ? 12  LEU A CD1 1 
ATOM   101  C CD2 . LEU A 1 12  ? 5.193   -3.532  4.610   1.00 12.27 ? 12  LEU A CD2 1 
ATOM   102  N N   . LYS A 1 13  ? 9.117   -6.950  6.037   1.00 9.68  ? 13  LYS A N   1 
ATOM   103  C CA  . LYS A 1 13  ? 9.865   -8.190  5.913   1.00 11.26 ? 13  LYS A CA  1 
ATOM   104  C C   . LYS A 1 13  ? 9.254   -9.278  6.811   1.00 9.66  ? 13  LYS A C   1 
ATOM   105  O O   . LYS A 1 13  ? 9.035   -10.418 6.381   1.00 11.89 ? 13  LYS A O   1 
ATOM   106  C CB  . LYS A 1 13  ? 11.344  -7.975  6.257   1.00 11.69 ? 13  LYS A CB  1 
ATOM   107  C CG  . LYS A 1 13  ? 12.207  -9.187  5.881   1.00 16.80 ? 13  LYS A CG  1 
ATOM   108  C CD  . LYS A 1 13  ? 13.661  -8.831  5.637   1.00 21.57 ? 13  LYS A CD  1 
ATOM   109  C CE  . LYS A 1 13  ? 14.454  -10.044 5.133   1.00 25.93 ? 13  LYS A CE  1 
ATOM   110  N NZ  . LYS A 1 13  ? 14.440  -11.144 6.137   1.00 32.29 ? 13  LYS A NZ  1 
ATOM   111  N N   . ARG A 1 14  ? 8.901   -8.895  8.032   1.00 9.66  ? 14  ARG A N   1 
ATOM   112  C CA  . ARG A 1 14  ? 8.308   -9.805  9.006   1.00 11.28 ? 14  ARG A CA  1 
ATOM   113  C C   . ARG A 1 14  ? 6.949   -10.275 8.523   1.00 10.12 ? 14  ARG A C   1 
ATOM   114  O O   . ARG A 1 14  ? 6.507   -11.371 8.848   1.00 11.10 ? 14  ARG A O   1 
ATOM   115  C CB  . ARG A 1 14  ? 8.123   -9.069  10.335  1.00 12.23 ? 14  ARG A CB  1 
ATOM   116  C CG  . ARG A 1 14  ? 8.675   -9.772  11.529  1.00 18.53 ? 14  ARG A CG  1 
ATOM   117  C CD  . ARG A 1 14  ? 8.309   -9.030  12.811  1.00 20.48 ? 14  ARG A CD  1 
ATOM   118  N NE  . ARG A 1 14  ? 9.056   -7.789  12.977  1.00 28.08 ? 14  ARG A NE  1 
ATOM   119  C CZ  . ARG A 1 14  ? 8.513   -6.576  12.946  1.00 29.60 ? 14  ARG A CZ  1 
ATOM   120  N NH1 . ARG A 1 14  ? 7.204   -6.424  12.752  1.00 27.73 ? 14  ARG A NH1 1 
ATOM   121  N NH2 . ARG A 1 14  ? 9.287   -5.515  13.110  1.00 28.76 ? 14  ARG A NH2 1 
ATOM   122  N N   . LEU A 1 15  ? 6.266   -9.401  7.795   1.00 10.37 ? 15  LEU A N   1 
ATOM   123  C CA  . LEU A 1 15  ? 4.935   -9.715  7.261   1.00 11.89 ? 15  LEU A CA  1 
ATOM   124  C C   . LEU A 1 15  ? 4.947   -10.416 5.886   1.00 11.61 ? 15  LEU A C   1 
ATOM   125  O O   . LEU A 1 15  ? 3.908   -10.502 5.219   1.00 13.88 ? 15  LEU A O   1 
ATOM   126  C CB  . LEU A 1 15  ? 4.050   -8.455  7.241   1.00 11.64 ? 15  LEU A CB  1 
ATOM   127  C CG  . LEU A 1 15  ? 3.627   -7.919  8.613   1.00 10.81 ? 15  LEU A CG  1 
ATOM   128  C CD1 . LEU A 1 15  ? 3.029   -6.488  8.511   1.00 5.20  ? 15  LEU A CD1 1 
ATOM   129  C CD2 . LEU A 1 15  ? 2.639   -8.892  9.240   1.00 12.87 ? 15  LEU A CD2 1 
ATOM   130  N N   . GLY A 1 16  ? 6.127   -10.894 5.472   1.00 11.74 ? 16  GLY A N   1 
ATOM   131  C CA  . GLY A 1 16  ? 6.283   -11.623 4.223   1.00 10.80 ? 16  GLY A CA  1 
ATOM   132  C C   . GLY A 1 16  ? 6.205   -10.905 2.887   1.00 12.13 ? 16  GLY A C   1 
ATOM   133  O O   . GLY A 1 16  ? 5.879   -11.539 1.879   1.00 13.70 ? 16  GLY A O   1 
ATOM   134  N N   . MET A 1 17  ? 6.535   -9.623  2.846   1.00 9.36  ? 17  MET A N   1 
ATOM   135  C CA  . MET A 1 17  ? 6.452   -8.861  1.592   1.00 11.72 ? 17  MET A CA  1 
ATOM   136  C C   . MET A 1 17  ? 7.688   -8.906  0.695   1.00 13.32 ? 17  MET A C   1 
ATOM   137  O O   . MET A 1 17  ? 7.634   -8.565  -0.493  1.00 11.24 ? 17  MET A O   1 
ATOM   138  C CB  . MET A 1 17  ? 6.116   -7.409  1.889   1.00 11.70 ? 17  MET A CB  1 
ATOM   139  C CG  . MET A 1 17  ? 4.748   -7.243  2.507   1.00 16.41 ? 17  MET A CG  1 
ATOM   140  S SD  . MET A 1 17  ? 3.457   -7.451  1.299   1.00 22.86 ? 17  MET A SD  1 
ATOM   141  C CE  . MET A 1 17  ? 2.963   -5.728  1.226   1.00 21.61 ? 17  MET A CE  1 
ATOM   142  N N   . ASP A 1 18  ? 8.820   -9.280  1.276   1.00 12.91 ? 18  ASP A N   1 
ATOM   143  C CA  . ASP A 1 18  ? 10.055  -9.347  0.520   1.00 14.60 ? 18  ASP A CA  1 
ATOM   144  C C   . ASP A 1 18  ? 10.017  -10.517 -0.461  1.00 12.96 ? 18  ASP A C   1 
ATOM   145  O O   . ASP A 1 18  ? 9.965   -11.677 -0.067  1.00 14.46 ? 18  ASP A O   1 
ATOM   146  C CB  . ASP A 1 18  ? 11.233  -9.446  1.482   1.00 15.12 ? 18  ASP A CB  1 
ATOM   147  C CG  . ASP A 1 18  ? 12.542  -9.080  0.841   1.00 18.97 ? 18  ASP A CG  1 
ATOM   148  O OD1 . ASP A 1 18  ? 12.543  -8.486  -0.259  1.00 21.07 ? 18  ASP A OD1 1 
ATOM   149  O OD2 . ASP A 1 18  ? 13.598  -9.378  1.450   1.00 27.96 ? 18  ASP A OD2 1 
ATOM   150  N N   . GLY A 1 19  ? 9.969   -10.204 -1.748  1.00 13.76 ? 19  GLY A N   1 
ATOM   151  C CA  . GLY A 1 19  ? 9.924   -11.242 -2.757  1.00 12.20 ? 19  GLY A CA  1 
ATOM   152  C C   . GLY A 1 19  ? 8.525   -11.718 -3.107  1.00 11.94 ? 19  GLY A C   1 
ATOM   153  O O   . GLY A 1 19  ? 8.367   -12.605 -3.952  1.00 12.01 ? 19  GLY A O   1 
ATOM   154  N N   . TYR A 1 20  ? 7.504   -11.140 -2.477  1.00 11.36 ? 20  TYR A N   1 
ATOM   155  C CA  . TYR A 1 20  ? 6.129   -11.525 -2.766  1.00 15.08 ? 20  TYR A CA  1 
ATOM   156  C C   . TYR A 1 20  ? 5.813   -11.268 -4.255  1.00 17.06 ? 20  TYR A C   1 
ATOM   157  O O   . TYR A 1 20  ? 5.890   -10.134 -4.723  1.00 16.50 ? 20  TYR A O   1 
ATOM   158  C CB  . TYR A 1 20  ? 5.162   -10.747 -1.886  1.00 14.03 ? 20  TYR A CB  1 
ATOM   159  C CG  . TYR A 1 20  ? 3.785   -11.315 -1.957  1.00 14.21 ? 20  TYR A CG  1 
ATOM   160  C CD1 . TYR A 1 20  ? 3.482   -12.505 -1.311  1.00 17.47 ? 20  TYR A CD1 1 
ATOM   161  C CD2 . TYR A 1 20  ? 2.780   -10.685 -2.691  1.00 14.87 ? 20  TYR A CD2 1 
ATOM   162  C CE1 . TYR A 1 20  ? 2.211   -13.058 -1.389  1.00 16.27 ? 20  TYR A CE1 1 
ATOM   163  C CE2 . TYR A 1 20  ? 1.517   -11.237 -2.777  1.00 13.52 ? 20  TYR A CE2 1 
ATOM   164  C CZ  . TYR A 1 20  ? 1.243   -12.426 -2.123  1.00 15.01 ? 20  TYR A CZ  1 
ATOM   165  O OH  . TYR A 1 20  ? 0.001   -13.010 -2.222  1.00 20.08 ? 20  TYR A OH  1 
ATOM   166  N N   . ARG A 1 21  ? 5.381   -12.314 -4.961  1.00 18.35 ? 21  ARG A N   1 
ATOM   167  C CA  . ARG A 1 21  ? 5.114   -12.270 -6.414  1.00 19.36 ? 21  ARG A CA  1 
ATOM   168  C C   . ARG A 1 21  ? 6.322   -11.647 -7.108  1.00 18.45 ? 21  ARG A C   1 
ATOM   169  O O   . ARG A 1 21  ? 6.192   -10.943 -8.109  1.00 18.78 ? 21  ARG A O   1 
ATOM   170  C CB  . ARG A 1 21  ? 3.829   -11.519 -6.814  1.00 25.20 ? 21  ARG A CB  1 
ATOM   171  C CG  . ARG A 1 21  ? 3.462   -11.822 -8.303  1.00 34.53 ? 21  ARG A CG  1 
ATOM   172  C CD  . ARG A 1 21  ? 2.461   -10.878 -8.995  1.00 39.73 ? 21  ARG A CD  1 
ATOM   173  N NE  . ARG A 1 21  ? 2.919   -9.485  -9.113  1.00 46.33 ? 21  ARG A NE  1 
ATOM   174  C CZ  . ARG A 1 21  ? 3.329   -8.889  -10.241 1.00 46.06 ? 21  ARG A CZ  1 
ATOM   175  N NH1 . ARG A 1 21  ? 3.387   -9.561  -11.387 1.00 43.92 ? 21  ARG A NH1 1 
ATOM   176  N NH2 . ARG A 1 21  ? 3.704   -7.607  -10.216 1.00 43.22 ? 21  ARG A NH2 1 
ATOM   177  N N   . GLY A 1 22  ? 7.496   -11.846 -6.517  1.00 13.99 ? 22  GLY A N   1 
ATOM   178  C CA  . GLY A 1 22  ? 8.715   -11.326 -7.101  1.00 13.56 ? 22  GLY A CA  1 
ATOM   179  C C   . GLY A 1 22  ? 9.011   -9.865  -6.863  1.00 11.06 ? 22  GLY A C   1 
ATOM   180  O O   . GLY A 1 22  ? 9.937   -9.330  -7.465  1.00 13.35 ? 22  GLY A O   1 
ATOM   181  N N   . ILE A 1 23  ? 8.246   -9.213  -6.007  1.00 11.36 ? 23  ILE A N   1 
ATOM   182  C CA  . ILE A 1 23  ? 8.472   -7.796  -5.736  1.00 11.08 ? 23  ILE A CA  1 
ATOM   183  C C   . ILE A 1 23  ? 9.408   -7.625  -4.538  1.00 11.92 ? 23  ILE A C   1 
ATOM   184  O O   . ILE A 1 23  ? 9.111   -8.123  -3.443  1.00 9.25  ? 23  ILE A O   1 
ATOM   185  C CB  . ILE A 1 23  ? 7.131   -7.073  -5.448  1.00 11.08 ? 23  ILE A CB  1 
ATOM   186  C CG1 . ILE A 1 23  ? 6.138   -7.382  -6.573  1.00 11.54 ? 23  ILE A CG1 1 
ATOM   187  C CG2 . ILE A 1 23  ? 7.370   -5.580  -5.335  1.00 8.45  ? 23  ILE A CG2 1 
ATOM   188  C CD1 . ILE A 1 23  ? 4.692   -7.064  -6.254  1.00 11.69 ? 23  ILE A CD1 1 
ATOM   189  N N   . SER A 1 24  ? 10.525  -6.921  -4.737  1.00 12.31 ? 24  SER A N   1 
ATOM   190  C CA  . SER A 1 24  ? 11.471  -6.683  -3.649  1.00 10.96 ? 24  SER A CA  1 
ATOM   191  C C   . SER A 1 24  ? 10.918  -5.703  -2.614  1.00 12.44 ? 24  SER A C   1 
ATOM   192  O O   . SER A 1 24  ? 10.023  -4.898  -2.885  1.00 12.04 ? 24  SER A O   1 
ATOM   193  C CB  . SER A 1 24  ? 12.799  -6.156  -4.179  1.00 10.34 ? 24  SER A CB  1 
ATOM   194  O OG  . SER A 1 24  ? 12.663  -4.849  -4.717  1.00 14.22 ? 24  SER A OG  1 
ATOM   195  N N   . LEU A 1 25  ? 11.461  -5.802  -1.413  1.00 12.25 ? 25  LEU A N   1 
ATOM   196  C CA  . LEU A 1 25  ? 11.107  -4.948  -0.296  1.00 11.19 ? 25  LEU A CA  1 
ATOM   197  C C   . LEU A 1 25  ? 11.371  -3.487  -0.676  1.00 11.19 ? 25  LEU A C   1 
ATOM   198  O O   . LEU A 1 25  ? 10.589  -2.607  -0.340  1.00 11.92 ? 25  LEU A O   1 
ATOM   199  C CB  . LEU A 1 25  ? 11.985  -5.354  0.893   1.00 11.86 ? 25  LEU A CB  1 
ATOM   200  C CG  . LEU A 1 25  ? 11.599  -5.059  2.322   1.00 14.70 ? 25  LEU A CG  1 
ATOM   201  C CD1 . LEU A 1 25  ? 10.144  -5.424  2.553   1.00 14.02 ? 25  LEU A CD1 1 
ATOM   202  C CD2 . LEU A 1 25  ? 12.520  -5.895  3.207   1.00 17.80 ? 25  LEU A CD2 1 
ATOM   203  N N   . ALA A 1 26  ? 12.474  -3.237  -1.388  1.00 12.19 ? 26  ALA A N   1 
ATOM   204  C CA  . ALA A 1 26  ? 12.856  -1.881  -1.839  1.00 9.93  ? 26  ALA A CA  1 
ATOM   205  C C   . ALA A 1 26  ? 11.747  -1.259  -2.688  1.00 8.53  ? 26  ALA A C   1 
ATOM   206  O O   . ALA A 1 26  ? 11.465  -0.057  -2.573  1.00 8.62  ? 26  ALA A O   1 
ATOM   207  C CB  . ALA A 1 26  ? 14.174  -1.929  -2.648  1.00 10.44 ? 26  ALA A CB  1 
ATOM   208  N N   . ASN A 1 27  ? 11.089  -2.088  -3.497  1.00 9.48  ? 27  ASN A N   1 
ATOM   209  C CA  . ASN A 1 27  ? 10.001  -1.621  -4.359  1.00 10.76 ? 27  ASN A CA  1 
ATOM   210  C C   . ASN A 1 27  ? 8.774   -1.306  -3.544  1.00 9.93  ? 27  ASN A C   1 
ATOM   211  O O   . ASN A 1 27  ? 8.083   -0.325  -3.824  1.00 10.80 ? 27  ASN A O   1 
ATOM   212  C CB  . ASN A 1 27  ? 9.686   -2.629  -5.452  1.00 11.60 ? 27  ASN A CB  1 
ATOM   213  C CG  . ASN A 1 27  ? 10.569  -2.439  -6.671  1.00 10.92 ? 27  ASN A CG  1 
ATOM   214  O OD1 . ASN A 1 27  ? 10.705  -1.322  -7.177  1.00 14.17 ? 27  ASN A OD1 1 
ATOM   215  N ND2 . ASN A 1 27  ? 11.206  -3.507  -7.114  1.00 13.78 ? 27  ASN A ND2 1 
ATOM   216  N N   . TRP A 1 28  ? 8.496   -2.151  -2.551  1.00 9.58  ? 28  TRP A N   1 
ATOM   217  C CA  . TRP A 1 28  ? 7.376   -1.922  -1.650  1.00 10.80 ? 28  TRP A CA  1 
ATOM   218  C C   . TRP A 1 28  ? 7.622   -0.622  -0.856  1.00 11.67 ? 28  TRP A C   1 
ATOM   219  O O   . TRP A 1 28  ? 6.703   0.172   -0.643  1.00 9.75  ? 28  TRP A O   1 
ATOM   220  C CB  . TRP A 1 28  ? 7.215   -3.105  -0.687  1.00 8.66  ? 28  TRP A CB  1 
ATOM   221  C CG  . TRP A 1 28  ? 6.545   -4.323  -1.304  1.00 9.55  ? 28  TRP A CG  1 
ATOM   222  C CD1 . TRP A 1 28  ? 7.065   -5.582  -1.422  1.00 12.42 ? 28  TRP A CD1 1 
ATOM   223  C CD2 . TRP A 1 28  ? 5.199   -4.396  -1.807  1.00 8.80  ? 28  TRP A CD2 1 
ATOM   224  N NE1 . TRP A 1 28  ? 6.125   -6.438  -1.947  1.00 11.67 ? 28  TRP A NE1 1 
ATOM   225  C CE2 . TRP A 1 28  ? 4.973   -5.739  -2.197  1.00 8.84  ? 28  TRP A CE2 1 
ATOM   226  C CE3 . TRP A 1 28  ? 4.162   -3.468  -1.960  1.00 9.45  ? 28  TRP A CE3 1 
ATOM   227  C CZ2 . TRP A 1 28  ? 3.750   -6.173  -2.723  1.00 10.16 ? 28  TRP A CZ2 1 
ATOM   228  C CZ3 . TRP A 1 28  ? 2.942   -3.898  -2.488  1.00 9.02  ? 28  TRP A CZ3 1 
ATOM   229  C CH2 . TRP A 1 28  ? 2.748   -5.232  -2.855  1.00 11.42 ? 28  TRP A CH2 1 
ATOM   230  N N   . MET A 1 29  ? 8.873   -0.399  -0.456  1.00 10.76 ? 29  MET A N   1 
ATOM   231  C CA  . MET A 1 29  ? 9.249   0.781   0.314   1.00 11.29 ? 29  MET A CA  1 
ATOM   232  C C   . MET A 1 29  ? 9.093   2.017   -0.542  1.00 12.08 ? 29  MET A C   1 
ATOM   233  O O   . MET A 1 29  ? 8.577   3.026   -0.071  1.00 13.40 ? 29  MET A O   1 
ATOM   234  C CB  . MET A 1 29  ? 10.693  0.674   0.819   1.00 9.94  ? 29  MET A CB  1 
ATOM   235  C CG  . MET A 1 29  ? 10.851  -0.268  1.994   1.00 7.28  ? 29  MET A CG  1 
ATOM   236  S SD  . MET A 1 29  ? 9.985   0.379   3.449   1.00 14.87 ? 29  MET A SD  1 
ATOM   237  C CE  . MET A 1 29  ? 10.944  1.826   3.837   1.00 8.34  ? 29  MET A CE  1 
ATOM   238  N N   . CYS A 1 30  ? 9.505   1.929   -1.807  1.00 12.61 ? 30  CYS A N   1 
ATOM   239  C CA  . CYS A 1 30  ? 9.377   3.065   -2.727  1.00 12.54 ? 30  CYS A CA  1 
ATOM   240  C C   . CYS A 1 30  ? 7.904   3.501   -2.918  1.00 12.92 ? 30  CYS A C   1 
ATOM   241  O O   . CYS A 1 30  ? 7.584   4.700   -2.870  1.00 13.16 ? 30  CYS A O   1 
ATOM   242  C CB  . CYS A 1 30  ? 10.013  2.746   -4.087  1.00 8.24  ? 30  CYS A CB  1 
ATOM   243  S SG  . CYS A 1 30  ? 10.033  4.161   -5.258  1.00 14.50 ? 30  CYS A SG  1 
ATOM   244  N N   . LEU A 1 31  ? 6.997   2.550   -3.104  1.00 11.97 ? 31  LEU A N   1 
ATOM   245  C CA  . LEU A 1 31  ? 5.609   2.936   -3.291  1.00 14.07 ? 31  LEU A CA  1 
ATOM   246  C C   . LEU A 1 31  ? 4.954   3.441   -1.989  1.00 15.50 ? 31  LEU A C   1 
ATOM   247  O O   . LEU A 1 31  ? 4.122   4.346   -2.043  1.00 14.24 ? 31  LEU A O   1 
ATOM   248  C CB  . LEU A 1 31  ? 4.802   1.822   -3.975  1.00 19.26 ? 31  LEU A CB  1 
ATOM   249  C CG  . LEU A 1 31  ? 4.036   0.680   -3.296  1.00 21.09 ? 31  LEU A CG  1 
ATOM   250  C CD1 . LEU A 1 31  ? 2.788   1.202   -2.594  1.00 17.68 ? 31  LEU A CD1 1 
ATOM   251  C CD2 . LEU A 1 31  ? 3.651   -0.372  -4.363  1.00 20.99 ? 31  LEU A CD2 1 
ATOM   252  N N   . ALA A 1 32  ? 5.337   2.896   -0.827  1.00 13.58 ? 32  ALA A N   1 
ATOM   253  C CA  . ALA A 1 32  ? 4.765   3.354   0.441   1.00 8.75  ? 32  ALA A CA  1 
ATOM   254  C C   . ALA A 1 32  ? 5.182   4.804   0.624   1.00 12.60 ? 32  ALA A C   1 
ATOM   255  O O   . ALA A 1 32  ? 4.364   5.638   1.023   1.00 11.85 ? 32  ALA A O   1 
ATOM   256  C CB  . ALA A 1 32  ? 5.287   2.528   1.602   1.00 6.10  ? 32  ALA A CB  1 
ATOM   257  N N   . LYS A 1 33  ? 6.455   5.088   0.312   1.00 11.42 ? 33  LYS A N   1 
ATOM   258  C CA  . LYS A 1 33  ? 7.051   6.417   0.429   1.00 13.72 ? 33  LYS A CA  1 
ATOM   259  C C   . LYS A 1 33  ? 6.282   7.448   -0.414  1.00 13.99 ? 33  LYS A C   1 
ATOM   260  O O   . LYS A 1 33  ? 5.780   8.442   0.115   1.00 14.45 ? 33  LYS A O   1 
ATOM   261  C CB  . LYS A 1 33  ? 8.505   6.361   -0.032  1.00 13.87 ? 33  LYS A CB  1 
ATOM   262  C CG  . LYS A 1 33  ? 9.186   7.704   -0.150  1.00 18.11 ? 33  LYS A CG  1 
ATOM   263  C CD  . LYS A 1 33  ? 9.288   8.401   1.178   1.00 23.04 ? 33  LYS A CD  1 
ATOM   264  C CE  . LYS A 1 33  ? 9.887   9.795   1.009   1.00 26.21 ? 33  LYS A CE  1 
ATOM   265  N NZ  . LYS A 1 33  ? 10.090  10.452  2.327   1.00 29.25 ? 33  LYS A NZ  1 
ATOM   266  N N   . TRP A 1 34  ? 6.115   7.166   -1.699  1.00 11.14 ? 34  TRP A N   1 
ATOM   267  C CA  . TRP A 1 34  ? 5.438   8.097   -2.569  1.00 12.14 ? 34  TRP A CA  1 
ATOM   268  C C   . TRP A 1 34  ? 3.930   8.073   -2.544  1.00 16.23 ? 34  TRP A C   1 
ATOM   269  O O   . TRP A 1 34  ? 3.300   9.051   -2.944  1.00 18.44 ? 34  TRP A O   1 
ATOM   270  C CB  . TRP A 1 34  ? 6.014   8.000   -3.977  1.00 10.96 ? 34  TRP A CB  1 
ATOM   271  C CG  . TRP A 1 34  ? 7.456   8.410   -3.968  1.00 13.38 ? 34  TRP A CG  1 
ATOM   272  C CD1 . TRP A 1 34  ? 8.546   7.588   -4.068  1.00 13.05 ? 34  TRP A CD1 1 
ATOM   273  C CD2 . TRP A 1 34  ? 7.970   9.726   -3.706  1.00 12.70 ? 34  TRP A CD2 1 
ATOM   274  N NE1 . TRP A 1 34  ? 9.694   8.312   -3.869  1.00 12.58 ? 34  TRP A NE1 1 
ATOM   275  C CE2 . TRP A 1 34  ? 9.376   9.624   -3.648  1.00 11.31 ? 34  TRP A CE2 1 
ATOM   276  C CE3 . TRP A 1 34  ? 7.379   10.982  -3.512  1.00 15.25 ? 34  TRP A CE3 1 
ATOM   277  C CZ2 . TRP A 1 34  ? 10.198  10.717  -3.401  1.00 14.67 ? 34  TRP A CZ2 1 
ATOM   278  C CZ3 . TRP A 1 34  ? 8.197   12.077  -3.265  1.00 17.65 ? 34  TRP A CZ3 1 
ATOM   279  C CH2 . TRP A 1 34  ? 9.590   11.936  -3.215  1.00 17.28 ? 34  TRP A CH2 1 
ATOM   280  N N   . GLU A 1 35  ? 3.333   6.987   -2.062  1.00 12.96 ? 35  GLU A N   1 
ATOM   281  C CA  . GLU A 1 35  ? 1.881   6.940   -1.971  1.00 15.17 ? 35  GLU A CA  1 
ATOM   282  C C   . GLU A 1 35  ? 1.372   7.624   -0.696  1.00 16.39 ? 35  GLU A C   1 
ATOM   283  O O   . GLU A 1 35  ? 0.362   8.313   -0.720  1.00 16.71 ? 35  GLU A O   1 
ATOM   284  C CB  . GLU A 1 35  ? 1.360   5.495   -1.990  1.00 16.37 ? 35  GLU A CB  1 
ATOM   285  C CG  . GLU A 1 35  ? 1.397   4.775   -3.332  1.00 15.11 ? 35  GLU A CG  1 
ATOM   286  C CD  . GLU A 1 35  ? 0.324   5.245   -4.322  1.00 17.91 ? 35  GLU A CD  1 
ATOM   287  O OE1 . GLU A 1 35  ? -0.596  6.006   -3.946  1.00 17.64 ? 35  GLU A OE1 1 
ATOM   288  O OE2 . GLU A 1 35  ? 0.399   4.842   -5.493  1.00 15.05 ? 35  GLU A OE2 1 
ATOM   289  N N   . SER A 1 36  ? 2.076   7.435   0.415   1.00 14.90 ? 36  SER A N   1 
ATOM   290  C CA  . SER A 1 36  ? 1.628   7.982   1.677   1.00 14.14 ? 36  SER A CA  1 
ATOM   291  C C   . SER A 1 36  ? 2.652   8.660   2.574   1.00 13.33 ? 36  SER A C   1 
ATOM   292  O O   . SER A 1 36  ? 2.277   9.204   3.639   1.00 14.87 ? 36  SER A O   1 
ATOM   293  C CB  . SER A 1 36  ? 1.034   6.847   2.486   1.00 14.87 ? 36  SER A CB  1 
ATOM   294  O OG  . SER A 1 36  ? 2.061   5.927   2.802   1.00 12.77 ? 36  SER A OG  1 
ATOM   295  N N   . GLY A 1 37  ? 3.926   8.556   2.227   1.00 12.69 ? 37  GLY A N   1 
ATOM   296  C CA  . GLY A 1 37  ? 4.950   9.134   3.076   1.00 12.40 ? 37  GLY A CA  1 
ATOM   297  C C   . GLY A 1 37  ? 5.070   8.315   4.352   1.00 13.30 ? 37  GLY A C   1 
ATOM   298  O O   . GLY A 1 37  ? 5.465   8.835   5.407   1.00 14.83 ? 37  GLY A O   1 
ATOM   299  N N   . TYR A 1 38  ? 4.720   7.032   4.263   1.00 12.78 ? 38  TYR A N   1 
ATOM   300  C CA  . TYR A 1 38  ? 4.789   6.096   5.404   1.00 14.08 ? 38  TYR A CA  1 
ATOM   301  C C   . TYR A 1 38  ? 3.779   6.388   6.516   1.00 15.87 ? 38  TYR A C   1 
ATOM   302  O O   . TYR A 1 38  ? 3.977   5.944   7.657   1.00 14.80 ? 38  TYR A O   1 
ATOM   303  C CB  . TYR A 1 38  ? 6.191   6.066   6.038   1.00 14.69 ? 38  TYR A CB  1 
ATOM   304  C CG  . TYR A 1 38  ? 7.346   5.778   5.101   1.00 13.00 ? 38  TYR A CG  1 
ATOM   305  C CD1 . TYR A 1 38  ? 7.200   4.926   4.002   1.00 12.94 ? 38  TYR A CD1 1 
ATOM   306  C CD2 . TYR A 1 38  ? 8.588   6.370   5.320   1.00 12.57 ? 38  TYR A CD2 1 
ATOM   307  C CE1 . TYR A 1 38  ? 8.269   4.671   3.129   1.00 11.01 ? 38  TYR A CE1 1 
ATOM   308  C CE2 . TYR A 1 38  ? 9.654   6.121   4.465   1.00 13.18 ? 38  TYR A CE2 1 
ATOM   309  C CZ  . TYR A 1 38  ? 9.496   5.274   3.367   1.00 11.51 ? 38  TYR A CZ  1 
ATOM   310  O OH  . TYR A 1 38  ? 10.570  5.056   2.527   1.00 11.83 ? 38  TYR A OH  1 
ATOM   311  N N   . ASN A 1 39  ? 2.725   7.146   6.191   1.00 12.72 ? 39  ASN A N   1 
ATOM   312  C CA  . ASN A 1 39  ? 1.695   7.508   7.156   1.00 12.27 ? 39  ASN A CA  1 
ATOM   313  C C   . ASN A 1 39  ? 0.475   6.607   7.032   1.00 11.08 ? 39  ASN A C   1 
ATOM   314  O O   . ASN A 1 39  ? -0.191  6.584   6.007   1.00 9.90  ? 39  ASN A O   1 
ATOM   315  C CB  . ASN A 1 39  ? 1.280   8.967   6.946   1.00 14.40 ? 39  ASN A CB  1 
ATOM   316  C CG  . ASN A 1 39  ? 0.324   9.464   8.019   1.00 16.39 ? 39  ASN A CG  1 
ATOM   317  O OD1 . ASN A 1 39  ? -0.065  8.722   8.923   1.00 15.92 ? 39  ASN A OD1 1 
ATOM   318  N ND2 . ASN A 1 39  ? -0.062  10.723  7.923   1.00 19.70 ? 39  ASN A ND2 1 
ATOM   319  N N   . THR A 1 40  ? 0.160   5.902   8.103   1.00 11.16 ? 40  THR A N   1 
ATOM   320  C CA  . THR A 1 40  ? -0.972  4.994   8.128   1.00 11.02 ? 40  THR A CA  1 
ATOM   321  C C   . THR A 1 40  ? -2.325  5.668   8.120   1.00 7.90  ? 40  THR A C   1 
ATOM   322  O O   . THR A 1 40  ? -3.315  5.016   7.877   1.00 9.06  ? 40  THR A O   1 
ATOM   323  C CB  . THR A 1 40  ? -0.930  4.062   9.367   1.00 9.53  ? 40  THR A CB  1 
ATOM   324  O OG1 . THR A 1 40  ? -1.070  4.840   10.570  1.00 10.82 ? 40  THR A OG1 1 
ATOM   325  C CG2 . THR A 1 40  ? 0.380   3.284   9.404   1.00 7.91  ? 40  THR A CG2 1 
ATOM   326  N N   . ARG A 1 41  ? -2.368  6.954   8.431   1.00 11.25 ? 41  ARG A N   1 
ATOM   327  C CA  . ARG A 1 41  ? -3.627  7.703   8.478   1.00 15.31 ? 41  ARG A CA  1 
ATOM   328  C C   . ARG A 1 41  ? -3.890  8.509   7.223   1.00 15.32 ? 41  ARG A C   1 
ATOM   329  O O   . ARG A 1 41  ? -4.841  9.284   7.173   1.00 18.27 ? 41  ARG A O   1 
ATOM   330  C CB  . ARG A 1 41  ? -3.643  8.657   9.677   1.00 18.46 ? 41  ARG A CB  1 
ATOM   331  C CG  . ARG A 1 41  ? -3.502  7.997   11.019  1.00 24.45 ? 41  ARG A CG  1 
ATOM   332  C CD  . ARG A 1 41  ? -2.854  8.957   12.008  1.00 37.75 ? 41  ARG A CD  1 
ATOM   333  N NE  . ARG A 1 41  ? -1.575  9.478   11.505  1.00 45.58 ? 41  ARG A NE  1 
ATOM   334  C CZ  . ARG A 1 41  ? -0.439  9.515   12.203  1.00 48.36 ? 41  ARG A CZ  1 
ATOM   335  N NH1 . ARG A 1 41  ? -0.384  9.051   13.452  1.00 48.96 ? 41  ARG A NH1 1 
ATOM   336  N NH2 . ARG A 1 41  ? 0.652   10.027  11.649  1.00 49.18 ? 41  ARG A NH2 1 
ATOM   337  N N   . ALA A 1 42  ? -3.026  8.372   6.231   1.00 13.03 ? 42  ALA A N   1 
ATOM   338  C CA  . ALA A 1 42  ? -3.190  9.096   4.986   1.00 12.91 ? 42  ALA A CA  1 
ATOM   339  C C   . ALA A 1 42  ? -4.527  8.726   4.302   1.00 13.67 ? 42  ALA A C   1 
ATOM   340  O O   . ALA A 1 42  ? -4.875  7.553   4.209   1.00 12.25 ? 42  ALA A O   1 
ATOM   341  C CB  . ALA A 1 42  ? -1.986  8.807   4.055   1.00 12.99 ? 42  ALA A CB  1 
ATOM   342  N N   . THR A 1 43  ? -5.301  9.734   3.900   1.00 15.47 ? 43  THR A N   1 
ATOM   343  C CA  . THR A 1 43  ? -6.584  9.518   3.216   1.00 19.44 ? 43  THR A CA  1 
ATOM   344  C C   . THR A 1 43  ? -6.673  10.538  2.094   1.00 17.60 ? 43  THR A C   1 
ATOM   345  O O   . THR A 1 43  ? -6.336  11.702  2.276   1.00 21.34 ? 43  THR A O   1 
ATOM   346  C CB  . THR A 1 43  ? -7.801  9.677   4.172   1.00 21.19 ? 43  THR A CB  1 
ATOM   347  O OG1 . THR A 1 43  ? -8.096  8.419   4.775   1.00 27.63 ? 43  THR A OG1 1 
ATOM   348  C CG2 . THR A 1 43  ? -9.037  10.128  3.433   1.00 25.86 ? 43  THR A CG2 1 
ATOM   349  N N   . ASN A 1 44  ? -7.065  10.078  0.917   1.00 20.18 ? 44  ASN A N   1 
ATOM   350  C CA  . ASN A 1 44  ? -7.193  10.939  -0.246  1.00 19.60 ? 44  ASN A CA  1 
ATOM   351  C C   . ASN A 1 44  ? -8.514  10.627  -0.940  1.00 17.91 ? 44  ASN A C   1 
ATOM   352  O O   . ASN A 1 44  ? -8.776  9.494   -1.340  1.00 15.43 ? 44  ASN A O   1 
ATOM   353  C CB  . ASN A 1 44  ? -6.016  10.753  -1.204  1.00 23.62 ? 44  ASN A CB  1 
ATOM   354  C CG  . ASN A 1 44  ? -4.742  11.375  -0.683  1.00 28.51 ? 44  ASN A CG  1 
ATOM   355  O OD1 . ASN A 1 44  ? -3.721  10.699  -0.530  1.00 35.28 ? 44  ASN A OD1 1 
ATOM   356  N ND2 . ASN A 1 44  ? -4.789  12.673  -0.401  1.00 29.77 ? 44  ASN A ND2 1 
ATOM   357  N N   . TYR A 1 45  ? -9.348  11.650  -1.060  1.00 15.13 ? 45  TYR A N   1 
ATOM   358  C CA  . TYR A 1 45  ? -10.653 11.508  -1.668  1.00 13.70 ? 45  TYR A CA  1 
ATOM   359  C C   . TYR A 1 45  ? -10.643 12.020  -3.093  1.00 12.68 ? 45  TYR A C   1 
ATOM   360  O O   . TYR A 1 45  ? -10.142 13.106  -3.361  1.00 15.87 ? 45  TYR A O   1 
ATOM   361  C CB  . TYR A 1 45  ? -11.673 12.284  -0.835  1.00 12.80 ? 45  TYR A CB  1 
ATOM   362  C CG  . TYR A 1 45  ? -13.065 12.317  -1.420  1.00 12.79 ? 45  TYR A CG  1 
ATOM   363  C CD1 . TYR A 1 45  ? -13.849 11.174  -1.464  1.00 13.76 ? 45  TYR A CD1 1 
ATOM   364  C CD2 . TYR A 1 45  ? -13.593 13.502  -1.919  1.00 14.32 ? 45  TYR A CD2 1 
ATOM   365  C CE1 . TYR A 1 45  ? -15.130 11.206  -2.004  1.00 18.76 ? 45  TYR A CE1 1 
ATOM   366  C CE2 . TYR A 1 45  ? -14.860 13.548  -2.454  1.00 17.48 ? 45  TYR A CE2 1 
ATOM   367  C CZ  . TYR A 1 45  ? -15.626 12.404  -2.493  1.00 18.72 ? 45  TYR A CZ  1 
ATOM   368  O OH  . TYR A 1 45  ? -16.872 12.461  -3.047  1.00 21.15 ? 45  TYR A OH  1 
ATOM   369  N N   . ASN A 1 46  ? -11.202 11.233  -3.999  1.00 14.42 ? 46  ASN A N   1 
ATOM   370  C CA  . ASN A 1 46  ? -11.279 11.597  -5.412  1.00 12.53 ? 46  ASN A CA  1 
ATOM   371  C C   . ASN A 1 46  ? -12.702 12.101  -5.649  1.00 12.61 ? 46  ASN A C   1 
ATOM   372  O O   . ASN A 1 46  ? -13.640 11.312  -5.732  1.00 13.31 ? 46  ASN A O   1 
ATOM   373  C CB  . ASN A 1 46  ? -11.001 10.373  -6.290  1.00 12.12 ? 46  ASN A CB  1 
ATOM   374  C CG  . ASN A 1 46  ? -11.012 10.699  -7.780  1.00 20.05 ? 46  ASN A CG  1 
ATOM   375  O OD1 . ASN A 1 46  ? -11.837 11.462  -8.265  1.00 20.37 ? 46  ASN A OD1 1 
ATOM   376  N ND2 . ASN A 1 46  ? -10.123 10.058  -8.524  1.00 22.81 ? 46  ASN A ND2 1 
ATOM   377  N N   . ALA A 1 47  ? -12.856 13.421  -5.701  1.00 14.05 ? 47  ALA A N   1 
ATOM   378  C CA  . ALA A 1 47  ? -14.155 14.058  -5.903  1.00 17.61 ? 47  ALA A CA  1 
ATOM   379  C C   . ALA A 1 47  ? -14.791 13.660  -7.230  1.00 17.21 ? 47  ALA A C   1 
ATOM   380  O O   . ALA A 1 47  ? -16.011 13.550  -7.317  1.00 18.85 ? 47  ALA A O   1 
ATOM   381  C CB  . ALA A 1 47  ? -14.030 15.581  -5.816  1.00 18.65 ? 47  ALA A CB  1 
ATOM   382  N N   . GLY A 1 48  ? -13.959 13.420  -8.241  1.00 16.95 ? 48  GLY A N   1 
ATOM   383  C CA  . GLY A 1 48  ? -14.464 13.030  -9.539  1.00 16.92 ? 48  GLY A CA  1 
ATOM   384  C C   . GLY A 1 48  ? -15.200 11.704  -9.555  1.00 16.95 ? 48  GLY A C   1 
ATOM   385  O O   . GLY A 1 48  ? -16.340 11.621  -10.016 1.00 17.62 ? 48  GLY A O   1 
ATOM   386  N N   . ASP A 1 49  ? -14.558 10.653  -9.061  1.00 17.57 ? 49  ASP A N   1 
ATOM   387  C CA  . ASP A 1 49  ? -15.196 9.341   -9.055  1.00 16.70 ? 49  ASP A CA  1 
ATOM   388  C C   . ASP A 1 49  ? -15.824 8.920   -7.745  1.00 15.99 ? 49  ASP A C   1 
ATOM   389  O O   . ASP A 1 49  ? -16.217 7.770   -7.596  1.00 18.57 ? 49  ASP A O   1 
ATOM   390  C CB  . ASP A 1 49  ? -14.241 8.247   -9.552  1.00 18.33 ? 49  ASP A CB  1 
ATOM   391  C CG  . ASP A 1 49  ? -13.169 7.873   -8.544  1.00 20.00 ? 49  ASP A CG  1 
ATOM   392  O OD1 . ASP A 1 49  ? -13.142 8.384   -7.405  1.00 18.56 ? 49  ASP A OD1 1 
ATOM   393  O OD2 . ASP A 1 49  ? -12.319 7.037   -8.911  1.00 26.50 ? 49  ASP A OD2 1 
ATOM   394  N N   . ARG A 1 50  ? -15.816 9.826   -6.773  1.00 15.49 ? 50  ARG A N   1 
ATOM   395  C CA  . ARG A 1 50  ? -16.385 9.583   -5.460  1.00 17.47 ? 50  ARG A CA  1 
ATOM   396  C C   . ARG A 1 50  ? -15.876 8.329   -4.730  1.00 18.72 ? 50  ARG A C   1 
ATOM   397  O O   . ARG A 1 50  ? -16.660 7.526   -4.223  1.00 18.32 ? 50  ARG A O   1 
ATOM   398  C CB  . ARG A 1 50  ? -17.906 9.590   -5.565  1.00 20.75 ? 50  ARG A CB  1 
ATOM   399  C CG  . ARG A 1 50  ? -18.420 10.928  -6.073  1.00 23.76 ? 50  ARG A CG  1 
ATOM   400  C CD  . ARG A 1 50  ? -19.898 10.902  -6.321  1.00 23.47 ? 50  ARG A CD  1 
ATOM   401  N NE  . ARG A 1 50  ? -20.240 10.153  -7.524  1.00 25.19 ? 50  ARG A NE  1 
ATOM   402  C CZ  . ARG A 1 50  ? -21.469 10.106  -8.031  1.00 30.42 ? 50  ARG A CZ  1 
ATOM   403  N NH1 . ARG A 1 50  ? -22.462 10.757  -7.433  1.00 32.20 ? 50  ARG A NH1 1 
ATOM   404  N NH2 . ARG A 1 50  ? -21.722 9.379   -9.109  1.00 32.61 ? 50  ARG A NH2 1 
ATOM   405  N N   . SER A 1 51  ? -14.557 8.186   -4.653  1.00 17.14 ? 51  SER A N   1 
ATOM   406  C CA  . SER A 1 51  ? -13.957 7.060   -3.960  1.00 15.12 ? 51  SER A CA  1 
ATOM   407  C C   . SER A 1 51  ? -12.787 7.627   -3.148  1.00 14.94 ? 51  SER A C   1 
ATOM   408  O O   . SER A 1 51  ? -12.302 8.737   -3.430  1.00 15.27 ? 51  SER A O   1 
ATOM   409  C CB  . SER A 1 51  ? -13.457 5.997   -4.951  1.00 12.61 ? 51  SER A CB  1 
ATOM   410  O OG  . SER A 1 51  ? -12.324 6.455   -5.671  1.00 15.31 ? 51  SER A OG  1 
ATOM   411  N N   . THR A 1 52  ? -12.355 6.887   -2.138  1.00 12.87 ? 52  THR A N   1 
ATOM   412  C CA  . THR A 1 52  ? -11.251 7.316   -1.301  1.00 11.44 ? 52  THR A CA  1 
ATOM   413  C C   . THR A 1 52  ? -10.144 6.281   -1.218  1.00 11.73 ? 52  THR A C   1 
ATOM   414  O O   . THR A 1 52  ? -10.398 5.064   -1.301  1.00 12.04 ? 52  THR A O   1 
ATOM   415  C CB  . THR A 1 52  ? -11.724 7.582   0.101   1.00 11.22 ? 52  THR A CB  1 
ATOM   416  O OG1 . THR A 1 52  ? -12.898 8.403   0.053   1.00 17.25 ? 52  THR A OG1 1 
ATOM   417  C CG2 . THR A 1 52  ? -10.625 8.273   0.910   1.00 8.45  ? 52  THR A CG2 1 
ATOM   418  N N   . ASP A 1 53  ? -8.915  6.775   -1.102  1.00 11.13 ? 53  ASP A N   1 
ATOM   419  C CA  . ASP A 1 53  ? -7.742  5.927   -0.957  1.00 12.37 ? 53  ASP A CA  1 
ATOM   420  C C   . ASP A 1 53  ? -7.334  6.026   0.513   1.00 9.23  ? 53  ASP A C   1 
ATOM   421  O O   . ASP A 1 53  ? -7.173  7.132   1.040   1.00 9.41  ? 53  ASP A O   1 
ATOM   422  C CB  . ASP A 1 53  ? -6.625  6.387   -1.884  1.00 10.25 ? 53  ASP A CB  1 
ATOM   423  C CG  . ASP A 1 53  ? -6.648  5.664   -3.214  1.00 12.41 ? 53  ASP A CG  1 
ATOM   424  O OD1 . ASP A 1 53  ? -7.592  4.882   -3.460  1.00 13.62 ? 53  ASP A OD1 1 
ATOM   425  O OD2 . ASP A 1 53  ? -5.697  5.877   -4.002  1.00 17.01 ? 53  ASP A OD2 1 
ATOM   426  N N   . TYR A 1 54  ? -7.191  4.865   1.152   1.00 10.75 ? 54  TYR A N   1 
ATOM   427  C CA  . TYR A 1 54  ? -6.877  4.773   2.581   1.00 9.81  ? 54  TYR A CA  1 
ATOM   428  C C   . TYR A 1 54  ? -5.547  4.152   2.977   1.00 10.46 ? 54  TYR A C   1 
ATOM   429  O O   . TYR A 1 54  ? -5.140  3.102   2.439   1.00 8.50  ? 54  TYR A O   1 
ATOM   430  C CB  . TYR A 1 54  ? -7.947  3.932   3.280   1.00 10.26 ? 54  TYR A CB  1 
ATOM   431  C CG  . TYR A 1 54  ? -9.339  4.500   3.315   1.00 11.33 ? 54  TYR A CG  1 
ATOM   432  C CD1 . TYR A 1 54  ? -10.264 4.223   2.297   1.00 11.42 ? 54  TYR A CD1 1 
ATOM   433  C CD2 . TYR A 1 54  ? -9.754  5.301   4.387   1.00 13.85 ? 54  TYR A CD2 1 
ATOM   434  C CE1 . TYR A 1 54  ? -11.563 4.734   2.353   1.00 11.06 ? 54  TYR A CE1 1 
ATOM   435  C CE2 . TYR A 1 54  ? -11.044 5.814   4.444   1.00 12.59 ? 54  TYR A CE2 1 
ATOM   436  C CZ  . TYR A 1 54  ? -11.937 5.526   3.428   1.00 11.94 ? 54  TYR A CZ  1 
ATOM   437  O OH  . TYR A 1 54  ? -13.200 6.051   3.487   1.00 12.71 ? 54  TYR A OH  1 
ATOM   438  N N   . GLY A 1 55  ? -4.921  4.766   3.976   1.00 11.82 ? 55  GLY A N   1 
ATOM   439  C CA  . GLY A 1 55  ? -3.688  4.243   4.541   1.00 11.81 ? 55  GLY A CA  1 
ATOM   440  C C   . GLY A 1 55  ? -2.358  4.397   3.851   1.00 12.65 ? 55  GLY A C   1 
ATOM   441  O O   . GLY A 1 55  ? -2.215  5.102   2.847   1.00 14.90 ? 55  GLY A O   1 
ATOM   442  N N   . ILE A 1 56  ? -1.393  3.652   4.377   1.00 13.20 ? 56  ILE A N   1 
ATOM   443  C CA  . ILE A 1 56  ? -0.008  3.672   3.914   1.00 13.86 ? 56  ILE A CA  1 
ATOM   444  C C   . ILE A 1 56  ? 0.187   3.201   2.466   1.00 13.20 ? 56  ILE A C   1 
ATOM   445  O O   . ILE A 1 56  ? 1.103   3.646   1.784   1.00 14.32 ? 56  ILE A O   1 
ATOM   446  C CB  . ILE A 1 56  ? 0.883   2.880   4.920   1.00 14.78 ? 56  ILE A CB  1 
ATOM   447  C CG1 . ILE A 1 56  ? 2.363   3.097   4.636   1.00 11.78 ? 56  ILE A CG1 1 
ATOM   448  C CG2 . ILE A 1 56  ? 0.497   1.397   4.939   1.00 11.35 ? 56  ILE A CG2 1 
ATOM   449  C CD1 . ILE A 1 56  ? 3.234   2.621   5.798   1.00 17.27 ? 56  ILE A CD1 1 
ATOM   450  N N   . PHE A 1 57  ? -0.707  2.335   1.997   1.00 10.94 ? 57  PHE A N   1 
ATOM   451  C CA  . PHE A 1 57  ? -0.649  1.818   0.633   1.00 11.78 ? 57  PHE A CA  1 
ATOM   452  C C   . PHE A 1 57  ? -1.683  2.502   -0.280  1.00 13.96 ? 57  PHE A C   1 
ATOM   453  O O   . PHE A 1 57  ? -1.807  2.165   -1.458  1.00 15.00 ? 57  PHE A O   1 
ATOM   454  C CB  . PHE A 1 57  ? -0.873  0.300   0.652   1.00 10.99 ? 57  PHE A CB  1 
ATOM   455  C CG  . PHE A 1 57  ? 0.274   -0.472  1.245   1.00 12.07 ? 57  PHE A CG  1 
ATOM   456  C CD1 . PHE A 1 57  ? 1.552   -0.343  0.719   1.00 11.73 ? 57  PHE A CD1 1 
ATOM   457  C CD2 . PHE A 1 57  ? 0.086   -1.278  2.357   1.00 14.09 ? 57  PHE A CD2 1 
ATOM   458  C CE1 . PHE A 1 57  ? 2.635   -1.015  1.288   1.00 17.10 ? 57  PHE A CE1 1 
ATOM   459  C CE2 . PHE A 1 57  ? 1.160   -1.957  2.932   1.00 15.15 ? 57  PHE A CE2 1 
ATOM   460  C CZ  . PHE A 1 57  ? 2.438   -1.813  2.398   1.00 13.73 ? 57  PHE A CZ  1 
ATOM   461  N N   . GLN A 1 58  ? -2.450  3.435   0.287   1.00 12.46 ? 58  GLN A N   1 
ATOM   462  C CA  . GLN A 1 58  ? -3.475  4.152   -0.458  1.00 11.25 ? 58  GLN A CA  1 
ATOM   463  C C   . GLN A 1 58  ? -4.401  3.225   -1.261  1.00 10.03 ? 58  GLN A C   1 
ATOM   464  O O   . GLN A 1 58  ? -4.530  3.345   -2.478  1.00 10.04 ? 58  GLN A O   1 
ATOM   465  C CB  . GLN A 1 58  ? -2.821  5.232   -1.327  1.00 10.46 ? 58  GLN A CB  1 
ATOM   466  C CG  . GLN A 1 58  ? -2.281  6.381   -0.504  1.00 9.86  ? 58  GLN A CG  1 
ATOM   467  C CD  . GLN A 1 58  ? -3.391  7.208   0.123   1.00 14.69 ? 58  GLN A CD  1 
ATOM   468  O OE1 . GLN A 1 58  ? -4.032  7.996   -0.559  1.00 16.53 ? 58  GLN A OE1 1 
ATOM   469  N NE2 . GLN A 1 58  ? -3.633  7.020   1.414   1.00 9.73  ? 58  GLN A NE2 1 
ATOM   470  N N   . ILE A 1 59  ? -5.045  2.308   -0.551  1.00 8.05  ? 59  ILE A N   1 
ATOM   471  C CA  . ILE A 1 59  ? -5.952  1.339   -1.152  1.00 10.46 ? 59  ILE A CA  1 
ATOM   472  C C   . ILE A 1 59  ? -7.365  1.918   -1.326  1.00 12.50 ? 59  ILE A C   1 
ATOM   473  O O   . ILE A 1 59  ? -7.974  2.454   -0.388  1.00 12.73 ? 59  ILE A O   1 
ATOM   474  C CB  . ILE A 1 59  ? -5.950  0.026   -0.338  1.00 10.52 ? 59  ILE A CB  1 
ATOM   475  C CG1 . ILE A 1 59  ? -4.597  -0.683  -0.534  1.00 10.53 ? 59  ILE A CG1 1 
ATOM   476  C CG2 . ILE A 1 59  ? -7.115  -0.866  -0.764  1.00 8.80  ? 59  ILE A CG2 1 
ATOM   477  C CD1 . ILE A 1 59  ? -4.156  -1.540  0.625   1.00 10.58 ? 59  ILE A CD1 1 
ATOM   478  N N   . ASN A 1 60  ? -7.875  1.760   -2.541  1.00 13.24 ? 60  ASN A N   1 
ATOM   479  C CA  . ASN A 1 60  ? -9.167  2.294   -2.985  1.00 12.57 ? 60  ASN A CA  1 
ATOM   480  C C   . ASN A 1 60  ? -10.459 1.647   -2.455  1.00 10.63 ? 60  ASN A C   1 
ATOM   481  O O   . ASN A 1 60  ? -10.649 0.432   -2.516  1.00 9.74  ? 60  ASN A O   1 
ATOM   482  C CB  . ASN A 1 60  ? -9.166  2.312   -4.525  1.00 14.22 ? 60  ASN A CB  1 
ATOM   483  C CG  . ASN A 1 60  ? -10.322 3.077   -5.098  1.00 14.40 ? 60  ASN A CG  1 
ATOM   484  O OD1 . ASN A 1 60  ? -11.294 2.490   -5.524  1.00 17.61 ? 60  ASN A OD1 1 
ATOM   485  N ND2 . ASN A 1 60  ? -10.242 4.401   -5.067  1.00 16.04 ? 60  ASN A ND2 1 
ATOM   486  N N   . SER A 1 61  ? -11.384 2.478   -2.004  1.00 7.89  ? 61  SER A N   1 
ATOM   487  C CA  . SER A 1 61  ? -12.642 1.977   -1.480  1.00 9.08  ? 61  SER A CA  1 
ATOM   488  C C   . SER A 1 61  ? -13.639 1.445   -2.520  1.00 11.02 ? 61  SER A C   1 
ATOM   489  O O   . SER A 1 61  ? -14.665 0.863   -2.154  1.00 11.80 ? 61  SER A O   1 
ATOM   490  C CB  . SER A 1 61  ? -13.315 3.047   -0.620  1.00 7.90  ? 61  SER A CB  1 
ATOM   491  O OG  . SER A 1 61  ? -13.489 4.239   -1.375  1.00 9.79  ? 61  SER A OG  1 
ATOM   492  N N   . ARG A 1 62  ? -13.372 1.644   -3.809  1.00 13.19 ? 62  ARG A N   1 
ATOM   493  C CA  . ARG A 1 62  ? -14.306 1.126   -4.807  1.00 16.23 ? 62  ARG A CA  1 
ATOM   494  C C   . ARG A 1 62  ? -14.071 -0.356  -5.087  1.00 16.62 ? 62  ARG A C   1 
ATOM   495  O O   . ARG A 1 62  ? -15.020 -1.106  -5.356  1.00 19.11 ? 62  ARG A O   1 
ATOM   496  C CB  . ARG A 1 62  ? -14.256 1.921   -6.113  1.00 17.79 ? 62  ARG A CB  1 
ATOM   497  C CG  . ARG A 1 62  ? -15.008 1.221   -7.276  1.00 23.34 ? 62  ARG A CG  1 
ATOM   498  C CD  . ARG A 1 62  ? -15.546 2.172   -8.334  1.00 20.89 ? 62  ARG A CD  1 
ATOM   499  N NE  . ARG A 1 62  ? -16.533 3.082   -7.765  1.00 20.53 ? 62  ARG A NE  1 
ATOM   500  C CZ  . ARG A 1 62  ? -16.368 4.399   -7.694  1.00 19.70 ? 62  ARG A CZ  1 
ATOM   501  N NH1 . ARG A 1 62  ? -15.259 4.971   -8.167  1.00 22.73 ? 62  ARG A NH1 1 
ATOM   502  N NH2 . ARG A 1 62  ? -17.292 5.147   -7.109  1.00 20.43 ? 62  ARG A NH2 1 
ATOM   503  N N   . TYR A 1 63  ? -12.818 -0.793  -4.982  1.00 15.38 ? 63  TYR A N   1 
ATOM   504  C CA  . TYR A 1 63  ? -12.492 -2.181  -5.280  1.00 14.75 ? 63  TYR A CA  1 
ATOM   505  C C   . TYR A 1 63  ? -12.037 -3.097  -4.150  1.00 14.86 ? 63  TYR A C   1 
ATOM   506  O O   . TYR A 1 63  ? -12.297 -4.301  -4.179  1.00 15.31 ? 63  TYR A O   1 
ATOM   507  C CB  . TYR A 1 63  ? -11.388 -2.235  -6.341  1.00 18.56 ? 63  TYR A CB  1 
ATOM   508  C CG  . TYR A 1 63  ? -11.636 -1.404  -7.571  1.00 20.79 ? 63  TYR A CG  1 
ATOM   509  C CD1 . TYR A 1 63  ? -12.503 -1.849  -8.566  1.00 22.33 ? 63  TYR A CD1 1 
ATOM   510  C CD2 . TYR A 1 63  ? -11.008 -0.165  -7.734  1.00 21.08 ? 63  TYR A CD2 1 
ATOM   511  C CE1 . TYR A 1 63  ? -12.747 -1.081  -9.687  1.00 25.82 ? 63  TYR A CE1 1 
ATOM   512  C CE2 . TYR A 1 63  ? -11.248 0.613   -8.851  1.00 24.85 ? 63  TYR A CE2 1 
ATOM   513  C CZ  . TYR A 1 63  ? -12.123 0.146   -9.822  1.00 26.33 ? 63  TYR A CZ  1 
ATOM   514  O OH  . TYR A 1 63  ? -12.396 0.917   -10.928 1.00 33.54 ? 63  TYR A OH  1 
ATOM   515  N N   . TRP A 1 64  ? -11.358 -2.545  -3.151  1.00 13.49 ? 64  TRP A N   1 
ATOM   516  C CA  . TRP A 1 64  ? -10.776 -3.393  -2.123  1.00 14.15 ? 64  TRP A CA  1 
ATOM   517  C C   . TRP A 1 64  ? -11.335 -3.381  -0.716  1.00 13.32 ? 64  TRP A C   1 
ATOM   518  O O   . TRP A 1 64  ? -11.402 -4.429  -0.070  1.00 14.27 ? 64  TRP A O   1 
ATOM   519  C CB  . TRP A 1 64  ? -9.270  -3.146  -2.093  1.00 12.06 ? 64  TRP A CB  1 
ATOM   520  C CG  . TRP A 1 64  ? -8.690  -3.108  -3.464  1.00 10.79 ? 64  TRP A CG  1 
ATOM   521  C CD1 . TRP A 1 64  ? -8.261  -2.013  -4.146  1.00 8.46  ? 64  TRP A CD1 1 
ATOM   522  C CD2 . TRP A 1 64  ? -8.517  -4.226  -4.344  1.00 10.72 ? 64  TRP A CD2 1 
ATOM   523  N NE1 . TRP A 1 64  ? -7.828  -2.376  -5.399  1.00 8.61  ? 64  TRP A NE1 1 
ATOM   524  C CE2 . TRP A 1 64  ? -7.973  -3.733  -5.542  1.00 11.09 ? 64  TRP A CE2 1 
ATOM   525  C CE3 . TRP A 1 64  ? -8.754  -5.599  -4.222  1.00 7.98  ? 64  TRP A CE3 1 
ATOM   526  C CZ2 . TRP A 1 64  ? -7.673  -4.566  -6.621  1.00 11.99 ? 64  TRP A CZ2 1 
ATOM   527  C CZ3 . TRP A 1 64  ? -8.448  -6.430  -5.299  1.00 10.09 ? 64  TRP A CZ3 1 
ATOM   528  C CH2 . TRP A 1 64  ? -7.914  -5.911  -6.474  1.00 9.70  ? 64  TRP A CH2 1 
ATOM   529  N N   . CYS A 1 65  ? -11.733 -2.218  -0.232  1.00 12.37 ? 65  CYS A N   1 
ATOM   530  C CA  . CYS A 1 65  ? -12.263 -2.137  1.117   1.00 14.02 ? 65  CYS A CA  1 
ATOM   531  C C   . CYS A 1 65  ? -13.612 -1.445  1.095   1.00 15.35 ? 65  CYS A C   1 
ATOM   532  O O   . CYS A 1 65  ? -13.931 -0.743  0.127   1.00 15.95 ? 65  CYS A O   1 
ATOM   533  C CB  . CYS A 1 65  ? -11.271 -1.404  2.050   1.00 9.58  ? 65  CYS A CB  1 
ATOM   534  S SG  . CYS A 1 65  ? -11.021 0.388   1.766   1.00 11.41 ? 65  CYS A SG  1 
ATOM   535  N N   . ASN A 1 66  ? -14.425 -1.670  2.122   1.00 12.99 ? 66  ASN A N   1 
ATOM   536  C CA  . ASN A 1 66  ? -15.732 -1.045  2.162   1.00 15.82 ? 66  ASN A CA  1 
ATOM   537  C C   . ASN A 1 66  ? -15.870 0.055   3.205   1.00 16.79 ? 66  ASN A C   1 
ATOM   538  O O   . ASN A 1 66  ? -15.676 -0.188  4.400   1.00 14.74 ? 66  ASN A O   1 
ATOM   539  C CB  . ASN A 1 66  ? -16.827 -2.081  2.387   1.00 20.45 ? 66  ASN A CB  1 
ATOM   540  C CG  . ASN A 1 66  ? -18.225 -1.492  2.251   1.00 24.13 ? 66  ASN A CG  1 
ATOM   541  O OD1 . ASN A 1 66  ? -18.488 -0.678  1.368   1.00 25.72 ? 66  ASN A OD1 1 
ATOM   542  N ND2 . ASN A 1 66  ? -19.119 -1.877  3.147   1.00 27.10 ? 66  ASN A ND2 1 
ATOM   543  N N   . ASP A 1 67  ? -16.163 1.278   2.746   1.00 15.23 ? 67  ASP A N   1 
ATOM   544  C CA  . ASP A 1 67  ? -16.396 2.396   3.662   1.00 12.37 ? 67  ASP A CA  1 
ATOM   545  C C   . ASP A 1 67  ? -17.871 2.820   3.651   1.00 13.04 ? 67  ASP A C   1 
ATOM   546  O O   . ASP A 1 67  ? -18.244 3.808   4.287   1.00 10.14 ? 67  ASP A O   1 
ATOM   547  C CB  . ASP A 1 67  ? -15.444 3.580   3.395   1.00 10.53 ? 67  ASP A CB  1 
ATOM   548  C CG  . ASP A 1 67  ? -15.671 4.262   2.051   1.00 9.23  ? 67  ASP A CG  1 
ATOM   549  O OD1 . ASP A 1 67  ? -16.581 3.878   1.285   1.00 9.12  ? 67  ASP A OD1 1 
ATOM   550  O OD2 . ASP A 1 67  ? -14.915 5.207   1.751   1.00 9.31  ? 67  ASP A OD2 1 
ATOM   551  N N   . GLY A 1 68  ? -18.705 2.056   2.936   1.00 9.23  ? 68  GLY A N   1 
ATOM   552  C CA  . GLY A 1 68  ? -20.130 2.342   2.876   1.00 11.82 ? 68  GLY A CA  1 
ATOM   553  C C   . GLY A 1 68  ? -20.635 3.528   2.069   1.00 11.76 ? 68  GLY A C   1 
ATOM   554  O O   . GLY A 1 68  ? -21.796 3.560   1.673   1.00 14.24 ? 68  GLY A O   1 
ATOM   555  N N   . LYS A 1 69  ? -19.773 4.496   1.786   1.00 13.85 ? 69  LYS A N   1 
ATOM   556  C CA  . LYS A 1 69  ? -20.191 5.673   1.025   1.00 14.49 ? 69  LYS A CA  1 
ATOM   557  C C   . LYS A 1 69  ? -19.597 5.761   -0.391  1.00 16.27 ? 69  LYS A C   1 
ATOM   558  O O   . LYS A 1 69  ? -19.586 6.836   -1.002  1.00 17.12 ? 69  LYS A O   1 
ATOM   559  C CB  . LYS A 1 69  ? -19.882 6.945   1.823   1.00 10.88 ? 69  LYS A CB  1 
ATOM   560  C CG  . LYS A 1 69  ? -18.436 7.082   2.177   1.00 13.02 ? 69  LYS A CG  1 
ATOM   561  C CD  . LYS A 1 69  ? -18.219 8.246   3.100   1.00 16.37 ? 69  LYS A CD  1 
ATOM   562  C CE  . LYS A 1 69  ? -16.739 8.544   3.246   1.00 22.04 ? 69  LYS A CE  1 
ATOM   563  N NZ  . LYS A 1 69  ? -15.956 7.315   3.599   1.00 28.09 ? 69  LYS A NZ  1 
ATOM   564  N N   . THR A 1 70  ? -19.093 4.647   -0.907  1.00 15.34 ? 70  THR A N   1 
ATOM   565  C CA  . THR A 1 70  ? -18.520 4.623   -2.250  1.00 15.03 ? 70  THR A CA  1 
ATOM   566  C C   . THR A 1 70  ? -19.478 3.933   -3.223  1.00 15.05 ? 70  THR A C   1 
ATOM   567  O O   . THR A 1 70  ? -19.757 2.748   -3.087  1.00 15.82 ? 70  THR A O   1 
ATOM   568  C CB  . THR A 1 70  ? -17.151 3.913   -2.266  1.00 13.15 ? 70  THR A CB  1 
ATOM   569  O OG1 . THR A 1 70  ? -16.287 4.573   -1.341  1.00 8.37  ? 70  THR A OG1 1 
ATOM   570  C CG2 . THR A 1 70  ? -16.523 3.965   -3.664  1.00 9.57  ? 70  THR A CG2 1 
ATOM   571  N N   . PRO A 1 71  ? -20.020 4.680   -4.188  1.00 17.42 ? 71  PRO A N   1 
ATOM   572  C CA  . PRO A 1 71  ? -20.944 4.069   -5.152  1.00 20.53 ? 71  PRO A CA  1 
ATOM   573  C C   . PRO A 1 71  ? -20.254 2.968   -5.954  1.00 23.11 ? 71  PRO A C   1 
ATOM   574  O O   . PRO A 1 71  ? -19.082 3.098   -6.333  1.00 22.17 ? 71  PRO A O   1 
ATOM   575  C CB  . PRO A 1 71  ? -21.373 5.255   -6.025  1.00 19.36 ? 71  PRO A CB  1 
ATOM   576  C CG  . PRO A 1 71  ? -20.250 6.212   -5.911  1.00 20.17 ? 71  PRO A CG  1 
ATOM   577  C CD  . PRO A 1 71  ? -19.841 6.117   -4.456  1.00 18.99 ? 71  PRO A CD  1 
ATOM   578  N N   . GLY A 1 72  ? -20.943 1.837   -6.089  1.00 23.19 ? 72  GLY A N   1 
ATOM   579  C CA  . GLY A 1 72  ? -20.408 0.720   -6.847  1.00 27.04 ? 72  GLY A CA  1 
ATOM   580  C C   . GLY A 1 72  ? -19.186 0.018   -6.285  1.00 28.84 ? 72  GLY A C   1 
ATOM   581  O O   . GLY A 1 72  ? -18.415 -0.572  -7.045  1.00 28.79 ? 72  GLY A O   1 
ATOM   582  N N   . ALA A 1 73  ? -19.013 0.067   -4.963  1.00 29.68 ? 73  ALA A N   1 
ATOM   583  C CA  . ALA A 1 73  ? -17.877 -0.584  -4.302  1.00 30.01 ? 73  ALA A CA  1 
ATOM   584  C C   . ALA A 1 73  ? -17.959 -2.119  -4.429  1.00 28.90 ? 73  ALA A C   1 
ATOM   585  O O   . ALA A 1 73  ? -19.058 -2.679  -4.479  1.00 29.17 ? 73  ALA A O   1 
ATOM   586  C CB  . ALA A 1 73  ? -17.826 -0.177  -2.836  1.00 29.27 ? 73  ALA A CB  1 
ATOM   587  N N   . VAL A 1 74  ? -16.809 -2.795  -4.428  1.00 27.57 ? 74  VAL A N   1 
ATOM   588  C CA  . VAL A 1 74  ? -16.759 -4.256  -4.565  1.00 26.10 ? 74  VAL A CA  1 
ATOM   589  C C   . VAL A 1 74  ? -16.242 -5.014  -3.322  1.00 23.84 ? 74  VAL A C   1 
ATOM   590  O O   . VAL A 1 74  ? -16.611 -6.174  -3.083  1.00 26.37 ? 74  VAL A O   1 
ATOM   591  C CB  . VAL A 1 74  ? -15.883 -4.673  -5.780  1.00 27.44 ? 74  VAL A CB  1 
ATOM   592  C CG1 . VAL A 1 74  ? -16.144 -6.131  -6.137  1.00 29.26 ? 74  VAL A CG1 1 
ATOM   593  C CG2 . VAL A 1 74  ? -16.173 -3.782  -6.998  1.00 30.19 ? 74  VAL A CG2 1 
ATOM   594  N N   . ASN A 1 75  ? -15.338 -4.388  -2.575  1.00 20.54 ? 75  ASN A N   1 
ATOM   595  C CA  . ASN A 1 75  ? -14.759 -4.990  -1.366  1.00 17.42 ? 75  ASN A CA  1 
ATOM   596  C C   . ASN A 1 75  ? -14.098 -6.369  -1.539  1.00 16.57 ? 75  ASN A C   1 
ATOM   597  O O   . ASN A 1 75  ? -14.383 -7.320  -0.792  1.00 15.95 ? 75  ASN A O   1 
ATOM   598  C CB  . ASN A 1 75  ? -15.791 -5.028  -0.231  1.00 17.06 ? 75  ASN A CB  1 
ATOM   599  C CG  . ASN A 1 75  ? -15.157 -5.355  1.117   1.00 18.56 ? 75  ASN A CG  1 
ATOM   600  O OD1 . ASN A 1 75  ? -13.932 -5.350  1.249   1.00 20.55 ? 75  ASN A OD1 1 
ATOM   601  N ND2 . ASN A 1 75  ? -15.976 -5.660  2.113   1.00 19.30 ? 75  ASN A ND2 1 
ATOM   602  N N   . ALA A 1 76  ? -13.166 -6.453  -2.485  1.00 16.06 ? 76  ALA A N   1 
ATOM   603  C CA  . ALA A 1 76  ? -12.454 -7.699  -2.774  1.00 17.29 ? 76  ALA A CA  1 
ATOM   604  C C   . ALA A 1 76  ? -11.542 -8.173  -1.639  1.00 19.07 ? 76  ALA A C   1 
ATOM   605  O O   . ALA A 1 76  ? -11.180 -9.354  -1.578  1.00 20.09 ? 76  ALA A O   1 
ATOM   606  C CB  . ALA A 1 76  ? -11.684 -7.568  -4.065  1.00 16.41 ? 76  ALA A CB  1 
ATOM   607  N N   . CYS A 1 77  ? -11.150 -7.258  -0.758  1.00 19.18 ? 77  CYS A N   1 
ATOM   608  C CA  . CYS A 1 77  ? -10.309 -7.630  0.381   1.00 20.14 ? 77  CYS A CA  1 
ATOM   609  C C   . CYS A 1 77  ? -11.155 -8.041  1.585   1.00 20.42 ? 77  CYS A C   1 
ATOM   610  O O   . CYS A 1 77  ? -10.613 -8.499  2.593   1.00 19.54 ? 77  CYS A O   1 
ATOM   611  C CB  . CYS A 1 77  ? -9.400  -6.486  0.811   1.00 20.71 ? 77  CYS A CB  1 
ATOM   612  S SG  . CYS A 1 77  ? -7.947  -6.240  -0.248  1.00 15.92 ? 77  CYS A SG  1 
ATOM   613  N N   . HIS A 1 78  ? -12.473 -7.859  1.491   1.00 20.62 ? 78  HIS A N   1 
ATOM   614  C CA  . HIS A 1 78  ? -13.386 -8.214  2.577   1.00 22.49 ? 78  HIS A CA  1 
ATOM   615  C C   . HIS A 1 78  ? -12.991 -7.492  3.855   1.00 19.68 ? 78  HIS A C   1 
ATOM   616  O O   . HIS A 1 78  ? -13.005 -8.076  4.934   1.00 20.02 ? 78  HIS A O   1 
ATOM   617  C CB  . HIS A 1 78  ? -13.388 -9.730  2.811   1.00 24.31 ? 78  HIS A CB  1 
ATOM   618  C CG  . HIS A 1 78  ? -13.812 -10.512 1.613   1.00 31.70 ? 78  HIS A CG  1 
ATOM   619  N ND1 . HIS A 1 78  ? -15.136 -10.633 1.229   1.00 34.78 ? 78  HIS A ND1 1 
ATOM   620  C CD2 . HIS A 1 78  ? -13.098 -11.183 0.676   1.00 34.04 ? 78  HIS A CD2 1 
ATOM   621  C CE1 . HIS A 1 78  ? -15.204 -11.329 0.114   1.00 37.02 ? 78  HIS A CE1 1 
ATOM   622  N NE2 . HIS A 1 78  ? -13.989 -11.673 -0.238  1.00 37.74 ? 78  HIS A NE2 1 
ATOM   623  N N   . LEU A 1 79  ? -12.686 -6.203  3.724   1.00 18.35 ? 79  LEU A N   1 
ATOM   624  C CA  . LEU A 1 79  ? -12.242 -5.374  4.839   1.00 18.88 ? 79  LEU A CA  1 
ATOM   625  C C   . LEU A 1 79  ? -12.980 -4.068  4.928   1.00 16.69 ? 79  LEU A C   1 
ATOM   626  O O   . LEU A 1 79  ? -13.358 -3.494  3.911   1.00 15.28 ? 79  LEU A O   1 
ATOM   627  C CB  . LEU A 1 79  ? -10.761 -4.999  4.683   1.00 22.11 ? 79  LEU A CB  1 
ATOM   628  C CG  . LEU A 1 79  ? -9.644  -6.008  4.887   1.00 24.73 ? 79  LEU A CG  1 
ATOM   629  C CD1 . LEU A 1 79  ? -8.314  -5.312  4.607   1.00 25.03 ? 79  LEU A CD1 1 
ATOM   630  C CD2 . LEU A 1 79  ? -9.703  -6.534  6.315   1.00 26.52 ? 79  LEU A CD2 1 
ATOM   631  N N   . SER A 1 80  ? -13.133 -3.590  6.161   1.00 16.59 ? 80  SER A N   1 
ATOM   632  C CA  . SER A 1 80  ? -13.740 -2.296  6.436   1.00 15.14 ? 80  SER A CA  1 
ATOM   633  C C   . SER A 1 80  ? -12.554 -1.368  6.200   1.00 15.16 ? 80  SER A C   1 
ATOM   634  O O   . SER A 1 80  ? -11.447 -1.645  6.690   1.00 14.67 ? 80  SER A O   1 
ATOM   635  C CB  . SER A 1 80  ? -14.189 -2.208  7.891   1.00 16.45 ? 80  SER A CB  1 
ATOM   636  O OG  . SER A 1 80  ? -14.456 -0.872  8.257   1.00 22.09 ? 80  SER A OG  1 
ATOM   637  N N   . CYS A 1 81  ? -12.756 -0.294  5.445   1.00 12.72 ? 81  CYS A N   1 
ATOM   638  C CA  . CYS A 1 81  ? -11.651 0.598   5.152   1.00 11.78 ? 81  CYS A CA  1 
ATOM   639  C C   . CYS A 1 81  ? -10.977 1.127   6.392   1.00 10.84 ? 81  CYS A C   1 
ATOM   640  O O   . CYS A 1 81  ? -9.805  1.506   6.348   1.00 11.06 ? 81  CYS A O   1 
ATOM   641  C CB  . CYS A 1 81  ? -12.087 1.753   4.265   1.00 13.67 ? 81  CYS A CB  1 
ATOM   642  S SG  . CYS A 1 81  ? -12.654 1.236   2.610   1.00 12.32 ? 81  CYS A SG  1 
ATOM   643  N N   . SER A 1 82  ? -11.718 1.165   7.496   1.00 11.36 ? 82  SER A N   1 
ATOM   644  C CA  . SER A 1 82  ? -11.173 1.645   8.771   1.00 14.04 ? 82  SER A CA  1 
ATOM   645  C C   . SER A 1 82  ? -9.997  0.769   9.214   1.00 12.02 ? 82  SER A C   1 
ATOM   646  O O   . SER A 1 82  ? -9.057  1.255   9.848   1.00 13.39 ? 82  SER A O   1 
ATOM   647  C CB  . SER A 1 82  ? -12.271 1.688   9.870   1.00 11.99 ? 82  SER A CB  1 
ATOM   648  O OG  . SER A 1 82  ? -12.842 0.409   10.135  1.00 12.44 ? 82  SER A OG  1 
ATOM   649  N N   . ALA A 1 83  ? -10.024 -0.505  8.811   1.00 12.38 ? 83  ALA A N   1 
ATOM   650  C CA  . ALA A 1 83  ? -8.970  -1.453  9.159   1.00 12.32 ? 83  ALA A CA  1 
ATOM   651  C C   . ALA A 1 83  ? -7.628  -1.023  8.565   1.00 13.34 ? 83  ALA A C   1 
ATOM   652  O O   . ALA A 1 83  ? -6.564  -1.345  9.100   1.00 13.65 ? 83  ALA A O   1 
ATOM   653  C CB  . ALA A 1 83  ? -9.353  -2.861  8.690   1.00 9.30  ? 83  ALA A CB  1 
ATOM   654  N N   . LEU A 1 84  ? -7.693  -0.239  7.498   1.00 13.95 ? 84  LEU A N   1 
ATOM   655  C CA  . LEU A 1 84  ? -6.514  0.275   6.823   1.00 13.52 ? 84  LEU A CA  1 
ATOM   656  C C   . LEU A 1 84  ? -6.041  1.640   7.371   1.00 11.91 ? 84  LEU A C   1 
ATOM   657  O O   . LEU A 1 84  ? -5.211  2.308   6.757   1.00 13.32 ? 84  LEU A O   1 
ATOM   658  C CB  . LEU A 1 84  ? -6.788  0.392   5.317   1.00 16.79 ? 84  LEU A CB  1 
ATOM   659  C CG  . LEU A 1 84  ? -7.312  -0.856  4.601   1.00 18.50 ? 84  LEU A CG  1 
ATOM   660  C CD1 . LEU A 1 84  ? -7.494  -0.537  3.097   1.00 17.41 ? 84  LEU A CD1 1 
ATOM   661  C CD2 . LEU A 1 84  ? -6.354  -2.037  4.812   1.00 14.46 ? 84  LEU A CD2 1 
ATOM   662  N N   . LEU A 1 85  ? -6.590  2.083   8.493   1.00 14.21 ? 85  LEU A N   1 
ATOM   663  C CA  . LEU A 1 85  ? -6.154  3.354   9.068   1.00 13.84 ? 85  LEU A CA  1 
ATOM   664  C C   . LEU A 1 85  ? -5.521  3.122   10.438  1.00 14.53 ? 85  LEU A C   1 
ATOM   665  O O   . LEU A 1 85  ? -5.156  4.078   11.118  1.00 16.26 ? 85  LEU A O   1 
ATOM   666  C CB  . LEU A 1 85  ? -7.318  4.341   9.177   1.00 11.52 ? 85  LEU A CB  1 
ATOM   667  C CG  . LEU A 1 85  ? -7.839  4.931   7.861   1.00 13.45 ? 85  LEU A CG  1 
ATOM   668  C CD1 . LEU A 1 85  ? -9.107  5.743   8.109   1.00 15.25 ? 85  LEU A CD1 1 
ATOM   669  C CD2 . LEU A 1 85  ? -6.770  5.794   7.222   1.00 11.12 ? 85  LEU A CD2 1 
ATOM   670  N N   . GLN A 1 86  ? -5.390  1.847   10.818  1.00 14.78 ? 86  GLN A N   1 
ATOM   671  C CA  . GLN A 1 86  ? -4.815  1.425   12.103  1.00 15.58 ? 86  GLN A CA  1 
ATOM   672  C C   . GLN A 1 86  ? -3.287  1.515   12.119  1.00 15.74 ? 86  GLN A C   1 
ATOM   673  O O   . GLN A 1 86  ? -2.640  1.456   11.074  1.00 14.72 ? 86  GLN A O   1 
ATOM   674  C CB  . GLN A 1 86  ? -5.217  -0.028  12.403  1.00 17.16 ? 86  GLN A CB  1 
ATOM   675  C CG  . GLN A 1 86  ? -6.700  -0.267  12.559  1.00 22.98 ? 86  GLN A CG  1 
ATOM   676  C CD  . GLN A 1 86  ? -7.318  0.592   13.643  1.00 28.83 ? 86  GLN A CD  1 
ATOM   677  O OE1 . GLN A 1 86  ? -7.839  1.668   13.373  1.00 34.81 ? 86  GLN A OE1 1 
ATOM   678  N NE2 . GLN A 1 86  ? -7.254  0.124   14.880  1.00 30.56 ? 86  GLN A NE2 1 
ATOM   679  N N   . ASP A 1 87  ? -2.706  1.588   13.313  1.00 14.92 ? 87  ASP A N   1 
ATOM   680  C CA  . ASP A 1 87  ? -1.249  1.676   13.466  1.00 16.45 ? 87  ASP A CA  1 
ATOM   681  C C   . ASP A 1 87  ? -0.580  0.352   13.097  1.00 14.90 ? 87  ASP A C   1 
ATOM   682  O O   . ASP A 1 87  ? 0.553   0.319   12.642  1.00 17.31 ? 87  ASP A O   1 
ATOM   683  C CB  . ASP A 1 87  ? -0.893  2.085   14.894  1.00 21.16 ? 87  ASP A CB  1 
ATOM   684  C CG  . ASP A 1 87  ? -1.220  3.544   15.196  1.00 26.07 ? 87  ASP A CG  1 
ATOM   685  O OD1 . ASP A 1 87  ? -1.420  4.348   14.248  1.00 27.75 ? 87  ASP A OD1 1 
ATOM   686  O OD2 . ASP A 1 87  ? -1.247  3.896   16.396  1.00 29.29 ? 87  ASP A OD2 1 
ATOM   687  N N   . ASN A 1 88  ? -1.281  -0.740  13.364  1.00 14.44 ? 88  ASN A N   1 
ATOM   688  C CA  . ASN A 1 88  ? -0.857  -2.087  13.033  1.00 16.72 ? 88  ASN A CA  1 
ATOM   689  C C   . ASN A 1 88  ? -1.240  -2.259  11.553  1.00 19.12 ? 88  ASN A C   1 
ATOM   690  O O   . ASN A 1 88  ? -2.434  -2.361  11.228  1.00 18.00 ? 88  ASN A O   1 
ATOM   691  C CB  . ASN A 1 88  ? -1.663  -3.080  13.877  1.00 19.40 ? 88  ASN A CB  1 
ATOM   692  C CG  . ASN A 1 88  ? -1.417  -4.543  13.502  1.00 23.57 ? 88  ASN A CG  1 
ATOM   693  O OD1 . ASN A 1 88  ? -0.931  -4.853  12.418  1.00 24.98 ? 88  ASN A OD1 1 
ATOM   694  N ND2 . ASN A 1 88  ? -1.791  -5.449  14.400  1.00 27.78 ? 88  ASN A ND2 1 
ATOM   695  N N   . ILE A 1 89  ? -0.245  -2.374  10.674  1.00 17.69 ? 89  ILE A N   1 
ATOM   696  C CA  . ILE A 1 89  ? -0.493  -2.500  9.239   1.00 13.95 ? 89  ILE A CA  1 
ATOM   697  C C   . ILE A 1 89  ? -0.694  -3.924  8.697   1.00 13.27 ? 89  ILE A C   1 
ATOM   698  O O   . ILE A 1 89  ? -0.670  -4.136  7.481   1.00 13.16 ? 89  ILE A O   1 
ATOM   699  C CB  . ILE A 1 89  ? 0.626   -1.775  8.462   1.00 14.56 ? 89  ILE A CB  1 
ATOM   700  C CG1 . ILE A 1 89  ? 1.945   -2.546  8.605   1.00 18.52 ? 89  ILE A CG1 1 
ATOM   701  C CG2 . ILE A 1 89  ? 0.797   -0.365  9.047   1.00 15.66 ? 89  ILE A CG2 1 
ATOM   702  C CD1 . ILE A 1 89  ? 3.050   -2.172  7.591   1.00 20.19 ? 89  ILE A CD1 1 
ATOM   703  N N   . ALA A 1 90  ? -0.934  -4.888  9.582   1.00 8.36  ? 90  ALA A N   1 
ATOM   704  C CA  . ALA A 1 90  ? -1.124  -6.265  9.162   1.00 8.66  ? 90  ALA A CA  1 
ATOM   705  C C   . ALA A 1 90  ? -2.257  -6.458  8.144   1.00 8.58  ? 90  ALA A C   1 
ATOM   706  O O   . ALA A 1 90  ? -2.073  -7.161  7.141   1.00 9.10  ? 90  ALA A O   1 
ATOM   707  C CB  . ALA A 1 90  ? -1.330  -7.159  10.359  1.00 7.49  ? 90  ALA A CB  1 
ATOM   708  N N   . ASP A 1 91  ? -3.415  -5.839  8.387   1.00 9.26  ? 91  ASP A N   1 
ATOM   709  C CA  . ASP A 1 91  ? -4.550  -5.948  7.472   1.00 10.13 ? 91  ASP A CA  1 
ATOM   710  C C   . ASP A 1 91  ? -4.253  -5.226  6.154   1.00 10.54 ? 91  ASP A C   1 
ATOM   711  O O   . ASP A 1 91  ? -4.652  -5.697  5.080   1.00 12.72 ? 91  ASP A O   1 
ATOM   712  C CB  . ASP A 1 91  ? -5.805  -5.380  8.112   1.00 13.58 ? 91  ASP A CB  1 
ATOM   713  C CG  . ASP A 1 91  ? -6.325  -6.249  9.236   1.00 18.31 ? 91  ASP A CG  1 
ATOM   714  O OD1 . ASP A 1 91  ? -6.117  -7.477  9.196   1.00 22.84 ? 91  ASP A OD1 1 
ATOM   715  O OD2 . ASP A 1 91  ? -6.962  -5.714  10.162  1.00 23.55 ? 91  ASP A OD2 1 
ATOM   716  N N   . ALA A 1 92  ? -3.529  -4.108  6.241   1.00 10.83 ? 92  ALA A N   1 
ATOM   717  C CA  . ALA A 1 92  ? -3.148  -3.321  5.072   1.00 9.91  ? 92  ALA A CA  1 
ATOM   718  C C   . ALA A 1 92  ? -2.289  -4.191  4.149   1.00 13.94 ? 92  ALA A C   1 
ATOM   719  O O   . ALA A 1 92  ? -2.472  -4.186  2.929   1.00 11.16 ? 92  ALA A O   1 
ATOM   720  C CB  . ALA A 1 92  ? -2.364  -2.094  5.495   1.00 10.19 ? 92  ALA A CB  1 
ATOM   721  N N   . VAL A 1 93  ? -1.379  -4.962  4.764   1.00 12.85 ? 93  VAL A N   1 
ATOM   722  C CA  . VAL A 1 93  ? -0.476  -5.860  4.056   1.00 8.79  ? 93  VAL A CA  1 
ATOM   723  C C   . VAL A 1 93  ? -1.226  -7.017  3.420   1.00 9.95  ? 93  VAL A C   1 
ATOM   724  O O   . VAL A 1 93  ? -1.027  -7.309  2.236   1.00 9.40  ? 93  VAL A O   1 
ATOM   725  C CB  . VAL A 1 93  ? 0.658   -6.354  4.984   1.00 7.82  ? 93  VAL A CB  1 
ATOM   726  C CG1 . VAL A 1 93  ? 1.400   -7.530  4.374   1.00 5.07  ? 93  VAL A CG1 1 
ATOM   727  C CG2 . VAL A 1 93  ? 1.640   -5.212  5.215   1.00 9.32  ? 93  VAL A CG2 1 
ATOM   728  N N   . ALA A 1 94  ? -2.108  -7.668  4.175   1.00 10.44 ? 94  ALA A N   1 
ATOM   729  C CA  . ALA A 1 94  ? -2.876  -8.774  3.615   1.00 10.06 ? 94  ALA A CA  1 
ATOM   730  C C   . ALA A 1 94  ? -3.682  -8.295  2.397   1.00 12.23 ? 94  ALA A C   1 
ATOM   731  O O   . ALA A 1 94  ? -3.779  -9.004  1.384   1.00 9.91  ? 94  ALA A O   1 
ATOM   732  C CB  . ALA A 1 94  ? -3.790  -9.380  4.648   1.00 9.41  ? 94  ALA A CB  1 
ATOM   733  N N   . CYS A 1 95  ? -4.193  -7.064  2.460   1.00 13.97 ? 95  CYS A N   1 
ATOM   734  C CA  . CYS A 1 95  ? -4.985  -6.523  1.359   1.00 12.45 ? 95  CYS A CA  1 
ATOM   735  C C   . CYS A 1 95  ? -4.092  -6.113  0.195   1.00 14.79 ? 95  CYS A C   1 
ATOM   736  O O   . CYS A 1 95  ? -4.454  -6.327  -0.976  1.00 13.76 ? 95  CYS A O   1 
ATOM   737  C CB  . CYS A 1 95  ? -5.848  -5.356  1.841   1.00 16.17 ? 95  CYS A CB  1 
ATOM   738  S SG  . CYS A 1 95  ? -7.008  -4.672  0.605   1.00 13.53 ? 95  CYS A SG  1 
ATOM   739  N N   . ALA A 1 96  ? -2.916  -5.556  0.512   1.00 13.45 ? 96  ALA A N   1 
ATOM   740  C CA  . ALA A 1 96  ? -1.957  -5.151  -0.513  1.00 11.46 ? 96  ALA A CA  1 
ATOM   741  C C   . ALA A 1 96  ? -1.553  -6.411  -1.306  1.00 11.57 ? 96  ALA A C   1 
ATOM   742  O O   . ALA A 1 96  ? -1.411  -6.347  -2.521  1.00 11.37 ? 96  ALA A O   1 
ATOM   743  C CB  . ALA A 1 96  ? -0.725  -4.509  0.131   1.00 9.08  ? 96  ALA A CB  1 
ATOM   744  N N   . LYS A 1 97  ? -1.415  -7.561  -0.626  1.00 11.97 ? 97  LYS A N   1 
ATOM   745  C CA  . LYS A 1 97  ? -1.042  -8.814  -1.288  1.00 11.89 ? 97  LYS A CA  1 
ATOM   746  C C   . LYS A 1 97  ? -2.160  -9.258  -2.213  1.00 12.32 ? 97  LYS A C   1 
ATOM   747  O O   . LYS A 1 97  ? -1.880  -9.835  -3.277  1.00 12.41 ? 97  LYS A O   1 
ATOM   748  C CB  . LYS A 1 97  ? -0.719  -9.920  -0.277  1.00 11.81 ? 97  LYS A CB  1 
ATOM   749  C CG  . LYS A 1 97  ? 0.613   -9.730  0.436   1.00 11.12 ? 97  LYS A CG  1 
ATOM   750  C CD  . LYS A 1 97  ? 0.834   -10.826 1.469   1.00 16.07 ? 97  LYS A CD  1 
ATOM   751  C CE  . LYS A 1 97  ? 2.091   -10.564 2.312   1.00 15.52 ? 97  LYS A CE  1 
ATOM   752  N NZ  . LYS A 1 97  ? 2.257   -11.603 3.372   1.00 16.59 ? 97  LYS A NZ  1 
ATOM   753  N N   . ARG A 1 98  ? -3.413  -9.024  -1.812  1.00 9.06  ? 98  ARG A N   1 
ATOM   754  C CA  . ARG A 1 98  ? -4.540  -9.386  -2.659  1.00 8.14  ? 98  ARG A CA  1 
ATOM   755  C C   . ARG A 1 98  ? -4.521  -8.518  -3.925  1.00 11.63 ? 98  ARG A C   1 
ATOM   756  O O   . ARG A 1 98  ? -4.618  -9.036  -5.039  1.00 10.95 ? 98  ARG A O   1 
ATOM   757  C CB  . ARG A 1 98  ? -5.857  -9.236  -1.910  1.00 11.69 ? 98  ARG A CB  1 
ATOM   758  C CG  . ARG A 1 98  ? -7.116  -9.258  -2.808  1.00 13.64 ? 98  ARG A CG  1 
ATOM   759  C CD  . ARG A 1 98  ? -7.327  -10.585 -3.563  1.00 15.30 ? 98  ARG A CD  1 
ATOM   760  N NE  . ARG A 1 98  ? -8.499  -10.524 -4.438  1.00 17.04 ? 98  ARG A NE  1 
ATOM   761  C CZ  . ARG A 1 98  ? -8.459  -10.155 -5.712  1.00 17.14 ? 98  ARG A CZ  1 
ATOM   762  N NH1 . ARG A 1 98  ? -7.300  -9.870  -6.285  1.00 19.31 ? 98  ARG A NH1 1 
ATOM   763  N NH2 . ARG A 1 98  ? -9.570  -10.118 -6.424  1.00 17.69 ? 98  ARG A NH2 1 
ATOM   764  N N   . VAL A 1 99  ? -4.303  -7.218  -3.750  1.00 10.17 ? 99  VAL A N   1 
ATOM   765  C CA  . VAL A 1 99  ? -4.269  -6.293  -4.875  1.00 14.56 ? 99  VAL A CA  1 
ATOM   766  C C   . VAL A 1 99  ? -3.270  -6.740  -5.952  1.00 15.69 ? 99  VAL A C   1 
ATOM   767  O O   . VAL A 1 99  ? -3.609  -6.714  -7.137  1.00 13.44 ? 99  VAL A O   1 
ATOM   768  C CB  . VAL A 1 99  ? -3.940  -4.838  -4.421  1.00 14.77 ? 99  VAL A CB  1 
ATOM   769  C CG1 . VAL A 1 99  ? -3.920  -3.895  -5.621  1.00 14.66 ? 99  VAL A CG1 1 
ATOM   770  C CG2 . VAL A 1 99  ? -4.963  -4.363  -3.403  1.00 14.90 ? 99  VAL A CG2 1 
ATOM   771  N N   . VAL A 1 100 ? -2.066  -7.158  -5.559  1.00 15.85 ? 100 VAL A N   1 
ATOM   772  C CA  . VAL A 1 100 ? -1.056  -7.594  -6.548  1.00 15.64 ? 100 VAL A CA  1 
ATOM   773  C C   . VAL A 1 100 ? -1.382  -8.900  -7.231  1.00 13.14 ? 100 VAL A C   1 
ATOM   774  O O   . VAL A 1 100 ? -0.769  -9.231  -8.250  1.00 13.59 ? 100 VAL A O   1 
ATOM   775  C CB  . VAL A 1 100 ? 0.390   -7.706  -6.002  1.00 16.19 ? 100 VAL A CB  1 
ATOM   776  C CG1 . VAL A 1 100 ? 0.925   -6.359  -5.689  1.00 16.26 ? 100 VAL A CG1 1 
ATOM   777  C CG2 . VAL A 1 100 ? 0.449   -8.652  -4.812  1.00 17.51 ? 100 VAL A CG2 1 
ATOM   778  N N   . ARG A 1 101 ? -2.302  -9.667  -6.652  1.00 15.10 ? 101 ARG A N   1 
ATOM   779  C CA  . ARG A 1 101 ? -2.725  -10.928 -7.250  1.00 16.53 ? 101 ARG A CA  1 
ATOM   780  C C   . ARG A 1 101 ? -3.706  -10.698 -8.411  1.00 16.71 ? 101 ARG A C   1 
ATOM   781  O O   . ARG A 1 101 ? -4.131  -11.648 -9.056  1.00 17.47 ? 101 ARG A O   1 
ATOM   782  C CB  . ARG A 1 101 ? -3.332  -11.864 -6.199  1.00 17.81 ? 101 ARG A CB  1 
ATOM   783  C CG  . ARG A 1 101 ? -2.293  -12.412 -5.210  1.00 17.97 ? 101 ARG A CG  1 
ATOM   784  C CD  . ARG A 1 101 ? -2.762  -13.714 -4.611  1.00 17.52 ? 101 ARG A CD  1 
ATOM   785  N NE  . ARG A 1 101 ? -4.018  -13.572 -3.874  1.00 16.10 ? 101 ARG A NE  1 
ATOM   786  C CZ  . ARG A 1 101 ? -4.127  -13.012 -2.676  1.00 16.52 ? 101 ARG A CZ  1 
ATOM   787  N NH1 . ARG A 1 101 ? -3.059  -12.524 -2.060  1.00 17.07 ? 101 ARG A NH1 1 
ATOM   788  N NH2 . ARG A 1 101 ? -5.306  -12.979 -2.072  1.00 18.78 ? 101 ARG A NH2 1 
ATOM   789  N N   . ASP A 1 102 ? -4.093  -9.444  -8.636  1.00 17.61 ? 102 ASP A N   1 
ATOM   790  C CA  . ASP A 1 102 ? -4.981  -9.110  -9.739  1.00 20.72 ? 102 ASP A CA  1 
ATOM   791  C C   . ASP A 1 102 ? -4.084  -9.002  -10.984 1.00 20.91 ? 102 ASP A C   1 
ATOM   792  O O   . ASP A 1 102 ? -2.908  -8.664  -10.890 1.00 18.41 ? 102 ASP A O   1 
ATOM   793  C CB  . ASP A 1 102 ? -5.758  -7.811  -9.448  1.00 23.04 ? 102 ASP A CB  1 
ATOM   794  C CG  . ASP A 1 102 ? -7.287  -7.997  -9.567  1.00 26.61 ? 102 ASP A CG  1 
ATOM   795  O OD1 . ASP A 1 102 ? -7.843  -8.941  -8.954  1.00 27.55 ? 102 ASP A OD1 1 
ATOM   796  O OD2 . ASP A 1 102 ? -7.942  -7.192  -10.263 1.00 28.00 ? 102 ASP A OD2 1 
ATOM   797  N N   . PRO A 1 103 ? -4.640  -9.250  -12.178 1.00 22.33 ? 103 PRO A N   1 
ATOM   798  C CA  . PRO A 1 103 ? -3.868  -9.198  -13.426 1.00 23.75 ? 103 PRO A CA  1 
ATOM   799  C C   . PRO A 1 103 ? -2.823  -8.095  -13.610 1.00 21.99 ? 103 PRO A C   1 
ATOM   800  O O   . PRO A 1 103 ? -1.729  -8.368  -14.101 1.00 21.98 ? 103 PRO A O   1 
ATOM   801  C CB  . PRO A 1 103 ? -4.964  -9.181  -14.517 1.00 24.59 ? 103 PRO A CB  1 
ATOM   802  C CG  . PRO A 1 103 ? -6.233  -8.805  -13.771 1.00 24.15 ? 103 PRO A CG  1 
ATOM   803  C CD  . PRO A 1 103 ? -6.066  -9.484  -12.450 1.00 22.82 ? 103 PRO A CD  1 
ATOM   804  N N   . GLN A 1 104 ? -3.152  -6.878  -13.184 1.00 19.45 ? 104 GLN A N   1 
ATOM   805  C CA  . GLN A 1 104 ? -2.284  -5.712  -13.308 1.00 17.15 ? 104 GLN A CA  1 
ATOM   806  C C   . GLN A 1 104 ? -1.067  -5.720  -12.372 1.00 12.10 ? 104 GLN A C   1 
ATOM   807  O O   . GLN A 1 104 ? -0.097  -5.001  -12.576 1.00 10.87 ? 104 GLN A O   1 
ATOM   808  C CB  . GLN A 1 104 ? -3.149  -4.482  -13.052 1.00 20.35 ? 104 GLN A CB  1 
ATOM   809  C CG  . GLN A 1 104 ? -2.525  -3.155  -13.323 1.00 24.34 ? 104 GLN A CG  1 
ATOM   810  C CD  . GLN A 1 104 ? -3.525  -2.060  -13.175 1.00 24.77 ? 104 GLN A CD  1 
ATOM   811  O OE1 . GLN A 1 104 ? -3.607  -1.161  -14.003 1.00 31.25 ? 104 GLN A OE1 1 
ATOM   812  N NE2 . GLN A 1 104 ? -4.319  -2.129  -12.096 1.00 23.10 ? 104 GLN A NE2 1 
ATOM   813  N N   . GLY A 1 105 ? -1.135  -6.501  -11.313 1.00 12.69 ? 105 GLY A N   1 
ATOM   814  C CA  . GLY A 1 105 ? -0.022  -6.541  -10.397 1.00 11.88 ? 105 GLY A CA  1 
ATOM   815  C C   . GLY A 1 105 ? 0.231   -5.199  -9.730  1.00 14.41 ? 105 GLY A C   1 
ATOM   816  O O   . GLY A 1 105 ? -0.704  -4.434  -9.450  1.00 13.44 ? 105 GLY A O   1 
ATOM   817  N N   . ILE A 1 106 ? 1.509   -4.886  -9.552  1.00 13.89 ? 106 ILE A N   1 
ATOM   818  C CA  . ILE A 1 106 ? 1.934   -3.673  -8.878  1.00 15.16 ? 106 ILE A CA  1 
ATOM   819  C C   . ILE A 1 106 ? 1.622   -2.396  -9.662  1.00 17.09 ? 106 ILE A C   1 
ATOM   820  O O   . ILE A 1 106 ? 1.731   -1.286  -9.133  1.00 15.23 ? 106 ILE A O   1 
ATOM   821  C CB  . ILE A 1 106 ? 3.442   -3.769  -8.505  1.00 15.05 ? 106 ILE A CB  1 
ATOM   822  C CG1 . ILE A 1 106 ? 3.829   -2.677  -7.501  1.00 16.23 ? 106 ILE A CG1 1 
ATOM   823  C CG2 . ILE A 1 106 ? 4.296   -3.718  -9.759  1.00 15.40 ? 106 ILE A CG2 1 
ATOM   824  C CD1 . ILE A 1 106 ? 5.183   -2.886  -6.784  1.00 14.80 ? 106 ILE A CD1 1 
ATOM   825  N N   . ARG A 1 107 ? 1.172   -2.552  -10.902 1.00 19.19 ? 107 ARG A N   1 
ATOM   826  C CA  . ARG A 1 107 ? 0.828   -1.391  -11.724 1.00 20.01 ? 107 ARG A CA  1 
ATOM   827  C C   . ARG A 1 107 ? -0.435  -0.709  -11.195 1.00 17.83 ? 107 ARG A C   1 
ATOM   828  O O   . ARG A 1 107 ? -0.867  0.306   -11.733 1.00 18.95 ? 107 ARG A O   1 
ATOM   829  C CB  . ARG A 1 107 ? 0.676   -1.786  -13.198 1.00 25.67 ? 107 ARG A CB  1 
ATOM   830  C CG  . ARG A 1 107 ? 2.008   -1.918  -13.944 1.00 32.76 ? 107 ARG A CG  1 
ATOM   831  C CD  . ARG A 1 107 ? 2.251   -3.326  -14.502 1.00 42.28 ? 107 ARG A CD  1 
ATOM   832  N NE  . ARG A 1 107 ? 2.707   -4.311  -13.506 1.00 49.79 ? 107 ARG A NE  1 
ATOM   833  C CZ  . ARG A 1 107 ? 3.970   -4.725  -13.364 1.00 53.25 ? 107 ARG A CZ  1 
ATOM   834  N NH1 . ARG A 1 107 ? 4.931   -4.233  -14.144 1.00 55.41 ? 107 ARG A NH1 1 
ATOM   835  N NH2 . ARG A 1 107 ? 4.267   -5.671  -12.472 1.00 53.43 ? 107 ARG A NH2 1 
ATOM   836  N N   . ALA A 1 108 ? -1.040  -1.296  -10.154 1.00 15.35 ? 108 ALA A N   1 
ATOM   837  C CA  . ALA A 1 108 ? -2.229  -0.738  -9.522  1.00 12.81 ? 108 ALA A CA  1 
ATOM   838  C C   . ALA A 1 108 ? -1.871  0.501   -8.702  1.00 13.51 ? 108 ALA A C   1 
ATOM   839  O O   . ALA A 1 108 ? -2.750  1.285   -8.334  1.00 13.98 ? 108 ALA A O   1 
ATOM   840  C CB  . ALA A 1 108 ? -2.911  -1.779  -8.634  1.00 12.31 ? 108 ALA A CB  1 
ATOM   841  N N   . TRP A 1 109 ? -0.595  0.668   -8.375  1.00 18.12 ? 109 TRP A N   1 
ATOM   842  C CA  . TRP A 1 109 ? -0.158  1.829   -7.610  1.00 15.89 ? 109 TRP A CA  1 
ATOM   843  C C   . TRP A 1 109 ? 0.479   2.862   -8.526  1.00 18.41 ? 109 TRP A C   1 
ATOM   844  O O   . TRP A 1 109 ? 1.610   2.727   -8.988  1.00 17.71 ? 109 TRP A O   1 
ATOM   845  C CB  . TRP A 1 109 ? 0.793   1.421   -6.488  1.00 13.84 ? 109 TRP A CB  1 
ATOM   846  C CG  . TRP A 1 109 ? 0.092   0.775   -5.325  1.00 10.45 ? 109 TRP A CG  1 
ATOM   847  C CD1 . TRP A 1 109 ? -0.516  1.405   -4.276  1.00 6.44  ? 109 TRP A CD1 1 
ATOM   848  C CD2 . TRP A 1 109 ? -0.046  -0.621  -5.080  1.00 8.28  ? 109 TRP A CD2 1 
ATOM   849  N NE1 . TRP A 1 109 ? -1.022  0.491   -3.407  1.00 7.33  ? 109 TRP A NE1 1 
ATOM   850  C CE2 . TRP A 1 109 ? -0.751  -0.766  -3.866  1.00 7.01  ? 109 TRP A CE2 1 
ATOM   851  C CE3 . TRP A 1 109 ? 0.360   -1.778  -5.773  1.00 7.90  ? 109 TRP A CE3 1 
ATOM   852  C CZ2 . TRP A 1 109 ? -1.060  -2.018  -3.317  1.00 9.54  ? 109 TRP A CZ2 1 
ATOM   853  C CZ3 . TRP A 1 109 ? 0.053   -3.025  -5.234  1.00 8.75  ? 109 TRP A CZ3 1 
ATOM   854  C CH2 . TRP A 1 109 ? -0.653  -3.133  -4.011  1.00 11.49 ? 109 TRP A CH2 1 
ATOM   855  N N   . VAL A 1 110 ? -0.280  3.917   -8.752  1.00 21.00 ? 110 VAL A N   1 
ATOM   856  C CA  . VAL A 1 110 ? 0.108   5.012   -9.618  1.00 22.72 ? 110 VAL A CA  1 
ATOM   857  C C   . VAL A 1 110 ? 1.480   5.567   -9.303  1.00 21.20 ? 110 VAL A C   1 
ATOM   858  O O   . VAL A 1 110 ? 2.260   5.842   -10.210 1.00 20.80 ? 110 VAL A O   1 
ATOM   859  C CB  . VAL A 1 110 ? -0.920  6.171   -9.530  1.00 27.23 ? 110 VAL A CB  1 
ATOM   860  C CG1 . VAL A 1 110 ? -0.518  7.300   -10.451 1.00 31.41 ? 110 VAL A CG1 1 
ATOM   861  C CG2 . VAL A 1 110 ? -2.308  5.677   -9.899  1.00 27.56 ? 110 VAL A CG2 1 
ATOM   862  N N   . ALA A 1 111 ? 1.772   5.747   -8.018  1.00 22.54 ? 111 ALA A N   1 
ATOM   863  C CA  . ALA A 1 111 ? 3.054   6.314   -7.609  1.00 24.41 ? 111 ALA A CA  1 
ATOM   864  C C   . ALA A 1 111 ? 4.222   5.418   -7.923  1.00 25.88 ? 111 ALA A C   1 
ATOM   865  O O   . ALA A 1 111 ? 5.328   5.912   -8.179  1.00 27.02 ? 111 ALA A O   1 
ATOM   866  C CB  . ALA A 1 111 ? 3.053   6.679   -6.147  1.00 25.72 ? 111 ALA A CB  1 
ATOM   867  N N   . TRP A 1 112 ? 3.990   4.109   -7.939  1.00 27.35 ? 112 TRP A N   1 
ATOM   868  C CA  . TRP A 1 112 ? 5.070   3.186   -8.254  1.00 28.20 ? 112 TRP A CA  1 
ATOM   869  C C   . TRP A 1 112 ? 5.462   3.392   -9.712  1.00 29.45 ? 112 TRP A C   1 
ATOM   870  O O   . TRP A 1 112 ? 6.653   3.460   -10.056 1.00 29.63 ? 112 TRP A O   1 
ATOM   871  C CB  . TRP A 1 112 ? 4.664   1.731   -8.032  1.00 25.43 ? 112 TRP A CB  1 
ATOM   872  C CG  . TRP A 1 112 ? 5.843   0.811   -8.242  1.00 26.52 ? 112 TRP A CG  1 
ATOM   873  C CD1 . TRP A 1 112 ? 6.873   0.586   -7.369  1.00 21.90 ? 112 TRP A CD1 1 
ATOM   874  C CD2 . TRP A 1 112 ? 6.159   0.087   -9.434  1.00 22.90 ? 112 TRP A CD2 1 
ATOM   875  N NE1 . TRP A 1 112 ? 7.818   -0.213  -7.957  1.00 21.89 ? 112 TRP A NE1 1 
ATOM   876  C CE2 . TRP A 1 112 ? 7.415   -0.543  -9.222  1.00 20.31 ? 112 TRP A CE2 1 
ATOM   877  C CE3 . TRP A 1 112 ? 5.515   -0.091  -10.666 1.00 20.51 ? 112 TRP A CE3 1 
ATOM   878  C CZ2 . TRP A 1 112 ? 8.035   -1.330  -10.185 1.00 19.18 ? 112 TRP A CZ2 1 
ATOM   879  C CZ3 . TRP A 1 112 ? 6.129   -0.877  -11.631 1.00 19.22 ? 112 TRP A CZ3 1 
ATOM   880  C CH2 . TRP A 1 112 ? 7.383   -1.489  -11.383 1.00 19.16 ? 112 TRP A CH2 1 
ATOM   881  N N   . ARG A 1 113 ? 4.446   3.516   -10.559 1.00 29.23 ? 113 ARG A N   1 
ATOM   882  C CA  . ARG A 1 113 ? 4.652   3.743   -11.984 1.00 29.91 ? 113 ARG A CA  1 
ATOM   883  C C   . ARG A 1 113 ? 5.437   5.036   -12.259 1.00 26.66 ? 113 ARG A C   1 
ATOM   884  O O   . ARG A 1 113 ? 6.436   5.013   -12.972 1.00 29.04 ? 113 ARG A O   1 
ATOM   885  C CB  . ARG A 1 113 ? 3.300   3.806   -12.704 1.00 33.57 ? 113 ARG A CB  1 
ATOM   886  C CG  . ARG A 1 113 ? 2.400   2.604   -12.480 1.00 38.00 ? 113 ARG A CG  1 
ATOM   887  C CD  . ARG A 1 113 ? 1.271   2.605   -13.495 1.00 45.68 ? 113 ARG A CD  1 
ATOM   888  N NE  . ARG A 1 113 ? 1.784   2.839   -14.851 1.00 53.49 ? 113 ARG A NE  1 
ATOM   889  C CZ  . ARG A 1 113 ? 1.340   2.232   -15.953 1.00 55.79 ? 113 ARG A CZ  1 
ATOM   890  N NH1 . ARG A 1 113 ? 0.357   1.340   -15.890 1.00 56.59 ? 113 ARG A NH1 1 
ATOM   891  N NH2 . ARG A 1 113 ? 1.900   2.515   -17.122 1.00 57.72 ? 113 ARG A NH2 1 
ATOM   892  N N   . ASN A 1 114 ? 4.997   6.139   -11.659 1.00 22.51 ? 114 ASN A N   1 
ATOM   893  C CA  . ASN A 1 114 ? 5.614   7.457   -11.832 1.00 23.42 ? 114 ASN A CA  1 
ATOM   894  C C   . ASN A 1 114 ? 6.995   7.642   -11.187 1.00 24.44 ? 114 ASN A C   1 
ATOM   895  O O   . ASN A 1 114 ? 7.873   8.296   -11.754 1.00 24.54 ? 114 ASN A O   1 
ATOM   896  C CB  . ASN A 1 114 ? 4.696   8.559   -11.275 1.00 22.32 ? 114 ASN A CB  1 
ATOM   897  C CG  . ASN A 1 114 ? 3.242   8.430   -11.738 1.00 23.54 ? 114 ASN A CG  1 
ATOM   898  O OD1 . ASN A 1 114 ? 2.935   7.771   -12.728 1.00 22.76 ? 114 ASN A OD1 1 
ATOM   899  N ND2 . ASN A 1 114 ? 2.336   9.063   -10.998 1.00 24.59 ? 114 ASN A ND2 1 
ATOM   900  N N   . ARG A 1 115 ? 7.190   7.083   -9.993  1.00 22.31 ? 115 ARG A N   1 
ATOM   901  C CA  . ARG A 1 115 ? 8.460   7.276   -9.296  1.00 21.42 ? 115 ARG A CA  1 
ATOM   902  C C   . ARG A 1 115 ? 9.376   6.095   -8.994  1.00 21.30 ? 115 ARG A C   1 
ATOM   903  O O   . ARG A 1 115 ? 10.505  6.318   -8.549  1.00 21.66 ? 115 ARG A O   1 
ATOM   904  C CB  . ARG A 1 115 ? 8.206   7.992   -7.978  1.00 21.01 ? 115 ARG A CB  1 
ATOM   905  C CG  . ARG A 1 115 ? 7.625   9.374   -8.101  1.00 25.53 ? 115 ARG A CG  1 
ATOM   906  C CD  . ARG A 1 115 ? 8.342   10.291  -7.146  1.00 27.66 ? 115 ARG A CD  1 
ATOM   907  N NE  . ARG A 1 115 ? 7.768   11.631  -7.107  1.00 31.95 ? 115 ARG A NE  1 
ATOM   908  C CZ  . ARG A 1 115 ? 8.488   12.738  -6.942  1.00 33.00 ? 115 ARG A CZ  1 
ATOM   909  N NH1 . ARG A 1 115 ? 9.810   12.663  -6.785  1.00 29.86 ? 115 ARG A NH1 1 
ATOM   910  N NH2 . ARG A 1 115 ? 7.883   13.918  -6.924  1.00 35.50 ? 115 ARG A NH2 1 
ATOM   911  N N   . CYS A 1 116 ? 8.925   4.869   -9.231  1.00 19.08 ? 116 CYS A N   1 
ATOM   912  C CA  . CYS A 1 116 ? 9.727   3.703   -8.869  1.00 19.46 ? 116 CYS A CA  1 
ATOM   913  C C   . CYS A 1 116 ? 10.076  2.739   -9.980  1.00 21.42 ? 116 CYS A C   1 
ATOM   914  O O   . CYS A 1 116 ? 11.111  2.073   -9.929  1.00 22.58 ? 116 CYS A O   1 
ATOM   915  C CB  . CYS A 1 116 ? 8.998   2.911   -7.786  1.00 16.23 ? 116 CYS A CB  1 
ATOM   916  S SG  . CYS A 1 116 ? 8.367   3.880   -6.384  1.00 15.58 ? 116 CYS A SG  1 
ATOM   917  N N   . GLN A 1 117 ? 9.141   2.551   -10.902 1.00 24.10 ? 117 GLN A N   1 
ATOM   918  C CA  . GLN A 1 117 ? 9.349   1.647   -12.026 1.00 28.12 ? 117 GLN A CA  1 
ATOM   919  C C   . GLN A 1 117 ? 10.582  2.013   -12.848 1.00 28.93 ? 117 GLN A C   1 
ATOM   920  O O   . GLN A 1 117 ? 10.884  3.192   -13.033 1.00 26.51 ? 117 GLN A O   1 
ATOM   921  C CB  . GLN A 1 117 ? 8.114   1.645   -12.925 1.00 30.16 ? 117 GLN A CB  1 
ATOM   922  C CG  . GLN A 1 117 ? 8.250   0.796   -14.164 1.00 32.35 ? 117 GLN A CG  1 
ATOM   923  C CD  . GLN A 1 117 ? 6.961   0.714   -14.935 1.00 34.17 ? 117 GLN A CD  1 
ATOM   924  O OE1 . GLN A 1 117 ? 6.468   -0.365  -15.206 1.00 36.56 ? 117 GLN A OE1 1 
ATOM   925  N NE2 . GLN A 1 117 ? 6.395   1.867   -15.277 1.00 36.00 ? 117 GLN A NE2 1 
ATOM   926  N N   . ASN A 1 118 ? 11.291  0.996   -13.333 1.00 30.48 ? 118 ASN A N   1 
ATOM   927  C CA  . ASN A 1 118 ? 12.491  1.191   -14.152 1.00 34.64 ? 118 ASN A CA  1 
ATOM   928  C C   . ASN A 1 118 ? 13.412  2.239   -13.541 1.00 34.87 ? 118 ASN A C   1 
ATOM   929  O O   . ASN A 1 118 ? 13.944  3.095   -14.245 1.00 37.39 ? 118 ASN A O   1 
ATOM   930  C CB  . ASN A 1 118 ? 12.116  1.591   -15.597 1.00 37.36 ? 118 ASN A CB  1 
ATOM   931  C CG  . ASN A 1 118 ? 11.320  0.510   -16.325 1.00 42.53 ? 118 ASN A CG  1 
ATOM   932  O OD1 . ASN A 1 118 ? 11.836  -0.567  -16.652 1.00 44.60 ? 118 ASN A OD1 1 
ATOM   933  N ND2 . ASN A 1 118 ? 10.049  0.803   -16.598 1.00 44.02 ? 118 ASN A ND2 1 
ATOM   934  N N   . ARG A 1 119 ? 13.626  2.152   -12.233 1.00 34.15 ? 119 ARG A N   1 
ATOM   935  C CA  . ARG A 1 119 ? 14.474  3.105   -11.528 1.00 33.36 ? 119 ARG A CA  1 
ATOM   936  C C   . ARG A 1 119 ? 15.181  2.379   -10.396 1.00 34.34 ? 119 ARG A C   1 
ATOM   937  O O   . ARG A 1 119 ? 14.691  1.367   -9.907  1.00 33.71 ? 119 ARG A O   1 
ATOM   938  C CB  . ARG A 1 119 ? 13.596  4.197   -10.931 1.00 34.35 ? 119 ARG A CB  1 
ATOM   939  C CG  . ARG A 1 119 ? 13.960  5.602   -11.313 1.00 35.71 ? 119 ARG A CG  1 
ATOM   940  C CD  . ARG A 1 119 ? 12.954  6.529   -10.670 1.00 34.91 ? 119 ARG A CD  1 
ATOM   941  N NE  . ARG A 1 119 ? 13.133  7.916   -11.075 1.00 36.11 ? 119 ARG A NE  1 
ATOM   942  C CZ  . ARG A 1 119 ? 12.201  8.859   -10.948 1.00 33.66 ? 119 ARG A CZ  1 
ATOM   943  N NH1 . ARG A 1 119 ? 11.011  8.558   -10.450 1.00 35.45 ? 119 ARG A NH1 1 
ATOM   944  N NH2 . ARG A 1 119 ? 12.457  10.097  -11.339 1.00 33.21 ? 119 ARG A NH2 1 
ATOM   945  N N   . ASP A 1 120 ? 16.353  2.862   -9.995  1.00 34.35 ? 120 ASP A N   1 
ATOM   946  C CA  . ASP A 1 120 ? 17.042  2.221   -8.884  1.00 34.58 ? 120 ASP A CA  1 
ATOM   947  C C   . ASP A 1 120 ? 16.344  2.669   -7.582  1.00 33.08 ? 120 ASP A C   1 
ATOM   948  O O   . ASP A 1 120 ? 16.170  3.869   -7.326  1.00 33.64 ? 120 ASP A O   1 
ATOM   949  C CB  . ASP A 1 120 ? 18.539  2.560   -8.871  1.00 36.32 ? 120 ASP A CB  1 
ATOM   950  C CG  . ASP A 1 120 ? 19.325  1.673   -7.917  1.00 39.35 ? 120 ASP A CG  1 
ATOM   951  O OD1 . ASP A 1 120 ? 18.867  0.541   -7.639  1.00 37.88 ? 120 ASP A OD1 1 
ATOM   952  O OD2 . ASP A 1 120 ? 20.396  2.109   -7.434  1.00 41.91 ? 120 ASP A OD2 1 
ATOM   953  N N   . VAL A 1 121 ? 15.929  1.685   -6.785  1.00 29.33 ? 121 VAL A N   1 
ATOM   954  C CA  . VAL A 1 121 ? 15.214  1.926   -5.530  1.00 25.91 ? 121 VAL A CA  1 
ATOM   955  C C   . VAL A 1 121 ? 15.945  1.359   -4.300  1.00 25.84 ? 121 VAL A C   1 
ATOM   956  O O   . VAL A 1 121 ? 15.470  1.490   -3.180  1.00 23.76 ? 121 VAL A O   1 
ATOM   957  C CB  . VAL A 1 121 ? 13.781  1.308   -5.594  1.00 21.47 ? 121 VAL A CB  1 
ATOM   958  C CG1 . VAL A 1 121 ? 12.947  2.001   -6.656  1.00 16.39 ? 121 VAL A CG1 1 
ATOM   959  C CG2 . VAL A 1 121 ? 13.857  -0.181  -5.915  1.00 15.21 ? 121 VAL A CG2 1 
ATOM   960  N N   . ARG A 1 122 ? 17.121  0.780   -4.514  1.00 28.21 ? 122 ARG A N   1 
ATOM   961  C CA  . ARG A 1 122 ? 17.900  0.176   -3.436  1.00 31.34 ? 122 ARG A CA  1 
ATOM   962  C C   . ARG A 1 122 ? 18.142  1.106   -2.262  1.00 29.49 ? 122 ARG A C   1 
ATOM   963  O O   . ARG A 1 122 ? 18.402  0.655   -1.151  1.00 30.51 ? 122 ARG A O   1 
ATOM   964  C CB  . ARG A 1 122 ? 19.243  -0.339  -3.961  1.00 35.17 ? 122 ARG A CB  1 
ATOM   965  C CG  . ARG A 1 122 ? 19.141  -1.436  -5.017  1.00 42.51 ? 122 ARG A CG  1 
ATOM   966  C CD  . ARG A 1 122 ? 18.616  -2.773  -4.466  1.00 47.30 ? 122 ARG A CD  1 
ATOM   967  N NE  . ARG A 1 122 ? 17.157  -2.957  -4.523  1.00 53.06 ? 122 ARG A NE  1 
ATOM   968  C CZ  . ARG A 1 122 ? 16.426  -2.999  -5.641  1.00 55.65 ? 122 ARG A CZ  1 
ATOM   969  N NH1 . ARG A 1 122 ? 16.993  -2.826  -6.837  1.00 55.76 ? 122 ARG A NH1 1 
ATOM   970  N NH2 . ARG A 1 122 ? 15.111  -3.187  -5.565  1.00 55.00 ? 122 ARG A NH2 1 
ATOM   971  N N   . GLN A 1 123 ? 18.036  2.405   -2.509  1.00 29.19 ? 123 GLN A N   1 
ATOM   972  C CA  . GLN A 1 123 ? 18.255  3.418   -1.482  1.00 27.97 ? 123 GLN A CA  1 
ATOM   973  C C   . GLN A 1 123 ? 17.245  3.315   -0.345  1.00 26.65 ? 123 GLN A C   1 
ATOM   974  O O   . GLN A 1 123 ? 17.568  3.573   0.819   1.00 26.88 ? 123 GLN A O   1 
ATOM   975  C CB  . GLN A 1 123 ? 18.179  4.825   -2.096  1.00 32.60 ? 123 GLN A CB  1 
ATOM   976  C CG  . GLN A 1 123 ? 16.877  5.576   -1.799  1.00 38.01 ? 123 GLN A CG  1 
ATOM   977  C CD  . GLN A 1 123 ? 16.665  6.756   -2.718  1.00 42.84 ? 123 GLN A CD  1 
ATOM   978  O OE1 . GLN A 1 123 ? 16.502  6.593   -3.926  1.00 44.80 ? 123 GLN A OE1 1 
ATOM   979  N NE2 . GLN A 1 123 ? 16.655  7.961   -2.143  1.00 46.34 ? 123 GLN A NE2 1 
ATOM   980  N N   . TYR A 1 124 ? 16.028  2.920   -0.679  1.00 23.63 ? 124 TYR A N   1 
ATOM   981  C CA  . TYR A 1 124 ? 14.981  2.819   0.324   1.00 25.55 ? 124 TYR A CA  1 
ATOM   982  C C   . TYR A 1 124 ? 15.273  1.834   1.468   1.00 26.05 ? 124 TYR A C   1 
ATOM   983  O O   . TYR A 1 124 ? 14.833  2.072   2.603   1.00 27.21 ? 124 TYR A O   1 
ATOM   984  C CB  . TYR A 1 124 ? 13.629  2.549   -0.341  1.00 27.19 ? 124 TYR A CB  1 
ATOM   985  C CG  . TYR A 1 124 ? 13.213  3.676   -1.261  1.00 29.27 ? 124 TYR A CG  1 
ATOM   986  C CD1 . TYR A 1 124 ? 13.596  3.686   -2.600  1.00 30.76 ? 124 TYR A CD1 1 
ATOM   987  C CD2 . TYR A 1 124 ? 12.466  4.753   -0.785  1.00 30.93 ? 124 TYR A CD2 1 
ATOM   988  C CE1 . TYR A 1 124 ? 13.253  4.744   -3.439  1.00 31.07 ? 124 TYR A CE1 1 
ATOM   989  C CE2 . TYR A 1 124 ? 12.117  5.816   -1.617  1.00 31.26 ? 124 TYR A CE2 1 
ATOM   990  C CZ  . TYR A 1 124 ? 12.514  5.807   -2.937  1.00 29.90 ? 124 TYR A CZ  1 
ATOM   991  O OH  . TYR A 1 124 ? 12.192  6.878   -3.738  1.00 29.89 ? 124 TYR A OH  1 
ATOM   992  N N   . VAL A 1 125 ? 16.065  0.783   1.208   1.00 23.34 ? 125 VAL A N   1 
ATOM   993  C CA  . VAL A 1 125 ? 16.395  -0.191  2.264   1.00 21.10 ? 125 VAL A CA  1 
ATOM   994  C C   . VAL A 1 125 ? 17.840  -0.161  2.754   1.00 20.56 ? 125 VAL A C   1 
ATOM   995  O O   . VAL A 1 125 ? 18.237  -1.006  3.541   1.00 22.81 ? 125 VAL A O   1 
ATOM   996  C CB  . VAL A 1 125 ? 16.052  -1.651  1.856   1.00 19.42 ? 125 VAL A CB  1 
ATOM   997  C CG1 . VAL A 1 125 ? 14.549  -1.857  1.774   1.00 16.65 ? 125 VAL A CG1 1 
ATOM   998  C CG2 . VAL A 1 125 ? 16.723  -2.012  0.553   1.00 17.74 ? 125 VAL A CG2 1 
ATOM   999  N N   . GLN A 1 126 ? 18.616  0.827   2.334   1.00 23.43 ? 126 GLN A N   1 
ATOM   1000 C CA  . GLN A 1 126 ? 20.015  0.892   2.735   1.00 26.44 ? 126 GLN A CA  1 
ATOM   1001 C C   . GLN A 1 126 ? 20.197  1.223   4.204   1.00 24.34 ? 126 GLN A C   1 
ATOM   1002 O O   . GLN A 1 126 ? 19.687  2.228   4.682   1.00 25.97 ? 126 GLN A O   1 
ATOM   1003 C CB  . GLN A 1 126 ? 20.772  1.890   1.849   1.00 32.39 ? 126 GLN A CB  1 
ATOM   1004 C CG  . GLN A 1 126 ? 22.150  1.396   1.391   1.00 39.76 ? 126 GLN A CG  1 
ATOM   1005 C CD  . GLN A 1 126 ? 22.140  -0.034  0.827   1.00 45.07 ? 126 GLN A CD  1 
ATOM   1006 O OE1 . GLN A 1 126 ? 23.081  -0.803  1.036   1.00 47.36 ? 126 GLN A OE1 1 
ATOM   1007 N NE2 . GLN A 1 126 ? 21.071  -0.392  0.109   1.00 46.26 ? 126 GLN A NE2 1 
ATOM   1008 N N   . GLY A 1 127 ? 20.904  0.343   4.917   1.00 22.13 ? 127 GLY A N   1 
ATOM   1009 C CA  . GLY A 1 127 ? 21.160  0.522   6.336   1.00 18.72 ? 127 GLY A CA  1 
ATOM   1010 C C   . GLY A 1 127 ? 20.093  0.031   7.302   1.00 18.66 ? 127 GLY A C   1 
ATOM   1011 O O   . GLY A 1 127 ? 20.224  0.225   8.505   1.00 18.52 ? 127 GLY A O   1 
ATOM   1012 N N   . CYS A 1 128 ? 19.061  -0.637  6.788   1.00 18.13 ? 128 CYS A N   1 
ATOM   1013 C CA  . CYS A 1 128 ? 17.966  -1.151  7.614   1.00 19.87 ? 128 CYS A CA  1 
ATOM   1014 C C   . CYS A 1 128 ? 18.172  -2.566  8.164   1.00 20.14 ? 128 CYS A C   1 
ATOM   1015 O O   . CYS A 1 128 ? 17.492  -2.983  9.095   1.00 20.07 ? 128 CYS A O   1 
ATOM   1016 C CB  . CYS A 1 128 ? 16.644  -1.078  6.839   1.00 16.74 ? 128 CYS A CB  1 
ATOM   1017 S SG  . CYS A 1 128 ? 16.206  0.597   6.296   1.00 15.24 ? 128 CYS A SG  1 
ATOM   1018 N N   . GLY A 1 129 ? 19.091  -3.304  7.549   1.00 23.79 ? 129 GLY A N   1 
ATOM   1019 C CA  . GLY A 1 129 ? 19.388  -4.656  7.975   1.00 25.72 ? 129 GLY A CA  1 
ATOM   1020 C C   . GLY A 1 129 ? 18.362  -5.675  7.532   1.00 29.74 ? 129 GLY A C   1 
ATOM   1021 O O   . GLY A 1 129 ? 18.049  -6.625  8.261   1.00 32.52 ? 129 GLY A O   1 
ATOM   1022 N N   . VAL A 1 130 ? 17.841  -5.486  6.325   1.00 29.55 ? 130 VAL A N   1 
ATOM   1023 C CA  . VAL A 1 130 ? 16.842  -6.380  5.754   1.00 30.75 ? 130 VAL A CA  1 
ATOM   1024 C C   . VAL A 1 130 ? 17.392  -6.956  4.453   1.00 31.86 ? 130 VAL A C   1 
ATOM   1025 O O   . VAL A 1 130 ? 18.290  -6.306  3.882   1.00 33.69 ? 130 VAL A O   1 
ATOM   1026 C CB  . VAL A 1 130 ? 15.518  -5.646  5.452   1.00 28.33 ? 130 VAL A CB  1 
ATOM   1027 C CG1 . VAL A 1 130 ? 14.844  -5.236  6.743   1.00 22.06 ? 130 VAL A CG1 1 
ATOM   1028 C CG2 . VAL A 1 130 ? 15.778  -4.442  4.555   1.00 24.71 ? 130 VAL A CG2 1 
ATOM   1029 O OXT . VAL A 1 130 ? 16.927  -8.034  4.029   1.00 33.14 ? 130 VAL A OXT 1 
HETATM 1030 C C1  . NAG B 2 .   ? -6.485  2.451   -8.202  1.00 17.91 ? 1   NAG B C1  1 
HETATM 1031 C C2  . NAG B 2 .   ? -6.449  1.054   -7.598  1.00 14.71 ? 1   NAG B C2  1 
HETATM 1032 C C3  . NAG B 2 .   ? -6.469  0.005   -8.708  1.00 15.24 ? 1   NAG B C3  1 
HETATM 1033 C C4  . NAG B 2 .   ? -7.587  0.262   -9.708  1.00 18.49 ? 1   NAG B C4  1 
HETATM 1034 C C5  . NAG B 2 .   ? -7.533  1.696   -10.187 1.00 18.59 ? 1   NAG B C5  1 
HETATM 1035 C C6  . NAG B 2 .   ? -8.637  2.052   -11.170 1.00 21.61 ? 1   NAG B C6  1 
HETATM 1036 C C7  . NAG B 2 .   ? -5.247  0.790   -5.495  1.00 14.37 ? 1   NAG B C7  1 
HETATM 1037 C C8  . NAG B 2 .   ? -3.904  0.586   -4.775  1.00 13.88 ? 1   NAG B C8  1 
HETATM 1038 N N2  . NAG B 2 .   ? -5.225  0.894   -6.822  1.00 13.84 ? 1   NAG B N2  1 
HETATM 1039 O O3  . NAG B 2 .   ? -6.631  -1.283  -8.155  1.00 11.97 ? 1   NAG B O3  1 
HETATM 1040 O O4  . NAG B 2 .   ? -7.378  -0.597  -10.847 1.00 21.58 ? 1   NAG B O4  1 
HETATM 1041 O O5  . NAG B 2 .   ? -7.613  2.593   -9.071  1.00 18.01 ? 1   NAG B O5  1 
HETATM 1042 O O6  . NAG B 2 .   ? -8.293  3.208   -11.921 1.00 25.07 ? 1   NAG B O6  1 
HETATM 1043 O O7  . NAG B 2 .   ? -6.290  0.815   -4.863  1.00 14.66 ? 1   NAG B O7  1 
HETATM 1044 C C1  . GAL B 2 .   ? -8.386  -1.464  -11.188 1.00 21.35 ? 2   GAL B C1  1 
HETATM 1045 C C2  . GAL B 2 .   ? -8.049  -2.088  -12.538 1.00 21.32 ? 2   GAL B C2  1 
HETATM 1046 C C3  . GAL B 2 .   ? -8.975  -3.264  -12.859 1.00 22.20 ? 2   GAL B C3  1 
HETATM 1047 C C4  . GAL B 2 .   ? -9.016  -4.238  -11.671 1.00 23.76 ? 2   GAL B C4  1 
HETATM 1048 C C5  . GAL B 2 .   ? -9.438  -3.446  -10.435 1.00 22.70 ? 2   GAL B C5  1 
HETATM 1049 C C6  . GAL B 2 .   ? -9.600  -4.269  -9.172  1.00 22.20 ? 2   GAL B C6  1 
HETATM 1050 O O2  . GAL B 2 .   ? -8.174  -1.098  -13.543 1.00 23.73 ? 2   GAL B O2  1 
HETATM 1051 O O3  . GAL B 2 .   ? -8.506  -3.939  -14.016 1.00 25.45 ? 2   GAL B O3  1 
HETATM 1052 O O4  . GAL B 2 .   ? -7.721  -4.813  -11.471 1.00 24.38 ? 2   GAL B O4  1 
HETATM 1053 O O5  . GAL B 2 .   ? -8.451  -2.451  -10.167 1.00 20.55 ? 2   GAL B O5  1 
HETATM 1054 O O6  . GAL B 2 .   ? -10.735 -5.110  -9.257  1.00 30.31 ? 2   GAL B O6  1 
HETATM 1055 C C1  . GOL C 3 .   ? -5.617  5.075   -5.234  1.00 17.61 ? 201 GOL A C1  1 
HETATM 1056 C C2  . GOL C 3 .   ? -6.602  5.608   -6.286  1.00 19.26 ? 201 GOL A C2  1 
HETATM 1057 O O2  . GOL C 3 .   ? -6.314  6.975   -6.582  1.00 20.88 ? 201 GOL A O2  1 
HETATM 1058 C C3  . GOL C 3 .   ? -6.470  4.758   -7.547  1.00 19.20 ? 201 GOL A C3  1 
HETATM 1059 O O3  . GOL C 3 .   ? -6.613  3.376   -7.188  1.00 19.00 ? 201 GOL A O3  1 
HETATM 1060 O O   . HOH D 4 .   ? 6.726   -4.931  -12.388 1.00 27.03 ? 301 HOH A O   1 
HETATM 1061 O O   . HOH D 4 .   ? 7.390   5.334   14.242  1.00 35.15 ? 302 HOH A O   1 
HETATM 1062 O O   . HOH D 4 .   ? -3.028  5.263   12.445  1.00 22.64 ? 303 HOH A O   1 
HETATM 1063 O O   . HOH D 4 .   ? -14.943 -1.728  -2.154  1.00 35.58 ? 304 HOH A O   1 
HETATM 1064 O O   . HOH D 4 .   ? -16.461 1.129   -0.222  1.00 14.16 ? 305 HOH A O   1 
HETATM 1065 O O   . HOH D 4 .   ? 19.317  -3.187  4.599   1.00 40.15 ? 306 HOH A O   1 
HETATM 1066 O O   . HOH D 4 .   ? -4.261  2.088   15.405  1.00 36.51 ? 307 HOH A O   1 
HETATM 1067 O O   . HOH D 4 .   ? 11.755  -0.497  -9.636  1.00 23.54 ? 308 HOH A O   1 
HETATM 1068 O O   . HOH D 4 .   ? 5.915   -14.128 1.194   1.00 40.65 ? 309 HOH A O   1 
HETATM 1069 O O   . HOH D 4 .   ? -15.424 7.194   0.014   1.00 15.86 ? 310 HOH A O   1 
HETATM 1070 O O   . HOH D 4 .   ? -16.796 -0.516  6.826   1.00 16.79 ? 311 HOH A O   1 
HETATM 1071 O O   . HOH D 4 .   ? -3.750  -11.646 0.800   1.00 23.20 ? 312 HOH A O   1 
HETATM 1072 O O   . HOH D 4 .   ? -2.999  3.938   -7.793  1.00 26.20 ? 313 HOH A O   1 
HETATM 1073 O O   . HOH D 4 .   ? -13.254 8.498   4.688   1.00 23.39 ? 314 HOH A O   1 
HETATM 1074 O O   . HOH D 4 .   ? 9.688   -2.835  13.445  1.00 31.54 ? 315 HOH A O   1 
HETATM 1075 O O   . HOH D 4 .   ? 14.560  1.875   13.827  1.00 31.45 ? 316 HOH A O   1 
HETATM 1076 O O   . HOH D 4 .   ? 12.540  7.066   -6.452  1.00 32.17 ? 317 HOH A O   1 
HETATM 1077 O O   . HOH D 4 .   ? 17.603  3.984   -4.980  1.00 44.29 ? 318 HOH A O   1 
HETATM 1078 O O   . HOH D 4 .   ? -0.540  -15.325 -0.815  1.00 25.79 ? 319 HOH A O   1 
HETATM 1079 O O   . HOH D 4 .   ? -5.721  -3.029  11.135  1.00 46.26 ? 320 HOH A O   1 
HETATM 1080 O O   . HOH D 4 .   ? -3.173  0.207   8.655   1.00 13.03 ? 321 HOH A O   1 
HETATM 1081 O O   . HOH D 4 .   ? -2.452  1.775   6.127   1.00 12.39 ? 322 HOH A O   1 
HETATM 1082 O O   . HOH D 4 .   ? -3.521  -5.237  -9.490  1.00 15.33 ? 323 HOH A O   1 
HETATM 1083 O O   . HOH D 4 .   ? 16.144  -13.015 4.964   1.00 49.54 ? 324 HOH A O   1 
HETATM 1084 O O   . HOH D 4 .   ? 9.393   -11.160 3.712   1.00 9.12  ? 325 HOH A O   1 
HETATM 1085 O O   . HOH D 4 .   ? -0.055  -11.318 4.938   1.00 33.55 ? 326 HOH A O   1 
HETATM 1086 O O   . HOH D 4 .   ? 9.323   8.638   7.895   1.00 35.22 ? 327 HOH A O   1 
HETATM 1087 O O   . HOH D 4 .   ? -3.964  -2.547  8.869   1.00 14.52 ? 328 HOH A O   1 
HETATM 1088 O O   . HOH D 4 .   ? -17.423 8.587   -1.495  1.00 25.95 ? 329 HOH A O   1 
HETATM 1089 O O   . HOH D 4 .   ? -3.500  8.662   -3.268  1.00 29.35 ? 330 HOH A O   1 
HETATM 1090 O O   . HOH D 4 .   ? 15.872  -8.238  9.138   1.00 36.19 ? 331 HOH A O   1 
HETATM 1091 O O   . HOH D 4 .   ? 16.200  -8.222  1.278   1.00 43.68 ? 332 HOH A O   1 
HETATM 1092 O O   . HOH D 4 .   ? -1.357  -11.200 -14.204 1.00 39.54 ? 333 HOH A O   1 
HETATM 1093 O O   . HOH D 4 .   ? -9.722  7.363   -4.916  1.00 24.08 ? 334 HOH A O   1 
HETATM 1094 O O   . HOH D 4 .   ? 11.630  10.453  -6.912  1.00 29.79 ? 335 HOH A O   1 
HETATM 1095 O O   . HOH D 4 .   ? -7.805  -9.096  2.646   1.00 30.10 ? 336 HOH A O   1 
HETATM 1096 O O   . HOH D 4 .   ? -5.760  -5.662  -13.243 1.00 21.75 ? 337 HOH A O   1 
HETATM 1097 O O   . HOH D 4 .   ? -0.612  -9.650  7.155   1.00 20.29 ? 338 HOH A O   1 
HETATM 1098 O O   . HOH D 4 .   ? 0.539   6.244   -13.248 1.00 37.54 ? 339 HOH A O   1 
HETATM 1099 O O   . HOH D 4 .   ? 19.214  -4.407  -7.807  1.00 28.68 ? 340 HOH A O   1 
HETATM 1100 O O   . HOH D 4 .   ? 11.996  -1.956  14.359  1.00 49.37 ? 341 HOH A O   1 
HETATM 1101 O O   . HOH D 4 .   ? -10.477 4.793   -9.031  1.00 35.94 ? 342 HOH A O   1 
HETATM 1102 O O   . HOH D 4 .   ? -5.553  -3.410  -9.794  1.00 14.37 ? 343 HOH A O   1 
HETATM 1103 O O   . HOH D 4 .   ? 8.630   -14.134 -0.905  1.00 30.75 ? 344 HOH A O   1 
HETATM 1104 O O   . HOH D 4 .   ? 18.063  -4.383  11.604  1.00 58.79 ? 345 HOH A O   1 
HETATM 1105 O O   . HOH D 4 .   ? 0.768   -10.341 -12.445 1.00 41.50 ? 346 HOH A O   1 
HETATM 1106 O O   . HOH D 4 .   ? -19.137 1.648   -0.301  1.00 18.97 ? 347 HOH A O   1 
HETATM 1107 O O   . HOH D 4 .   ? -3.274  0.939   3.136   1.00 12.95 ? 348 HOH A O   1 
HETATM 1108 O O   . HOH D 4 .   ? 5.134   -14.955 -3.641  1.00 37.99 ? 349 HOH A O   1 
HETATM 1109 O O   . HOH D 4 .   ? -3.821  -4.992  11.225  1.00 15.91 ? 350 HOH A O   1 
HETATM 1110 O O   . HOH D 4 .   ? 17.023  6.515   7.471   1.00 36.18 ? 351 HOH A O   1 
HETATM 1111 O O   . HOH D 4 .   ? 2.954   -14.329 2.262   1.00 28.44 ? 352 HOH A O   1 
HETATM 1112 O O   . HOH D 4 .   ? 13.661  -14.075 5.890   1.00 27.42 ? 353 HOH A O   1 
HETATM 1113 O O   . HOH D 4 .   ? -9.402  7.226   -7.673  1.00 26.85 ? 354 HOH A O   1 
HETATM 1114 O O   . HOH D 4 .   ? 23.865  -0.546  -1.907  1.00 36.65 ? 355 HOH A O   1 
HETATM 1115 O O   . HOH D 4 .   ? 16.590  1.552   -14.277 1.00 34.94 ? 356 HOH A O   1 
HETATM 1116 O O   . HOH D 4 .   ? -8.318  14.296  0.132   1.00 27.10 ? 357 HOH A O   1 
HETATM 1117 O O   . HOH D 4 .   ? 12.374  7.365   3.526   1.00 45.18 ? 358 HOH A O   1 
HETATM 1118 O O   . HOH D 4 .   ? -12.612 10.479  2.347   1.00 28.08 ? 359 HOH A O   1 
HETATM 1119 O O   . HOH D 4 .   ? -2.990  3.774   -5.163  1.00 37.64 ? 360 HOH A O   1 
HETATM 1120 O O   . HOH D 4 .   ? 6.981   3.126   -18.079 1.00 36.43 ? 361 HOH A O   1 
HETATM 1121 O O   . HOH D 4 .   ? -3.734  -0.487  15.420  1.00 32.79 ? 362 HOH A O   1 
HETATM 1122 O O   . HOH D 4 .   ? -18.013 15.108  -4.278  1.00 40.19 ? 363 HOH A O   1 
HETATM 1123 O O   . HOH D 4 .   ? -1.050  10.345  -2.682  1.00 49.80 ? 364 HOH A O   1 
HETATM 1124 O O   . HOH D 4 .   ? 19.041  6.384   1.212   1.00 56.28 ? 365 HOH A O   1 
HETATM 1125 O O   . HOH D 4 .   ? 22.206  -2.609  7.203   1.00 29.34 ? 366 HOH A O   1 
HETATM 1126 O O   . HOH D 4 .   ? -11.914 -11.458 -4.688  1.00 38.98 ? 367 HOH A O   1 
HETATM 1127 O O   . HOH D 4 .   ? 8.480   9.938   5.341   1.00 34.26 ? 368 HOH A O   1 
HETATM 1128 O O   . HOH D 4 .   ? -12.108 -6.055  -6.868  1.00 36.58 ? 369 HOH A O   1 
HETATM 1129 O O   . HOH D 4 .   ? -2.328  -14.315 -8.988  1.00 40.80 ? 370 HOH A O   1 
HETATM 1130 O O   . HOH D 4 .   ? 21.682  4.693   5.310   1.00 32.29 ? 371 HOH A O   1 
HETATM 1131 O O   . HOH D 4 .   ? -1.662  -11.550 -11.650 1.00 48.53 ? 372 HOH A O   1 
HETATM 1132 O O   . HOH D 4 .   ? -17.421 -12.933 1.374   1.00 34.93 ? 373 HOH A O   1 
HETATM 1133 O O   . HOH D 4 .   ? 3.075   9.387   14.303  1.00 41.43 ? 374 HOH A O   1 
HETATM 1134 O O   . HOH D 4 .   ? -16.942 -11.510 3.792   1.00 54.28 ? 375 HOH A O   1 
HETATM 1135 O O   . HOH D 4 .   ? 1.549   4.317   -19.835 1.00 48.67 ? 376 HOH A O   1 
HETATM 1136 O O   . HOH D 4 .   ? -6.950  9.388   -4.063  1.00 36.50 ? 377 HOH A O   1 
HETATM 1137 O O   . HOH D 4 .   ? -7.247  -8.734  6.359   1.00 49.34 ? 378 HOH A O   1 
HETATM 1138 O O   . HOH D 4 .   ? 15.349  4.821   9.663   1.00 17.27 ? 379 HOH A O   1 
HETATM 1139 O O   . HOH D 4 .   ? 0.667   11.521  0.119   1.00 49.81 ? 380 HOH A O   1 
HETATM 1140 O O   . HOH D 4 .   ? -10.370 -8.574  -12.087 1.00 47.41 ? 381 HOH A O   1 
HETATM 1141 O O   . HOH D 4 .   ? 2.632   -3.449  12.010  1.00 20.88 ? 382 HOH A O   1 
HETATM 1142 O O   . HOH D 4 .   ? 15.129  -5.282  -1.616  1.00 14.78 ? 383 HOH A O   1 
HETATM 1143 O O   . HOH D 4 .   ? 12.849  -10.574 9.048   1.00 37.66 ? 384 HOH A O   1 
HETATM 1144 O O   . HOH D 4 .   ? 18.381  -3.827  -1.505  1.00 47.19 ? 385 HOH A O   1 
HETATM 1145 O O   . HOH D 4 .   ? -9.308  -11.738 -0.061  1.00 55.61 ? 386 HOH A O   1 
HETATM 1146 O O   . HOH D 4 .   ? -7.230  -13.915 -4.965  1.00 29.82 ? 387 HOH A O   1 
HETATM 1147 O O   . HOH D 4 .   ? -10.366 15.613  -6.507  1.00 46.52 ? 388 HOH A O   1 
HETATM 1148 O O   . HOH D 4 .   ? 10.667  -2.411  -12.802 1.00 19.07 ? 389 HOH A O   1 
HETATM 1149 O O   . HOH D 4 .   ? -16.524 -4.518  5.899   1.00 16.83 ? 390 HOH A O   1 
HETATM 1150 O O   . HOH D 4 .   ? -18.126 -8.738  0.971   1.00 52.27 ? 391 HOH A O   1 
HETATM 1151 O O   . HOH D 4 .   ? 17.450  8.292   4.881   1.00 50.75 ? 392 HOH A O   1 
HETATM 1152 O O   . HOH D 4 .   ? -15.307 -0.372  -12.562 1.00 46.14 ? 393 HOH A O   1 
HETATM 1153 O O   . HOH D 4 .   ? -13.152 -10.058 -6.673  1.00 35.93 ? 394 HOH A O   1 
HETATM 1154 O O   . HOH D 4 .   ? 6.489   0.566   -18.676 1.00 55.91 ? 395 HOH A O   1 
HETATM 1155 O O   . HOH D 4 .   ? 15.468  7.691   1.268   1.00 30.46 ? 396 HOH A O   1 
HETATM 1156 O O   . HOH D 4 .   ? -4.308  3.521   -10.741 1.00 42.09 ? 397 HOH A O   1 
HETATM 1157 O O   . HOH D 4 .   ? -5.785  -3.191  14.549  1.00 42.41 ? 398 HOH A O   1 
HETATM 1158 O O   . HOH D 4 .   ? -23.235 5.399   -2.507  1.00 33.07 ? 399 HOH A O   1 
HETATM 1159 O O   . HOH D 4 .   ? 3.223   10.142  -7.527  1.00 37.57 ? 400 HOH A O   1 
HETATM 1160 O O   . HOH D 4 .   ? -3.454  -6.116  -16.889 1.00 40.64 ? 401 HOH A O   1 
HETATM 1161 O O   . HOH D 4 .   ? -1.637  -14.020 1.138   1.00 42.41 ? 402 HOH A O   1 
HETATM 1162 O O   . HOH D 4 .   ? 14.331  3.795   11.793  1.00 30.65 ? 403 HOH A O   1 
HETATM 1163 O O   . HOH D 4 .   ? -0.424  9.151   -6.458  1.00 49.39 ? 404 HOH A O   1 
HETATM 1164 O O   . HOH D 4 .   ? 6.162   -16.198 -5.965  1.00 42.50 ? 405 HOH A O   1 
HETATM 1165 O O   . HOH D 4 .   ? 16.962  -5.971  0.011   1.00 39.63 ? 406 HOH A O   1 
HETATM 1166 O O   . HOH D 4 .   ? 1.484   -14.205 -5.881  1.00 48.22 ? 407 HOH A O   1 
HETATM 1167 O O   . HOH D 4 .   ? 26.834  0.605   -0.184  1.00 57.98 ? 408 HOH A O   1 
HETATM 1168 O O   . HOH D 4 .   ? -10.549 12.505  2.899   1.00 52.52 ? 409 HOH A O   1 
HETATM 1169 O O   . HOH D 4 .   ? 13.736  -7.625  11.301  1.00 41.81 ? 410 HOH A O   1 
HETATM 1170 O O   . HOH D 4 .   ? -2.197  -12.519 3.623   1.00 26.11 ? 411 HOH A O   1 
HETATM 1171 O O   . HOH D 4 .   ? -1.081  -3.340  -17.000 1.00 49.28 ? 412 HOH A O   1 
HETATM 1172 O O   . HOH D 4 .   ? -8.118  9.008   10.750  1.00 46.03 ? 413 HOH A O   1 
HETATM 1173 O O   . HOH D 4 .   ? -5.397  13.486  -6.942  1.00 58.63 ? 414 HOH A O   1 
HETATM 1174 O O   . HOH D 4 .   ? -11.851 15.249  3.008   1.00 47.40 ? 415 HOH A O   1 
# 
